data_8CFK
#
_entry.id   8CFK
#
_cell.length_a   75.570
_cell.length_b   132.390
_cell.length_c   98.850
_cell.angle_alpha   90.00
_cell.angle_beta   101.93
_cell.angle_gamma   90.00
#
_symmetry.space_group_name_H-M   'P 1 21 1'
#
loop_
_entity.id
_entity.type
_entity.pdbx_description
1 polymer Adenosylhomocysteinase
2 non-polymer NICOTINAMIDE-ADENINE-DINUCLEOTIDE
3 non-polymer ADENINE
4 non-polymer 'DIMETHYL SULFOXIDE'
5 non-polymer (3-endo)-8-benzyl-8-azabicyclo[3.2.1]octan-3-ol
6 non-polymer GLYCEROL
7 non-polymer 'POTASSIUM ION'
8 non-polymer 'PHOSPHATE ION'
9 water water
#
_entity_poly.entity_id   1
_entity_poly.type   'polypeptide(L)'
_entity_poly.pdbx_seq_one_letter_code
;SNAMSAVMTPAGFTDYKVADITLAAWGRRELIIAESEMPALMGLRRKYAGQQPLKGAKILGCIHMTIQTGVLIETLVALG
AEVRWSSCNIFSTQDQAAAAIAAAGIPVFAWKGETEEEYEWCIEQTILKDGQPWDANMVLDDGGDLTEILHKKYPQMLER
IHGITEETTTGVHRLLDMLKNGTLKVPAINVNDSVTKSKNDNKYGCRHSLNDAIKRGTDHLLSGKQALVIGYGDVGKGSS
QSLRQEGMIVKVAEVDPICAMQACMDGFEVVSPYKNGINDGTEASIDAALLGKIDLIVTTTGNVNVCDANMLKALKKRAV
VCNIGHFDNEIDTAFMRKNWAWEEVKPQVHKIHRTGKDGFDAHNDDYLILLAEGRLVNLGNATGHPSRIMDGSFANQVLA
QIHLFEQKYADLPAAEKAKRLSVEVLPKKLDEEVALEMVKGFGGVVTQLTPKQAEYIGVSVEGPFKPDTYRY
;
_entity_poly.pdbx_strand_id   A,B,C,D
#
loop_
_chem_comp.id
_chem_comp.type
_chem_comp.name
_chem_comp.formula
ADE non-polymer ADENINE 'C5 H5 N5'
DMS non-polymer 'DIMETHYL SULFOXIDE' 'C2 H6 O S'
GOL non-polymer GLYCEROL 'C3 H8 O3'
K non-polymer 'POTASSIUM ION' 'K 1'
NAD non-polymer NICOTINAMIDE-ADENINE-DINUCLEOTIDE 'C21 H27 N7 O14 P2'
PO4 non-polymer 'PHOSPHATE ION' 'O4 P -3'
R9V non-polymer (3-endo)-8-benzyl-8-azabicyclo[3.2.1]octan-3-ol 'C14 H19 N O'
#
# COMPACT_ATOMS: atom_id res chain seq x y z
N THR A 9 -16.46 4.62 -45.23
CA THR A 9 -16.38 3.22 -45.67
C THR A 9 -16.32 3.15 -47.20
N PRO A 10 -15.25 2.57 -47.75
CA PRO A 10 -15.14 2.46 -49.21
C PRO A 10 -16.34 1.72 -49.79
N ALA A 11 -16.77 2.17 -50.96
CA ALA A 11 -17.94 1.61 -51.63
C ALA A 11 -17.79 0.10 -51.79
N GLY A 12 -18.81 -0.63 -51.34
CA GLY A 12 -18.87 -2.07 -51.56
C GLY A 12 -17.87 -2.89 -50.79
N PHE A 13 -17.28 -2.35 -49.73
CA PHE A 13 -16.27 -3.09 -48.98
C PHE A 13 -16.87 -4.33 -48.32
N THR A 14 -16.25 -5.49 -48.57
CA THR A 14 -16.68 -6.76 -47.98
C THR A 14 -15.50 -7.58 -47.50
N ASP A 15 -14.28 -7.04 -47.55
CA ASP A 15 -13.05 -7.79 -47.29
C ASP A 15 -12.74 -7.77 -45.79
N TYR A 16 -13.63 -8.41 -45.02
CA TYR A 16 -13.51 -8.43 -43.57
C TYR A 16 -14.47 -9.48 -43.02
N LYS A 17 -14.31 -9.79 -41.75
CA LYS A 17 -15.29 -10.62 -41.05
C LYS A 17 -15.30 -10.27 -39.57
N VAL A 18 -16.42 -9.73 -39.08
CA VAL A 18 -16.54 -9.29 -37.70
C VAL A 18 -17.90 -9.76 -37.16
N ALA A 19 -18.12 -9.56 -35.85
CA ALA A 19 -19.33 -10.05 -35.22
C ALA A 19 -20.56 -9.23 -35.60
N ASP A 20 -20.42 -7.91 -35.66
CA ASP A 20 -21.59 -7.03 -35.71
C ASP A 20 -21.11 -5.66 -36.20
N ILE A 21 -21.30 -5.41 -37.50
CA ILE A 21 -20.84 -4.13 -38.06
C ILE A 21 -21.57 -2.94 -37.45
N THR A 22 -22.77 -3.13 -36.86
CA THR A 22 -23.51 -2.00 -36.32
C THR A 22 -22.84 -1.41 -35.08
N LEU A 23 -21.86 -2.11 -34.52
CA LEU A 23 -21.08 -1.60 -33.39
C LEU A 23 -20.03 -0.57 -33.81
N ALA A 24 -19.93 -0.25 -35.11
CA ALA A 24 -18.83 0.57 -35.61
C ALA A 24 -18.84 1.98 -35.02
N ALA A 25 -20.02 2.59 -34.90
CA ALA A 25 -20.08 3.95 -34.39
C ALA A 25 -19.61 4.00 -32.94
N TRP A 26 -20.02 3.03 -32.13
CA TRP A 26 -19.54 2.91 -30.75
C TRP A 26 -18.03 2.74 -30.71
N GLY A 27 -17.52 1.82 -31.53
CA GLY A 27 -16.08 1.65 -31.61
C GLY A 27 -15.35 2.92 -31.97
N ARG A 28 -15.86 3.66 -32.96
CA ARG A 28 -15.22 4.92 -33.33
C ARG A 28 -15.24 5.93 -32.18
N ARG A 29 -16.34 6.00 -31.40
CA ARG A 29 -16.34 6.89 -30.24
C ARG A 29 -15.23 6.52 -29.26
N GLU A 30 -15.05 5.22 -28.99
CA GLU A 30 -14.02 4.80 -28.05
C GLU A 30 -12.61 4.96 -28.64
N LEU A 31 -12.47 4.85 -29.97
CA LEU A 31 -11.18 5.13 -30.59
C LEU A 31 -10.79 6.59 -30.41
N ILE A 32 -11.77 7.49 -30.54
CA ILE A 32 -11.50 8.91 -30.37
C ILE A 32 -11.08 9.20 -28.93
N ILE A 33 -11.72 8.55 -27.96
CA ILE A 33 -11.27 8.67 -26.57
C ILE A 33 -9.85 8.10 -26.41
N ALA A 34 -9.58 6.95 -27.03
CA ALA A 34 -8.27 6.32 -26.85
C ALA A 34 -7.15 7.16 -27.47
N GLU A 35 -7.41 7.84 -28.58
CA GLU A 35 -6.40 8.73 -29.13
C GLU A 35 -5.91 9.74 -28.08
N SER A 36 -6.83 10.24 -27.25
CA SER A 36 -6.45 11.19 -26.22
C SER A 36 -5.72 10.53 -25.05
N GLU A 37 -5.81 9.20 -24.92
CA GLU A 37 -5.06 8.48 -23.90
C GLU A 37 -3.73 7.93 -24.42
N MET A 38 -3.40 8.12 -25.69
CA MET A 38 -2.19 7.53 -26.27
C MET A 38 -1.32 8.60 -26.92
N PRO A 39 -0.67 9.44 -26.12
CA PRO A 39 0.10 10.56 -26.69
C PRO A 39 1.38 10.15 -27.39
N ALA A 40 2.04 9.06 -26.98
CA ALA A 40 3.24 8.66 -27.71
C ALA A 40 2.89 8.20 -29.11
N LEU A 41 1.82 7.42 -29.24
CA LEU A 41 1.37 6.91 -30.52
C LEU A 41 0.85 8.04 -31.40
N MET A 42 -0.02 8.89 -30.84
N MET A 42 0.00 8.90 -30.86
CA MET A 42 -0.51 10.07 -31.56
CA MET A 42 -0.50 10.02 -31.67
C MET A 42 0.64 10.95 -32.00
C MET A 42 0.61 11.02 -31.99
N GLY A 43 1.63 11.13 -31.13
CA GLY A 43 2.77 11.98 -31.48
C GLY A 43 3.55 11.45 -32.66
N LEU A 44 3.67 10.12 -32.78
CA LEU A 44 4.28 9.56 -33.98
C LEU A 44 3.40 9.79 -35.20
N ARG A 45 2.09 9.66 -35.03
CA ARG A 45 1.17 10.01 -36.11
C ARG A 45 1.41 11.43 -36.60
N ARG A 46 1.50 12.38 -35.68
CA ARG A 46 1.70 13.78 -36.07
C ARG A 46 3.08 13.99 -36.70
N LYS A 47 4.10 13.35 -36.15
CA LYS A 47 5.46 13.61 -36.61
C LYS A 47 5.71 13.01 -38.00
N TYR A 48 5.18 11.82 -38.27
CA TYR A 48 5.57 11.08 -39.45
C TYR A 48 4.53 11.08 -40.57
N ALA A 49 3.32 11.57 -40.33
CA ALA A 49 2.27 11.49 -41.35
C ALA A 49 2.71 12.19 -42.65
N GLY A 50 3.25 13.40 -42.55
CA GLY A 50 3.65 14.10 -43.75
C GLY A 50 4.72 13.36 -44.53
N GLN A 51 5.63 12.70 -43.81
CA GLN A 51 6.76 12.01 -44.42
C GLN A 51 6.40 10.61 -44.94
N GLN A 52 5.29 10.02 -44.50
CA GLN A 52 4.80 8.75 -45.03
C GLN A 52 5.83 7.62 -45.00
N PRO A 53 6.44 7.34 -43.85
CA PRO A 53 7.56 6.37 -43.83
C PRO A 53 7.14 4.94 -44.14
N LEU A 54 5.86 4.62 -44.11
CA LEU A 54 5.38 3.27 -44.38
C LEU A 54 4.67 3.17 -45.72
N LYS A 55 4.81 4.18 -46.58
CA LYS A 55 4.29 4.08 -47.94
C LYS A 55 4.91 2.87 -48.62
N GLY A 56 4.06 2.00 -49.16
CA GLY A 56 4.50 0.77 -49.78
C GLY A 56 4.55 -0.43 -48.85
N ALA A 57 4.47 -0.21 -47.54
CA ALA A 57 4.45 -1.31 -46.60
C ALA A 57 3.10 -2.01 -46.67
N LYS A 58 3.14 -3.34 -46.61
CA LYS A 58 1.94 -4.16 -46.63
C LYS A 58 2.09 -5.12 -45.45
N ILE A 59 1.40 -4.79 -44.36
CA ILE A 59 1.65 -5.38 -43.05
C ILE A 59 0.57 -6.42 -42.76
N LEU A 60 1.00 -7.65 -42.53
CA LEU A 60 0.16 -8.66 -41.89
C LEU A 60 0.25 -8.50 -40.38
N GLY A 61 -0.90 -8.27 -39.73
CA GLY A 61 -0.92 -8.05 -38.29
C GLY A 61 -1.73 -9.10 -37.56
N CYS A 62 -1.20 -9.62 -36.45
CA CYS A 62 -1.92 -10.63 -35.66
C CYS A 62 -1.73 -10.22 -34.20
N ILE A 63 -2.70 -9.48 -33.66
CA ILE A 63 -2.65 -9.08 -32.26
C ILE A 63 -4.06 -8.72 -31.83
N HIS A 64 -4.42 -9.12 -30.60
CA HIS A 64 -5.71 -8.85 -29.98
C HIS A 64 -6.45 -7.65 -30.58
N MET A 65 -7.63 -7.85 -31.14
CA MET A 65 -8.34 -6.79 -31.87
C MET A 65 -9.15 -5.93 -30.89
N THR A 66 -8.42 -5.14 -30.12
CA THR A 66 -8.97 -4.23 -29.12
C THR A 66 -9.02 -2.81 -29.66
N ILE A 67 -9.64 -1.93 -28.88
CA ILE A 67 -9.61 -0.51 -29.19
C ILE A 67 -8.17 -0.02 -29.28
N GLN A 68 -7.30 -0.51 -28.40
CA GLN A 68 -5.91 -0.05 -28.43
C GLN A 68 -5.21 -0.47 -29.72
N THR A 69 -5.42 -1.72 -30.14
CA THR A 69 -4.90 -2.15 -31.43
C THR A 69 -5.49 -1.34 -32.58
N GLY A 70 -6.75 -0.91 -32.44
CA GLY A 70 -7.34 -0.06 -33.46
C GLY A 70 -6.56 1.22 -33.65
N VAL A 71 -6.14 1.85 -32.55
CA VAL A 71 -5.34 3.07 -32.69
C VAL A 71 -3.99 2.77 -33.33
N LEU A 72 -3.40 1.62 -33.01
CA LEU A 72 -2.13 1.21 -33.63
C LEU A 72 -2.31 0.99 -35.13
N ILE A 73 -3.37 0.28 -35.50
CA ILE A 73 -3.67 0.03 -36.91
C ILE A 73 -3.82 1.34 -37.67
N GLU A 74 -4.62 2.27 -37.14
CA GLU A 74 -4.84 3.50 -37.90
C GLU A 74 -3.60 4.40 -37.91
N THR A 75 -2.70 4.25 -36.94
CA THR A 75 -1.43 4.94 -37.01
C THR A 75 -0.57 4.39 -38.15
N LEU A 76 -0.47 3.06 -38.25
CA LEU A 76 0.28 2.47 -39.35
C LEU A 76 -0.28 2.93 -40.68
N VAL A 77 -1.63 2.95 -40.81
CA VAL A 77 -2.26 3.38 -42.05
C VAL A 77 -1.99 4.85 -42.29
N ALA A 78 -2.05 5.68 -41.24
CA ALA A 78 -1.80 7.11 -41.43
C ALA A 78 -0.39 7.38 -41.89
N LEU A 79 0.55 6.48 -41.61
CA LEU A 79 1.93 6.65 -42.05
C LEU A 79 2.20 6.01 -43.40
N GLY A 80 1.17 5.46 -44.04
CA GLY A 80 1.24 5.02 -45.43
C GLY A 80 1.01 3.54 -45.64
N ALA A 81 0.92 2.73 -44.58
CA ALA A 81 0.83 1.29 -44.72
C ALA A 81 -0.53 0.83 -45.20
N GLU A 82 -0.55 -0.32 -45.87
CA GLU A 82 -1.74 -1.16 -46.00
C GLU A 82 -1.59 -2.30 -45.00
N VAL A 83 -2.72 -2.77 -44.45
CA VAL A 83 -2.68 -3.85 -43.47
C VAL A 83 -3.81 -4.84 -43.73
N ARG A 84 -3.61 -6.08 -43.25
CA ARG A 84 -4.66 -7.09 -43.14
C ARG A 84 -4.50 -7.72 -41.76
N TRP A 85 -5.57 -7.73 -40.96
CA TRP A 85 -5.46 -7.92 -39.51
C TRP A 85 -6.29 -9.07 -38.98
N SER A 86 -5.76 -9.73 -37.95
CA SER A 86 -6.50 -10.74 -37.20
C SER A 86 -6.12 -10.58 -35.73
N SER A 87 -6.90 -11.24 -34.86
CA SER A 87 -6.55 -11.28 -33.46
C SER A 87 -5.61 -12.46 -33.20
N CYS A 88 -4.82 -12.37 -32.13
CA CYS A 88 -3.98 -13.50 -31.74
C CYS A 88 -4.60 -14.32 -30.62
N ASN A 89 -5.90 -14.15 -30.36
CA ASN A 89 -6.54 -14.99 -29.33
C ASN A 89 -8.03 -15.07 -29.60
N ILE A 90 -8.62 -16.24 -29.32
CA ILE A 90 -10.02 -16.43 -29.68
C ILE A 90 -10.98 -15.56 -28.87
N PHE A 91 -10.57 -15.03 -27.71
CA PHE A 91 -11.50 -14.30 -26.81
C PHE A 91 -11.13 -12.84 -26.60
N SER A 92 -10.06 -12.34 -27.23
CA SER A 92 -9.54 -11.04 -26.85
C SER A 92 -10.10 -9.89 -27.68
N THR A 93 -10.77 -10.17 -28.79
CA THR A 93 -11.31 -9.11 -29.62
C THR A 93 -12.40 -8.35 -28.86
N GLN A 94 -12.37 -7.03 -28.97
CA GLN A 94 -13.52 -6.19 -28.63
C GLN A 94 -14.31 -5.96 -29.92
N ASP A 95 -15.56 -6.41 -29.96
CA ASP A 95 -16.24 -6.45 -31.24
C ASP A 95 -16.49 -5.05 -31.77
N GLN A 96 -16.63 -4.06 -30.88
CA GLN A 96 -16.84 -2.71 -31.40
C GLN A 96 -15.57 -2.14 -32.02
N ALA A 97 -14.40 -2.63 -31.60
CA ALA A 97 -13.16 -2.18 -32.21
C ALA A 97 -12.99 -2.80 -33.58
N ALA A 98 -13.25 -4.11 -33.70
CA ALA A 98 -13.20 -4.76 -35.00
C ALA A 98 -14.18 -4.13 -35.97
N ALA A 99 -15.40 -3.82 -35.51
CA ALA A 99 -16.38 -3.20 -36.38
C ALA A 99 -15.90 -1.84 -36.87
N ALA A 100 -15.30 -1.02 -36.00
CA ALA A 100 -14.89 0.31 -36.43
C ALA A 100 -13.75 0.24 -37.46
N ILE A 101 -12.85 -0.73 -37.29
CA ILE A 101 -11.76 -0.89 -38.24
C ILE A 101 -12.29 -1.38 -39.58
N ALA A 102 -13.20 -2.35 -39.57
CA ALA A 102 -13.83 -2.81 -40.80
C ALA A 102 -14.57 -1.68 -41.49
N ALA A 103 -15.34 -0.91 -40.73
CA ALA A 103 -16.10 0.20 -41.32
C ALA A 103 -15.20 1.27 -41.90
N ALA A 104 -13.94 1.32 -41.50
CA ALA A 104 -12.97 2.24 -42.09
C ALA A 104 -12.35 1.69 -43.36
N GLY A 105 -12.76 0.51 -43.83
CA GLY A 105 -12.20 -0.02 -45.05
C GLY A 105 -10.90 -0.76 -44.85
N ILE A 106 -10.65 -1.24 -43.65
CA ILE A 106 -9.42 -1.96 -43.32
C ILE A 106 -9.76 -3.43 -43.16
N PRO A 107 -9.13 -4.34 -43.89
CA PRO A 107 -9.44 -5.76 -43.76
C PRO A 107 -9.10 -6.28 -42.37
N VAL A 108 -10.11 -6.77 -41.66
CA VAL A 108 -9.94 -7.34 -40.33
C VAL A 108 -10.83 -8.57 -40.21
N PHE A 109 -10.29 -9.63 -39.60
CA PHE A 109 -11.01 -10.89 -39.43
C PHE A 109 -10.85 -11.28 -37.96
N ALA A 110 -11.87 -10.97 -37.16
CA ALA A 110 -11.75 -11.01 -35.71
C ALA A 110 -13.10 -10.84 -35.03
N TRP A 111 -13.40 -11.70 -34.07
CA TRP A 111 -14.57 -11.53 -33.23
C TRP A 111 -14.30 -12.21 -31.90
N LYS A 112 -15.01 -11.76 -30.88
CA LYS A 112 -14.87 -12.38 -29.57
C LYS A 112 -15.61 -13.71 -29.56
N GLY A 113 -14.91 -14.76 -29.14
CA GLY A 113 -15.52 -16.08 -29.05
C GLY A 113 -15.34 -16.94 -30.28
N GLU A 114 -14.23 -16.81 -30.99
CA GLU A 114 -13.93 -17.70 -32.11
C GLU A 114 -13.70 -19.11 -31.62
N THR A 115 -13.99 -20.08 -32.50
CA THR A 115 -13.48 -21.42 -32.28
C THR A 115 -12.03 -21.49 -32.74
N GLU A 116 -11.34 -22.58 -32.36
CA GLU A 116 -9.95 -22.73 -32.81
C GLU A 116 -9.87 -22.80 -34.33
N GLU A 117 -10.84 -23.47 -34.97
CA GLU A 117 -10.86 -23.52 -36.43
C GLU A 117 -11.06 -22.13 -37.03
N GLU A 118 -12.00 -21.36 -36.48
CA GLU A 118 -12.22 -20.00 -36.98
C GLU A 118 -11.00 -19.12 -36.76
N TYR A 119 -10.28 -19.35 -35.66
CA TYR A 119 -9.07 -18.59 -35.37
C TYR A 119 -8.03 -18.77 -36.46
N GLU A 120 -7.82 -20.01 -36.90
CA GLU A 120 -6.87 -20.24 -37.98
C GLU A 120 -7.38 -19.67 -39.31
N TRP A 121 -8.68 -19.81 -39.55
CA TRP A 121 -9.29 -19.26 -40.77
C TRP A 121 -9.09 -17.76 -40.84
N CYS A 122 -9.20 -17.07 -39.69
CA CYS A 122 -9.02 -15.62 -39.68
C CYS A 122 -7.59 -15.24 -40.07
N ILE A 123 -6.59 -15.94 -39.52
CA ILE A 123 -5.22 -15.62 -39.91
C ILE A 123 -5.03 -15.85 -41.40
N GLU A 124 -5.57 -16.95 -41.89
CA GLU A 124 -5.44 -17.28 -43.33
C GLU A 124 -6.12 -16.21 -44.19
N GLN A 125 -7.17 -15.58 -43.69
CA GLN A 125 -7.79 -14.52 -44.47
C GLN A 125 -6.90 -13.28 -44.57
N THR A 126 -6.04 -13.04 -43.57
CA THR A 126 -5.07 -11.97 -43.72
C THR A 126 -4.01 -12.34 -44.75
N ILE A 127 -3.59 -13.60 -44.74
CA ILE A 127 -2.50 -14.05 -45.61
C ILE A 127 -2.95 -14.10 -47.06
N LEU A 128 -4.17 -14.55 -47.32
CA LEU A 128 -4.71 -14.68 -48.67
C LEU A 128 -5.57 -13.47 -49.01
N LYS A 129 -5.40 -12.94 -50.22
CA LYS A 129 -6.33 -11.96 -50.76
C LYS A 129 -6.86 -12.48 -52.09
N ASP A 130 -8.18 -12.59 -52.19
CA ASP A 130 -8.84 -13.10 -53.38
C ASP A 130 -8.32 -14.49 -53.75
N GLY A 131 -8.05 -15.30 -52.74
CA GLY A 131 -7.67 -16.69 -52.93
C GLY A 131 -6.19 -16.95 -53.13
N GLN A 132 -5.37 -15.92 -53.19
CA GLN A 132 -3.94 -16.04 -53.47
C GLN A 132 -3.16 -15.30 -52.41
N PRO A 133 -1.90 -15.64 -52.19
CA PRO A 133 -1.09 -14.90 -51.22
C PRO A 133 -1.08 -13.41 -51.52
N TRP A 134 -1.35 -12.62 -50.49
CA TRP A 134 -1.19 -11.18 -50.56
C TRP A 134 0.29 -10.85 -50.70
N ASP A 135 0.60 -9.74 -51.39
CA ASP A 135 2.00 -9.35 -51.55
C ASP A 135 2.49 -8.60 -50.30
N ALA A 136 2.39 -9.30 -49.17
CA ALA A 136 2.85 -8.78 -47.89
C ALA A 136 4.36 -8.54 -47.90
N ASN A 137 4.80 -7.54 -47.13
CA ASN A 137 6.23 -7.31 -46.98
C ASN A 137 6.60 -6.94 -45.55
N MET A 138 5.66 -6.99 -44.60
CA MET A 138 5.94 -6.82 -43.18
C MET A 138 4.98 -7.68 -42.36
N VAL A 139 5.40 -7.99 -41.15
CA VAL A 139 4.65 -8.81 -40.21
C VAL A 139 4.69 -8.13 -38.86
N LEU A 140 3.52 -7.99 -38.22
CA LEU A 140 3.44 -7.58 -36.82
C LEU A 140 2.72 -8.70 -36.09
N ASP A 141 3.34 -9.23 -35.03
CA ASP A 141 2.83 -10.45 -34.42
C ASP A 141 2.85 -10.30 -32.91
N ASP A 142 1.98 -11.07 -32.25
CA ASP A 142 1.89 -11.06 -30.79
C ASP A 142 1.71 -12.53 -30.40
N GLY A 143 2.81 -13.19 -30.06
CA GLY A 143 2.79 -14.58 -29.64
C GLY A 143 3.37 -15.57 -30.65
N GLY A 144 3.55 -15.16 -31.90
CA GLY A 144 4.27 -15.99 -32.86
C GLY A 144 3.41 -16.93 -33.71
N ASP A 145 2.08 -16.85 -33.61
CA ASP A 145 1.24 -17.77 -34.39
C ASP A 145 1.26 -17.42 -35.87
N LEU A 146 1.20 -16.12 -36.20
CA LEU A 146 1.27 -15.71 -37.60
C LEU A 146 2.64 -16.01 -38.17
N THR A 147 3.70 -15.71 -37.41
CA THR A 147 5.06 -16.05 -37.83
C THR A 147 5.18 -17.55 -38.13
N GLU A 148 4.57 -18.40 -37.30
CA GLU A 148 4.68 -19.84 -37.48
C GLU A 148 3.98 -20.28 -38.76
N ILE A 149 2.76 -19.81 -38.98
CA ILE A 149 2.01 -20.19 -40.17
C ILE A 149 2.75 -19.76 -41.44
N LEU A 150 3.29 -18.55 -41.45
CA LEU A 150 4.07 -18.12 -42.61
C LEU A 150 5.26 -19.02 -42.85
N HIS A 151 6.02 -19.32 -41.78
CA HIS A 151 7.21 -20.15 -41.97
C HIS A 151 6.84 -21.56 -42.38
N LYS A 152 5.76 -22.11 -41.79
CA LYS A 152 5.49 -23.52 -42.01
C LYS A 152 4.64 -23.77 -43.26
N LYS A 153 3.67 -22.91 -43.54
CA LYS A 153 2.71 -23.17 -44.61
C LYS A 153 2.86 -22.26 -45.82
N TYR A 154 3.42 -21.05 -45.65
CA TYR A 154 3.60 -20.12 -46.77
C TYR A 154 5.04 -19.62 -46.85
N PRO A 155 6.04 -20.52 -46.85
CA PRO A 155 7.43 -20.04 -46.78
C PRO A 155 7.82 -19.12 -47.93
N GLN A 156 7.27 -19.32 -49.14
CA GLN A 156 7.61 -18.44 -50.25
C GLN A 156 7.21 -16.99 -49.98
N MET A 157 6.16 -16.76 -49.18
CA MET A 157 5.79 -15.37 -48.88
C MET A 157 6.91 -14.64 -48.13
N LEU A 158 7.68 -15.37 -47.33
CA LEU A 158 8.73 -14.72 -46.56
C LEU A 158 9.88 -14.25 -47.44
N GLU A 159 9.96 -14.70 -48.69
CA GLU A 159 10.95 -14.16 -49.61
C GLU A 159 10.76 -12.67 -49.85
N ARG A 160 9.55 -12.14 -49.65
CA ARG A 160 9.29 -10.73 -49.91
C ARG A 160 9.17 -9.90 -48.64
N ILE A 161 9.26 -10.51 -47.47
CA ILE A 161 8.97 -9.84 -46.22
C ILE A 161 10.27 -9.31 -45.62
N HIS A 162 10.25 -8.03 -45.20
CA HIS A 162 11.45 -7.37 -44.70
C HIS A 162 11.68 -7.58 -43.20
N GLY A 163 10.67 -8.01 -42.45
CA GLY A 163 10.91 -8.18 -41.03
C GLY A 163 9.64 -8.48 -40.28
N ILE A 164 9.84 -8.92 -39.03
CA ILE A 164 8.79 -9.22 -38.06
C ILE A 164 9.00 -8.32 -36.84
N THR A 165 7.92 -7.71 -36.35
CA THR A 165 7.98 -6.98 -35.08
C THR A 165 7.08 -7.72 -34.09
N GLU A 166 7.70 -8.33 -33.07
CA GLU A 166 7.02 -9.27 -32.16
C GLU A 166 6.78 -8.62 -30.80
N GLU A 167 5.52 -8.69 -30.34
CA GLU A 167 5.03 -7.96 -29.18
C GLU A 167 5.45 -8.56 -27.84
N THR A 168 5.45 -9.89 -27.69
CA THR A 168 5.32 -10.43 -26.34
C THR A 168 6.39 -11.47 -26.04
N THR A 169 6.60 -11.68 -24.74
CA THR A 169 7.66 -12.56 -24.24
C THR A 169 7.63 -13.93 -24.92
N THR A 170 6.46 -14.56 -24.97
CA THR A 170 6.36 -15.90 -25.54
C THR A 170 6.73 -15.89 -27.03
N GLY A 171 6.30 -14.86 -27.76
CA GLY A 171 6.64 -14.77 -29.16
C GLY A 171 8.13 -14.62 -29.38
N VAL A 172 8.78 -13.77 -28.58
CA VAL A 172 10.24 -13.62 -28.70
C VAL A 172 10.95 -14.93 -28.42
N HIS A 173 10.52 -15.63 -27.37
CA HIS A 173 11.12 -16.93 -27.07
C HIS A 173 11.09 -17.85 -28.29
N ARG A 174 9.96 -17.90 -28.99
CA ARG A 174 9.83 -18.73 -30.18
C ARG A 174 10.75 -18.25 -31.30
N LEU A 175 10.89 -16.94 -31.48
CA LEU A 175 11.79 -16.40 -32.49
C LEU A 175 13.24 -16.77 -32.19
N LEU A 176 13.66 -16.62 -30.92
CA LEU A 176 15.03 -16.99 -30.57
C LEU A 176 15.29 -18.47 -30.77
N ASP A 177 14.28 -19.31 -30.54
CA ASP A 177 14.44 -20.73 -30.84
CA ASP A 177 14.46 -20.72 -30.84
C ASP A 177 14.67 -20.96 -32.33
N MET A 178 13.91 -20.26 -33.17
CA MET A 178 14.10 -20.40 -34.62
C MET A 178 15.45 -19.87 -35.05
N LEU A 179 15.88 -18.75 -34.45
CA LEU A 179 17.18 -18.19 -34.81
C LEU A 179 18.30 -19.16 -34.45
N LYS A 180 18.22 -19.74 -33.26
CA LYS A 180 19.22 -20.71 -32.84
C LYS A 180 19.21 -21.95 -33.74
N ASN A 181 18.04 -22.37 -34.21
CA ASN A 181 17.97 -23.54 -35.07
C ASN A 181 18.14 -23.21 -36.55
N GLY A 182 18.39 -21.95 -36.90
CA GLY A 182 18.57 -21.61 -38.29
C GLY A 182 17.31 -21.66 -39.13
N THR A 183 16.12 -21.56 -38.51
CA THR A 183 14.86 -21.63 -39.27
C THR A 183 14.17 -20.28 -39.44
N LEU A 184 14.62 -19.24 -38.75
CA LEU A 184 14.07 -17.90 -38.96
C LEU A 184 14.49 -17.37 -40.32
N LYS A 185 13.49 -16.96 -41.14
CA LYS A 185 13.74 -16.55 -42.53
C LYS A 185 13.93 -15.04 -42.71
N VAL A 186 13.49 -14.22 -41.75
CA VAL A 186 13.57 -12.77 -41.87
C VAL A 186 13.95 -12.18 -40.52
N PRO A 187 14.57 -11.00 -40.53
CA PRO A 187 14.96 -10.37 -39.26
C PRO A 187 13.75 -9.96 -38.45
N ALA A 188 13.96 -9.79 -37.14
CA ALA A 188 12.86 -9.39 -36.27
C ALA A 188 13.34 -8.37 -35.25
N ILE A 189 12.40 -7.56 -34.76
CA ILE A 189 12.64 -6.70 -33.62
C ILE A 189 11.83 -7.24 -32.44
N ASN A 190 12.52 -7.48 -31.34
CA ASN A 190 11.92 -7.85 -30.07
C ASN A 190 11.35 -6.57 -29.45
N VAL A 191 10.05 -6.33 -29.67
CA VAL A 191 9.41 -5.15 -29.11
C VAL A 191 9.19 -5.34 -27.61
N ASN A 192 9.04 -6.59 -27.16
CA ASN A 192 8.75 -6.84 -25.75
C ASN A 192 9.78 -6.22 -24.82
N ASP A 193 11.06 -6.27 -25.19
CA ASP A 193 12.11 -5.89 -24.26
C ASP A 193 12.50 -4.41 -24.30
N SER A 194 11.74 -3.55 -24.99
CA SER A 194 11.83 -2.13 -24.65
C SER A 194 11.37 -1.96 -23.21
N VAL A 195 12.00 -1.03 -22.48
CA VAL A 195 11.57 -0.85 -21.10
C VAL A 195 10.15 -0.29 -21.06
N THR A 196 9.83 0.59 -22.00
CA THR A 196 8.47 1.13 -22.12
C THR A 196 7.48 0.11 -22.63
N LYS A 197 7.93 -1.13 -22.83
CA LYS A 197 7.03 -2.24 -23.10
C LYS A 197 7.06 -3.20 -21.91
N SER A 198 8.11 -4.01 -21.81
CA SER A 198 8.20 -5.03 -20.76
C SER A 198 7.92 -4.51 -19.37
N LYS A 199 8.46 -3.34 -19.01
CA LYS A 199 8.33 -2.86 -17.63
C LYS A 199 7.21 -1.86 -17.49
N ASN A 200 6.29 -1.85 -18.44
CA ASN A 200 5.13 -0.99 -18.46
C ASN A 200 3.92 -1.88 -18.70
N ASP A 201 3.77 -2.30 -19.95
CA ASP A 201 2.73 -3.24 -20.38
C ASP A 201 2.71 -4.51 -19.52
N ASN A 202 3.81 -5.29 -19.53
CA ASN A 202 3.73 -6.62 -18.91
C ASN A 202 3.37 -6.53 -17.43
N LYS A 203 3.94 -5.55 -16.73
CA LYS A 203 3.77 -5.40 -15.28
C LYS A 203 2.53 -4.56 -14.95
N TYR A 204 2.58 -3.26 -15.27
CA TYR A 204 1.48 -2.37 -14.88
C TYR A 204 0.20 -2.69 -15.64
N GLY A 205 0.30 -3.16 -16.88
CA GLY A 205 -0.89 -3.59 -17.58
C GLY A 205 -1.65 -4.67 -16.83
N CYS A 206 -0.92 -5.70 -16.37
CA CYS A 206 -1.59 -6.76 -15.63
C CYS A 206 -2.05 -6.27 -14.26
N ARG A 207 -1.35 -5.30 -13.67
N ARG A 207 -1.36 -5.30 -13.68
CA ARG A 207 -1.83 -4.71 -12.42
CA ARG A 207 -1.84 -4.73 -12.42
C ARG A 207 -3.21 -4.09 -12.61
C ARG A 207 -3.21 -4.09 -12.61
N HIS A 208 -3.39 -3.37 -13.72
CA HIS A 208 -4.69 -2.75 -13.98
C HIS A 208 -5.75 -3.79 -14.32
N SER A 209 -5.40 -4.77 -15.15
CA SER A 209 -6.44 -5.54 -15.82
C SER A 209 -6.73 -6.91 -15.20
N LEU A 210 -5.87 -7.44 -14.31
CA LEU A 210 -6.17 -8.74 -13.72
C LEU A 210 -7.37 -8.66 -12.78
N ASN A 211 -7.31 -7.79 -11.75
CA ASN A 211 -8.45 -7.71 -10.85
CA ASN A 211 -8.44 -7.66 -10.84
C ASN A 211 -9.68 -7.21 -11.59
N ASP A 212 -9.50 -6.41 -12.66
CA ASP A 212 -10.61 -5.98 -13.51
C ASP A 212 -11.34 -7.18 -14.12
N ALA A 213 -10.58 -8.12 -14.68
CA ALA A 213 -11.21 -9.29 -15.30
C ALA A 213 -11.88 -10.18 -14.26
N ILE A 214 -11.25 -10.39 -13.10
CA ILE A 214 -11.86 -11.24 -12.09
C ILE A 214 -13.17 -10.63 -11.59
N LYS A 215 -13.20 -9.31 -11.43
CA LYS A 215 -14.42 -8.63 -10.99
C LYS A 215 -15.52 -8.76 -12.03
N ARG A 216 -15.20 -8.55 -13.31
CA ARG A 216 -16.22 -8.65 -14.34
C ARG A 216 -16.76 -10.07 -14.44
N GLY A 217 -15.89 -11.07 -14.31
CA GLY A 217 -16.30 -12.44 -14.48
C GLY A 217 -17.11 -13.01 -13.32
N THR A 218 -16.71 -12.68 -12.09
CA THR A 218 -17.30 -13.28 -10.89
C THR A 218 -17.96 -12.28 -9.95
N ASP A 219 -17.57 -11.01 -10.01
CA ASP A 219 -17.95 -10.00 -9.01
C ASP A 219 -17.60 -10.44 -7.58
N HIS A 220 -16.57 -11.29 -7.44
CA HIS A 220 -16.12 -11.73 -6.12
C HIS A 220 -15.39 -10.61 -5.39
N LEU A 221 -15.74 -10.39 -4.12
CA LEU A 221 -14.83 -9.69 -3.22
C LEU A 221 -13.47 -10.38 -3.24
N LEU A 222 -12.41 -9.57 -3.35
CA LEU A 222 -11.06 -10.12 -3.27
C LEU A 222 -10.41 -9.92 -1.92
N SER A 223 -10.71 -8.80 -1.23
CA SER A 223 -10.11 -8.51 0.06
C SER A 223 -10.32 -9.66 1.05
N GLY A 224 -9.25 -10.01 1.76
CA GLY A 224 -9.34 -11.00 2.84
C GLY A 224 -9.22 -12.45 2.38
N LYS A 225 -9.24 -12.70 1.09
CA LYS A 225 -9.14 -14.06 0.57
C LYS A 225 -7.69 -14.39 0.20
N GLN A 226 -7.42 -15.68 -0.01
CA GLN A 226 -6.07 -16.17 -0.28
C GLN A 226 -5.89 -16.38 -1.77
N ALA A 227 -4.77 -15.86 -2.31
CA ALA A 227 -4.44 -16.06 -3.70
C ALA A 227 -3.09 -16.75 -3.81
N LEU A 228 -2.90 -17.50 -4.89
CA LEU A 228 -1.62 -18.09 -5.25
C LEU A 228 -1.30 -17.62 -6.66
N VAL A 229 -0.23 -16.85 -6.81
CA VAL A 229 0.26 -16.43 -8.11
C VAL A 229 1.45 -17.32 -8.46
N ILE A 230 1.33 -18.05 -9.56
CA ILE A 230 2.39 -18.92 -10.06
C ILE A 230 3.25 -18.07 -11.01
N GLY A 231 4.43 -17.71 -10.58
CA GLY A 231 5.30 -16.88 -11.39
C GLY A 231 5.47 -15.49 -10.80
N TYR A 232 6.66 -14.92 -10.98
CA TYR A 232 6.93 -13.57 -10.49
C TYR A 232 7.91 -12.87 -11.42
N GLY A 233 7.75 -13.08 -12.73
CA GLY A 233 8.36 -12.23 -13.74
C GLY A 233 7.62 -10.91 -13.83
N ASP A 234 7.65 -10.29 -15.00
CA ASP A 234 6.95 -9.01 -15.11
C ASP A 234 5.44 -9.19 -14.95
N VAL A 235 4.86 -10.19 -15.60
CA VAL A 235 3.42 -10.44 -15.47
C VAL A 235 3.08 -10.90 -14.06
N GLY A 236 3.90 -11.77 -13.46
CA GLY A 236 3.65 -12.19 -12.08
C GLY A 236 3.75 -11.04 -11.08
N LYS A 237 4.71 -10.15 -11.29
CA LYS A 237 4.85 -8.98 -10.44
C LYS A 237 3.58 -8.12 -10.51
N GLY A 238 3.14 -7.78 -11.72
CA GLY A 238 1.94 -6.96 -11.84
C GLY A 238 0.68 -7.66 -11.35
N SER A 239 0.55 -8.95 -11.65
CA SER A 239 -0.59 -9.71 -11.18
C SER A 239 -0.65 -9.76 -9.66
N SER A 240 0.50 -10.01 -9.02
CA SER A 240 0.52 -10.08 -7.56
C SER A 240 0.12 -8.75 -6.95
N GLN A 241 0.54 -7.64 -7.58
CA GLN A 241 0.15 -6.33 -7.06
C GLN A 241 -1.33 -6.06 -7.31
N SER A 242 -1.85 -6.43 -8.49
CA SER A 242 -3.28 -6.30 -8.76
C SER A 242 -4.13 -6.87 -7.63
N LEU A 243 -3.71 -8.01 -7.08
CA LEU A 243 -4.46 -8.72 -6.05
C LEU A 243 -4.15 -8.19 -4.66
N ARG A 244 -2.88 -7.93 -4.37
CA ARG A 244 -2.49 -7.42 -3.05
C ARG A 244 -3.08 -6.04 -2.78
N GLN A 245 -3.15 -5.18 -3.79
CA GLN A 245 -3.69 -3.86 -3.58
C GLN A 245 -5.19 -3.91 -3.28
N GLU A 246 -5.87 -4.99 -3.67
CA GLU A 246 -7.28 -5.20 -3.35
C GLU A 246 -7.48 -5.77 -1.96
N GLY A 247 -6.40 -6.10 -1.26
CA GLY A 247 -6.47 -6.71 0.05
C GLY A 247 -6.39 -8.21 0.08
N MET A 248 -6.00 -8.87 -1.02
CA MET A 248 -5.80 -10.31 -0.98
C MET A 248 -4.56 -10.65 -0.16
N ILE A 249 -4.57 -11.83 0.47
CA ILE A 249 -3.36 -12.38 1.05
C ILE A 249 -2.72 -13.21 -0.04
N VAL A 250 -1.62 -12.71 -0.61
CA VAL A 250 -1.04 -13.27 -1.83
C VAL A 250 0.19 -14.08 -1.45
N LYS A 251 0.21 -15.33 -1.90
CA LYS A 251 1.43 -16.14 -1.91
C LYS A 251 1.92 -16.27 -3.34
N VAL A 252 3.24 -16.45 -3.49
CA VAL A 252 3.89 -16.43 -4.80
C VAL A 252 4.73 -17.70 -4.93
N ALA A 253 4.63 -18.34 -6.09
CA ALA A 253 5.46 -19.49 -6.44
C ALA A 253 6.41 -19.11 -7.57
N GLU A 254 7.64 -19.63 -7.51
CA GLU A 254 8.66 -19.32 -8.50
C GLU A 254 9.65 -20.47 -8.57
N VAL A 255 10.21 -20.67 -9.77
CA VAL A 255 11.39 -21.52 -9.94
C VAL A 255 12.68 -20.73 -9.98
N ASP A 256 12.59 -19.41 -10.16
CA ASP A 256 13.76 -18.55 -10.28
C ASP A 256 14.05 -17.92 -8.92
N PRO A 257 15.18 -18.23 -8.28
CA PRO A 257 15.40 -17.70 -6.92
C PRO A 257 15.58 -16.20 -6.88
N ILE A 258 16.03 -15.57 -7.96
CA ILE A 258 16.13 -14.11 -7.97
C ILE A 258 14.74 -13.48 -7.95
N CYS A 259 13.85 -13.96 -8.83
CA CYS A 259 12.47 -13.49 -8.78
C CYS A 259 11.80 -13.81 -7.45
N ALA A 260 12.11 -14.97 -6.87
CA ALA A 260 11.54 -15.28 -5.56
C ALA A 260 12.06 -14.32 -4.50
N MET A 261 13.34 -13.97 -4.56
N MET A 261 13.35 -13.98 -4.55
CA MET A 261 13.90 -13.00 -3.62
CA MET A 261 13.90 -12.99 -3.62
C MET A 261 13.17 -11.66 -3.71
C MET A 261 13.13 -11.69 -3.70
N GLN A 262 12.86 -11.21 -4.92
CA GLN A 262 12.09 -9.98 -5.08
C GLN A 262 10.71 -10.12 -4.45
N ALA A 263 10.06 -11.27 -4.63
CA ALA A 263 8.74 -11.49 -4.04
C ALA A 263 8.79 -11.39 -2.51
N CYS A 264 9.80 -11.99 -1.88
CA CYS A 264 9.94 -11.87 -0.43
C CYS A 264 10.07 -10.42 -0.01
N MET A 265 11.01 -9.70 -0.65
CA MET A 265 11.25 -8.30 -0.30
C MET A 265 10.05 -7.43 -0.60
N ASP A 266 9.21 -7.82 -1.57
CA ASP A 266 8.00 -7.09 -1.88
C ASP A 266 6.87 -7.39 -0.90
N GLY A 267 7.11 -8.26 0.08
CA GLY A 267 6.14 -8.54 1.12
C GLY A 267 5.27 -9.76 0.91
N PHE A 268 5.68 -10.69 0.04
CA PHE A 268 4.91 -11.89 -0.25
C PHE A 268 5.59 -13.11 0.38
N GLU A 269 4.77 -14.07 0.79
CA GLU A 269 5.27 -15.36 1.23
C GLU A 269 5.46 -16.25 0.00
N VAL A 270 6.63 -16.86 -0.14
CA VAL A 270 6.96 -17.66 -1.31
C VAL A 270 6.76 -19.13 -0.96
N VAL A 271 5.87 -19.80 -1.68
CA VAL A 271 5.51 -21.17 -1.41
C VAL A 271 5.56 -21.97 -2.70
N SER A 272 5.60 -23.29 -2.56
CA SER A 272 5.45 -24.17 -3.71
C SER A 272 4.17 -24.98 -3.59
N PRO A 273 3.48 -25.27 -4.69
CA PRO A 273 2.34 -26.19 -4.61
C PRO A 273 2.75 -27.59 -4.22
N TYR A 274 4.04 -27.90 -4.32
CA TYR A 274 4.57 -29.23 -4.05
C TYR A 274 5.40 -29.22 -2.78
N LYS A 275 5.30 -30.30 -1.99
CA LYS A 275 6.12 -30.43 -0.79
C LYS A 275 7.60 -30.35 -1.16
N ASN A 276 8.33 -29.51 -0.45
CA ASN A 276 9.74 -29.23 -0.69
C ASN A 276 10.01 -28.77 -2.12
N GLY A 277 8.98 -28.33 -2.84
CA GLY A 277 9.16 -27.86 -4.20
C GLY A 277 9.35 -28.93 -5.24
N ILE A 278 9.17 -30.20 -4.89
CA ILE A 278 9.52 -31.33 -5.76
C ILE A 278 8.24 -31.85 -6.40
N ASN A 279 8.11 -31.65 -7.71
CA ASN A 279 6.94 -31.99 -8.51
C ASN A 279 7.19 -33.34 -9.18
N ASP A 280 6.76 -34.43 -8.54
CA ASP A 280 6.98 -35.78 -9.07
C ASP A 280 5.72 -36.41 -9.67
N GLY A 281 4.68 -35.63 -9.92
CA GLY A 281 3.50 -36.14 -10.60
C GLY A 281 2.52 -36.92 -9.74
N THR A 282 2.82 -37.13 -8.46
CA THR A 282 1.95 -37.87 -7.56
C THR A 282 1.07 -36.91 -6.76
N GLU A 283 -0.13 -37.36 -6.38
CA GLU A 283 -0.91 -36.61 -5.41
C GLU A 283 -0.15 -36.45 -4.10
N ALA A 284 0.71 -37.40 -3.76
CA ALA A 284 1.44 -37.34 -2.49
C ALA A 284 2.37 -36.14 -2.42
N SER A 285 2.82 -35.63 -3.56
CA SER A 285 3.69 -34.46 -3.56
C SER A 285 2.94 -33.15 -3.40
N ILE A 286 1.63 -33.15 -3.56
CA ILE A 286 0.86 -31.92 -3.43
C ILE A 286 0.81 -31.48 -1.98
N ASP A 287 1.03 -30.19 -1.74
CA ASP A 287 0.81 -29.62 -0.41
C ASP A 287 -0.70 -29.39 -0.32
N ALA A 288 -1.42 -30.39 0.19
CA ALA A 288 -2.88 -30.34 0.21
C ALA A 288 -3.40 -29.29 1.18
N ALA A 289 -2.74 -29.14 2.33
CA ALA A 289 -3.11 -28.10 3.28
C ALA A 289 -3.01 -26.71 2.66
N LEU A 290 -1.95 -26.46 1.89
CA LEU A 290 -1.81 -25.16 1.25
C LEU A 290 -2.88 -24.97 0.18
N LEU A 291 -2.99 -25.91 -0.75
CA LEU A 291 -3.93 -25.70 -1.86
C LEU A 291 -5.36 -25.66 -1.35
N GLY A 292 -5.64 -26.33 -0.23
CA GLY A 292 -6.97 -26.35 0.35
C GLY A 292 -7.41 -25.04 0.97
N LYS A 293 -6.51 -24.06 1.08
CA LYS A 293 -6.84 -22.74 1.61
CA LYS A 293 -6.87 -22.75 1.61
C LYS A 293 -6.83 -21.66 0.54
N ILE A 294 -6.55 -22.01 -0.71
CA ILE A 294 -6.41 -21.03 -1.79
C ILE A 294 -7.77 -20.77 -2.44
N ASP A 295 -8.18 -19.50 -2.50
CA ASP A 295 -9.43 -19.06 -3.14
C ASP A 295 -9.25 -18.69 -4.61
N LEU A 296 -8.02 -18.45 -5.04
CA LEU A 296 -7.77 -17.90 -6.37
C LEU A 296 -6.35 -18.29 -6.78
N ILE A 297 -6.20 -18.91 -7.93
CA ILE A 297 -4.89 -19.23 -8.48
C ILE A 297 -4.77 -18.57 -9.85
N VAL A 298 -3.64 -17.89 -10.09
CA VAL A 298 -3.37 -17.17 -11.32
C VAL A 298 -2.03 -17.66 -11.85
N THR A 299 -2.00 -18.10 -13.12
CA THR A 299 -0.73 -18.51 -13.73
C THR A 299 -0.19 -17.39 -14.61
N THR A 300 1.15 -17.15 -14.50
CA THR A 300 1.77 -16.01 -15.16
C THR A 300 3.10 -16.38 -15.84
N THR A 301 3.33 -17.65 -16.17
CA THR A 301 4.70 -18.09 -16.41
C THR A 301 5.12 -18.13 -17.87
N GLY A 302 4.20 -18.33 -18.81
CA GLY A 302 4.64 -18.70 -20.13
C GLY A 302 5.19 -20.10 -20.25
N ASN A 303 5.06 -20.92 -19.20
CA ASN A 303 5.53 -22.29 -19.14
C ASN A 303 4.34 -23.22 -19.25
N VAL A 304 4.58 -24.53 -19.17
CA VAL A 304 3.52 -25.51 -19.39
C VAL A 304 3.16 -26.22 -18.10
N ASN A 305 1.85 -26.39 -17.88
CA ASN A 305 1.31 -27.25 -16.81
C ASN A 305 1.81 -26.82 -15.44
N VAL A 306 1.75 -25.52 -15.18
CA VAL A 306 2.14 -25.00 -13.87
C VAL A 306 0.99 -24.96 -12.87
N CYS A 307 -0.23 -25.19 -13.34
CA CYS A 307 -1.39 -25.49 -12.50
C CYS A 307 -1.91 -26.83 -13.02
N ASP A 308 -1.46 -27.93 -12.42
CA ASP A 308 -1.63 -29.25 -13.01
C ASP A 308 -2.87 -29.94 -12.44
N ALA A 309 -3.11 -31.17 -12.89
CA ALA A 309 -4.33 -31.87 -12.51
C ALA A 309 -4.41 -32.10 -11.01
N ASN A 310 -3.30 -32.51 -10.39
CA ASN A 310 -3.33 -32.80 -8.97
C ASN A 310 -3.50 -31.52 -8.15
N MET A 311 -2.96 -30.40 -8.62
CA MET A 311 -3.27 -29.12 -7.99
C MET A 311 -4.76 -28.82 -8.09
N LEU A 312 -5.34 -29.04 -9.28
CA LEU A 312 -6.76 -28.77 -9.46
C LEU A 312 -7.62 -29.67 -8.58
N LYS A 313 -7.20 -30.91 -8.37
CA LYS A 313 -7.95 -31.81 -7.51
C LYS A 313 -7.91 -31.35 -6.06
N ALA A 314 -6.80 -30.74 -5.64
CA ALA A 314 -6.57 -30.38 -4.24
C ALA A 314 -7.09 -29.00 -3.89
N LEU A 315 -7.45 -28.17 -4.86
CA LEU A 315 -7.82 -26.78 -4.56
C LEU A 315 -9.06 -26.71 -3.66
N LYS A 316 -9.12 -25.65 -2.86
CA LYS A 316 -10.30 -25.34 -2.06
C LYS A 316 -11.56 -25.33 -2.91
N LYS A 317 -12.66 -25.86 -2.38
CA LYS A 317 -13.92 -25.81 -3.12
C LYS A 317 -14.23 -24.37 -3.53
N ARG A 318 -14.69 -24.18 -4.77
CA ARG A 318 -15.14 -22.91 -5.32
C ARG A 318 -13.99 -21.92 -5.54
N ALA A 319 -12.75 -22.39 -5.56
CA ALA A 319 -11.65 -21.52 -5.96
C ALA A 319 -11.83 -21.07 -7.41
N VAL A 320 -11.34 -19.86 -7.70
CA VAL A 320 -11.25 -19.35 -9.07
C VAL A 320 -9.89 -19.70 -9.63
N VAL A 321 -9.88 -20.15 -10.89
CA VAL A 321 -8.66 -20.56 -11.60
C VAL A 321 -8.56 -19.71 -12.87
N CYS A 322 -7.40 -19.10 -13.10
CA CYS A 322 -7.28 -18.33 -14.34
C CYS A 322 -5.81 -18.23 -14.73
N ASN A 323 -5.60 -17.83 -16.00
CA ASN A 323 -4.30 -17.76 -16.61
C ASN A 323 -4.17 -16.41 -17.28
N ILE A 324 -3.06 -15.72 -17.02
CA ILE A 324 -2.77 -14.47 -17.70
C ILE A 324 -1.49 -14.56 -18.52
N GLY A 325 -0.86 -15.73 -18.62
CA GLY A 325 0.15 -15.95 -19.62
C GLY A 325 -0.47 -16.07 -21.01
N HIS A 326 0.40 -16.12 -22.02
CA HIS A 326 -0.09 -16.00 -23.39
C HIS A 326 -0.95 -17.19 -23.84
N PHE A 327 -0.61 -18.41 -23.42
CA PHE A 327 -1.26 -19.61 -23.95
C PHE A 327 -1.96 -20.38 -22.84
N ASP A 328 -3.02 -21.12 -23.20
CA ASP A 328 -3.84 -21.73 -22.18
C ASP A 328 -3.27 -23.03 -21.62
N ASN A 329 -2.14 -23.51 -22.11
CA ASN A 329 -1.59 -24.74 -21.56
C ASN A 329 -0.88 -24.55 -20.23
N GLU A 330 -0.90 -23.34 -19.65
CA GLU A 330 -0.37 -23.16 -18.29
C GLU A 330 -1.17 -23.96 -17.28
N ILE A 331 -2.50 -24.05 -17.49
CA ILE A 331 -3.45 -24.84 -16.70
C ILE A 331 -3.78 -26.11 -17.47
N ASP A 332 -3.86 -27.25 -16.77
CA ASP A 332 -4.27 -28.49 -17.43
C ASP A 332 -5.80 -28.50 -17.58
N THR A 333 -6.28 -27.67 -18.52
CA THR A 333 -7.72 -27.71 -18.78
C THR A 333 -8.13 -28.96 -19.54
N ALA A 334 -7.21 -29.63 -20.24
CA ALA A 334 -7.57 -30.88 -20.90
C ALA A 334 -8.01 -31.92 -19.89
N PHE A 335 -7.31 -32.00 -18.76
CA PHE A 335 -7.72 -32.89 -17.68
C PHE A 335 -9.14 -32.57 -17.25
N MET A 336 -9.45 -31.29 -17.11
CA MET A 336 -10.78 -30.91 -16.65
C MET A 336 -11.84 -31.21 -17.69
N ARG A 337 -11.52 -31.04 -18.98
CA ARG A 337 -12.50 -31.39 -20.01
C ARG A 337 -12.75 -32.89 -20.04
N LYS A 338 -11.73 -33.68 -19.74
CA LYS A 338 -11.85 -35.14 -19.78
C LYS A 338 -12.67 -35.67 -18.61
N ASN A 339 -12.59 -35.04 -17.44
CA ASN A 339 -13.04 -35.72 -16.23
C ASN A 339 -14.19 -35.06 -15.51
N TRP A 340 -14.40 -33.77 -15.70
CA TRP A 340 -15.32 -33.01 -14.89
C TRP A 340 -16.37 -32.34 -15.77
N ALA A 341 -17.50 -32.00 -15.16
CA ALA A 341 -18.64 -31.46 -15.91
C ALA A 341 -18.58 -29.94 -15.92
N TRP A 342 -18.67 -29.33 -17.09
CA TRP A 342 -18.61 -27.88 -17.22
C TRP A 342 -20.01 -27.28 -17.29
N GLU A 343 -20.26 -26.26 -16.48
CA GLU A 343 -21.52 -25.53 -16.45
C GLU A 343 -21.23 -24.08 -16.80
N GLU A 344 -21.73 -23.60 -17.93
CA GLU A 344 -21.45 -22.20 -18.27
C GLU A 344 -22.30 -21.28 -17.40
N VAL A 345 -21.65 -20.36 -16.70
CA VAL A 345 -22.38 -19.31 -15.97
C VAL A 345 -22.81 -18.21 -16.94
N LYS A 346 -21.84 -17.70 -17.67
CA LYS A 346 -22.02 -16.74 -18.74
C LYS A 346 -20.81 -16.89 -19.64
N PRO A 347 -20.77 -16.21 -20.79
CA PRO A 347 -19.61 -16.37 -21.67
C PRO A 347 -18.30 -16.14 -20.91
N GLN A 348 -17.36 -17.05 -21.11
CA GLN A 348 -16.02 -17.02 -20.50
C GLN A 348 -16.04 -17.17 -18.98
N VAL A 349 -17.10 -17.74 -18.41
CA VAL A 349 -17.14 -18.06 -16.98
C VAL A 349 -17.76 -19.45 -16.85
N HIS A 350 -16.98 -20.43 -16.40
CA HIS A 350 -17.47 -21.80 -16.29
C HIS A 350 -17.28 -22.33 -14.87
N LYS A 351 -18.32 -22.95 -14.33
CA LYS A 351 -18.16 -23.78 -13.16
C LYS A 351 -17.75 -25.17 -13.60
N ILE A 352 -16.72 -25.71 -12.97
CA ILE A 352 -16.21 -27.03 -13.31
C ILE A 352 -16.46 -27.94 -12.11
N HIS A 353 -17.37 -28.88 -12.30
CA HIS A 353 -17.89 -29.68 -11.19
C HIS A 353 -17.02 -30.91 -11.02
N ARG A 354 -16.36 -31.03 -9.87
CA ARG A 354 -15.42 -32.11 -9.62
C ARG A 354 -16.11 -33.41 -9.23
N THR A 355 -17.45 -33.47 -9.26
CA THR A 355 -18.19 -34.67 -8.91
C THR A 355 -18.15 -35.75 -9.99
N GLY A 356 -17.73 -35.43 -11.20
CA GLY A 356 -17.72 -36.43 -12.26
C GLY A 356 -18.01 -35.78 -13.59
N LYS A 357 -18.01 -36.60 -14.63
CA LYS A 357 -17.91 -36.08 -15.99
C LYS A 357 -19.26 -35.80 -16.64
N ASP A 358 -20.23 -36.69 -16.46
CA ASP A 358 -21.42 -36.61 -17.29
C ASP A 358 -22.29 -35.42 -16.91
N GLY A 359 -23.10 -35.56 -15.86
CA GLY A 359 -23.95 -34.48 -15.41
C GLY A 359 -23.38 -33.77 -14.19
N PHE A 360 -24.18 -32.85 -13.66
CA PHE A 360 -23.87 -32.18 -12.40
C PHE A 360 -25.18 -31.79 -11.72
N ASP A 361 -25.12 -31.73 -10.39
CA ASP A 361 -26.20 -31.15 -9.60
C ASP A 361 -26.08 -29.63 -9.61
N ALA A 362 -27.21 -28.95 -9.90
CA ALA A 362 -27.19 -27.49 -10.01
C ALA A 362 -26.71 -26.82 -8.73
N HIS A 363 -26.91 -27.47 -7.58
CA HIS A 363 -26.54 -26.93 -6.29
C HIS A 363 -25.33 -27.64 -5.69
N ASN A 364 -24.54 -28.32 -6.52
CA ASN A 364 -23.31 -28.92 -6.04
C ASN A 364 -22.37 -27.83 -5.52
N ASP A 365 -21.72 -28.10 -4.39
CA ASP A 365 -20.79 -27.14 -3.80
C ASP A 365 -19.34 -27.41 -4.19
N ASP A 366 -19.05 -28.57 -4.79
CA ASP A 366 -17.68 -28.96 -5.11
C ASP A 366 -17.42 -28.66 -6.58
N TYR A 367 -17.15 -27.39 -6.87
CA TYR A 367 -16.80 -26.94 -8.21
C TYR A 367 -15.68 -25.92 -8.12
N LEU A 368 -14.99 -25.70 -9.24
CA LEU A 368 -14.06 -24.60 -9.42
C LEU A 368 -14.65 -23.61 -10.43
N ILE A 369 -14.25 -22.34 -10.35
CA ILE A 369 -14.63 -21.37 -11.37
C ILE A 369 -13.43 -21.11 -12.26
N LEU A 370 -13.56 -21.44 -13.55
CA LEU A 370 -12.52 -21.22 -14.53
C LEU A 370 -12.90 -20.03 -15.40
N LEU A 371 -11.98 -19.08 -15.55
CA LEU A 371 -12.23 -17.89 -16.36
C LEU A 371 -11.61 -18.03 -17.73
N ALA A 372 -12.34 -17.57 -18.74
CA ALA A 372 -11.90 -17.53 -20.15
C ALA A 372 -11.37 -18.87 -20.66
N GLU A 373 -11.91 -19.98 -20.12
CA GLU A 373 -11.50 -21.33 -20.47
C GLU A 373 -9.98 -21.49 -20.40
N GLY A 374 -9.34 -20.73 -19.51
CA GLY A 374 -7.90 -20.82 -19.36
C GLY A 374 -7.09 -19.95 -20.29
N ARG A 375 -7.74 -19.19 -21.18
CA ARG A 375 -7.05 -18.25 -22.06
C ARG A 375 -6.78 -16.94 -21.31
N LEU A 376 -5.91 -16.10 -21.88
CA LEU A 376 -5.54 -14.81 -21.29
C LEU A 376 -6.71 -14.12 -20.62
N VAL A 377 -6.72 -14.04 -19.29
CA VAL A 377 -7.96 -13.70 -18.60
C VAL A 377 -8.23 -12.20 -18.68
N ASN A 378 -7.18 -11.36 -18.72
CA ASN A 378 -7.43 -9.93 -18.72
C ASN A 378 -8.12 -9.51 -20.02
N LEU A 379 -7.74 -10.12 -21.14
CA LEU A 379 -8.39 -9.83 -22.40
C LEU A 379 -9.68 -10.63 -22.56
N GLY A 380 -9.75 -11.81 -21.96
CA GLY A 380 -10.89 -12.69 -22.14
C GLY A 380 -12.10 -12.24 -21.35
N ASN A 381 -11.89 -11.77 -20.11
CA ASN A 381 -12.99 -11.38 -19.25
C ASN A 381 -13.08 -9.89 -19.02
N ALA A 382 -12.11 -9.11 -19.49
CA ALA A 382 -12.27 -7.66 -19.46
C ALA A 382 -11.79 -7.09 -20.79
N THR A 383 -10.98 -6.04 -20.78
CA THR A 383 -10.54 -5.43 -22.04
C THR A 383 -9.02 -5.36 -22.17
N GLY A 384 -8.30 -6.20 -21.44
CA GLY A 384 -6.85 -6.11 -21.46
C GLY A 384 -6.35 -4.79 -20.87
N HIS A 385 -5.12 -4.46 -21.23
CA HIS A 385 -4.47 -3.27 -20.68
C HIS A 385 -5.16 -2.00 -21.16
N PRO A 386 -5.08 -0.91 -20.39
CA PRO A 386 -5.72 0.35 -20.79
C PRO A 386 -4.91 1.09 -21.84
N SER A 387 -5.61 2.00 -22.55
CA SER A 387 -4.97 2.71 -23.66
C SER A 387 -3.66 3.37 -23.25
N ARG A 388 -3.64 4.04 -22.08
CA ARG A 388 -2.45 4.82 -21.71
C ARG A 388 -1.23 3.94 -21.46
N ILE A 389 -1.43 2.67 -21.11
CA ILE A 389 -0.31 1.73 -21.02
C ILE A 389 0.07 1.18 -22.39
N MET A 390 -0.93 0.78 -23.19
CA MET A 390 -0.65 0.23 -24.52
C MET A 390 0.02 1.26 -25.43
N ASP A 391 -0.14 2.55 -25.11
CA ASP A 391 0.56 3.64 -25.80
C ASP A 391 2.06 3.33 -25.95
N GLY A 392 2.71 2.93 -24.87
CA GLY A 392 4.15 2.68 -24.94
C GLY A 392 4.48 1.49 -25.81
N SER A 393 3.76 0.39 -25.60
CA SER A 393 3.95 -0.81 -26.41
C SER A 393 3.80 -0.49 -27.90
N PHE A 394 2.76 0.25 -28.25
CA PHE A 394 2.42 0.42 -29.66
C PHE A 394 3.23 1.54 -30.30
N ALA A 395 3.68 2.54 -29.54
CA ALA A 395 4.71 3.43 -30.07
C ALA A 395 5.95 2.65 -30.47
N ASN A 396 6.37 1.68 -29.65
CA ASN A 396 7.54 0.87 -30.01
C ASN A 396 7.28 0.04 -31.26
N GLN A 397 6.09 -0.55 -31.35
CA GLN A 397 5.71 -1.32 -32.55
C GLN A 397 5.84 -0.45 -33.80
N VAL A 398 5.32 0.78 -33.75
CA VAL A 398 5.38 1.66 -34.92
C VAL A 398 6.83 1.97 -35.27
N LEU A 399 7.64 2.30 -34.28
CA LEU A 399 9.05 2.56 -34.54
C LEU A 399 9.73 1.33 -35.11
N ALA A 400 9.37 0.15 -34.61
CA ALA A 400 10.04 -1.05 -35.09
C ALA A 400 9.62 -1.37 -36.52
N GLN A 401 8.35 -1.12 -36.86
CA GLN A 401 7.92 -1.28 -38.25
C GLN A 401 8.66 -0.34 -39.19
N ILE A 402 8.79 0.94 -38.81
CA ILE A 402 9.51 1.88 -39.67
C ILE A 402 10.96 1.41 -39.88
N HIS A 403 11.59 0.94 -38.81
CA HIS A 403 13.00 0.58 -38.90
C HIS A 403 13.23 -0.60 -39.83
N LEU A 404 12.47 -1.69 -39.66
CA LEU A 404 12.69 -2.86 -40.51
C LEU A 404 12.21 -2.62 -41.93
N PHE A 405 11.12 -1.89 -42.11
CA PHE A 405 10.69 -1.59 -43.48
C PHE A 405 11.72 -0.75 -44.20
N GLU A 406 12.35 0.19 -43.49
CA GLU A 406 13.36 1.01 -44.17
C GLU A 406 14.62 0.21 -44.50
N GLN A 407 14.95 -0.81 -43.71
CA GLN A 407 16.14 -1.61 -43.97
C GLN A 407 15.98 -2.47 -45.22
N LYS A 408 14.74 -2.83 -45.59
CA LYS A 408 14.47 -3.53 -46.85
C LYS A 408 15.27 -4.83 -46.98
N TYR A 409 15.23 -5.64 -45.91
CA TYR A 409 16.01 -6.88 -45.87
C TYR A 409 15.73 -7.76 -47.09
N ALA A 410 14.49 -7.78 -47.57
CA ALA A 410 14.13 -8.67 -48.67
C ALA A 410 14.77 -8.26 -49.99
N ASP A 411 15.18 -7.00 -50.11
CA ASP A 411 15.83 -6.49 -51.31
C ASP A 411 17.34 -6.65 -51.27
N LEU A 412 17.89 -7.25 -50.18
CA LEU A 412 19.34 -7.31 -50.08
C LEU A 412 19.90 -8.56 -50.77
N PRO A 413 21.15 -8.52 -51.23
CA PRO A 413 21.79 -9.74 -51.69
C PRO A 413 22.06 -10.69 -50.54
N ALA A 414 22.22 -11.97 -50.89
CA ALA A 414 22.29 -13.03 -49.88
C ALA A 414 23.39 -12.77 -48.87
N ALA A 415 24.55 -12.28 -49.34
CA ALA A 415 25.65 -11.98 -48.44
C ALA A 415 25.22 -10.96 -47.38
N GLU A 416 24.58 -9.87 -47.81
CA GLU A 416 24.16 -8.86 -46.85
C GLU A 416 23.01 -9.36 -46.00
N LYS A 417 22.20 -10.30 -46.51
CA LYS A 417 21.11 -10.84 -45.71
C LYS A 417 21.65 -11.59 -44.50
N ALA A 418 22.67 -12.43 -44.71
CA ALA A 418 23.20 -13.23 -43.60
C ALA A 418 23.71 -12.35 -42.47
N LYS A 419 24.24 -11.17 -42.79
CA LYS A 419 24.74 -10.27 -41.74
C LYS A 419 23.61 -9.68 -40.92
N ARG A 420 22.41 -9.56 -41.48
CA ARG A 420 21.32 -8.86 -40.82
C ARG A 420 20.21 -9.78 -40.32
N LEU A 421 20.35 -11.09 -40.49
CA LEU A 421 19.36 -12.02 -39.95
C LEU A 421 19.57 -12.10 -38.44
N SER A 422 18.73 -11.38 -37.69
CA SER A 422 18.95 -11.27 -36.26
C SER A 422 17.63 -10.94 -35.59
N VAL A 423 17.63 -11.03 -34.26
CA VAL A 423 16.53 -10.54 -33.42
C VAL A 423 17.14 -9.45 -32.56
N GLU A 424 16.73 -8.21 -32.78
CA GLU A 424 17.30 -7.05 -32.09
C GLU A 424 16.21 -6.34 -31.32
N VAL A 425 16.63 -5.48 -30.42
CA VAL A 425 15.73 -4.56 -29.73
C VAL A 425 15.97 -3.16 -30.27
N LEU A 426 15.01 -2.28 -30.03
CA LEU A 426 15.16 -0.88 -30.40
C LEU A 426 16.25 -0.23 -29.53
N PRO A 427 16.97 0.76 -30.07
CA PRO A 427 17.97 1.46 -29.28
C PRO A 427 17.35 2.22 -28.11
N LYS A 428 18.14 2.38 -27.05
CA LYS A 428 17.65 3.02 -25.82
C LYS A 428 17.16 4.46 -26.06
N LYS A 429 17.77 5.17 -27.02
CA LYS A 429 17.34 6.54 -27.26
C LYS A 429 15.87 6.60 -27.67
N LEU A 430 15.43 5.62 -28.47
CA LEU A 430 14.02 5.59 -28.85
C LEU A 430 13.12 5.21 -27.68
N ASP A 431 13.55 4.24 -26.87
CA ASP A 431 12.88 3.86 -25.63
C ASP A 431 12.66 5.08 -24.73
N GLU A 432 13.70 5.89 -24.55
CA GLU A 432 13.57 7.12 -23.76
C GLU A 432 12.59 8.10 -24.39
N GLU A 433 12.58 8.22 -25.73
CA GLU A 433 11.67 9.18 -26.35
C GLU A 433 10.21 8.76 -26.18
N VAL A 434 9.92 7.46 -26.26
CA VAL A 434 8.57 6.98 -25.96
C VAL A 434 8.19 7.35 -24.53
N ALA A 435 9.08 7.04 -23.58
CA ALA A 435 8.81 7.30 -22.17
C ALA A 435 8.53 8.77 -21.92
N LEU A 436 9.27 9.66 -22.59
CA LEU A 436 9.08 11.09 -22.38
C LEU A 436 7.68 11.51 -22.78
N GLU A 437 7.18 10.99 -23.90
CA GLU A 437 5.82 11.33 -24.29
C GLU A 437 4.80 10.76 -23.30
N MET A 438 5.07 9.57 -22.75
CA MET A 438 4.20 9.02 -21.73
C MET A 438 4.17 9.90 -20.49
N VAL A 439 5.34 10.33 -20.02
CA VAL A 439 5.41 11.17 -18.82
C VAL A 439 4.66 12.48 -19.04
N LYS A 440 4.90 13.12 -20.19
CA LYS A 440 4.16 14.34 -20.51
C LYS A 440 2.65 14.10 -20.50
N GLY A 441 2.22 12.92 -20.95
CA GLY A 441 0.79 12.60 -20.94
C GLY A 441 0.17 12.70 -19.56
N PHE A 442 0.94 12.36 -18.53
CA PHE A 442 0.52 12.47 -17.14
C PHE A 442 0.67 13.89 -16.59
N GLY A 443 1.18 14.82 -17.38
CA GLY A 443 1.52 16.12 -16.84
C GLY A 443 2.84 16.16 -16.12
N GLY A 444 3.65 15.10 -16.25
CA GLY A 444 4.94 15.08 -15.59
C GLY A 444 5.93 16.00 -16.28
N VAL A 445 6.89 16.49 -15.50
CA VAL A 445 7.89 17.43 -15.98
C VAL A 445 9.27 16.84 -15.71
N VAL A 446 9.98 16.49 -16.77
CA VAL A 446 11.32 15.94 -16.67
C VAL A 446 12.31 17.09 -16.54
N THR A 447 13.27 16.94 -15.62
CA THR A 447 14.31 17.94 -15.45
C THR A 447 15.38 17.76 -16.53
N GLN A 448 15.93 18.87 -16.99
CA GLN A 448 17.03 18.85 -17.95
C GLN A 448 18.37 19.00 -17.23
N LEU A 449 19.30 18.10 -17.51
CA LEU A 449 20.65 18.21 -16.95
C LEU A 449 21.34 19.50 -17.38
N THR A 450 22.09 20.11 -16.45
CA THR A 450 23.02 21.14 -16.88
C THR A 450 24.18 20.49 -17.61
N PRO A 451 24.94 21.25 -18.40
CA PRO A 451 26.14 20.68 -19.00
C PRO A 451 27.11 20.10 -17.97
N LYS A 452 27.33 20.80 -16.87
CA LYS A 452 28.23 20.28 -15.83
C LYS A 452 27.71 18.97 -15.27
N GLN A 453 26.40 18.89 -15.02
CA GLN A 453 25.85 17.65 -14.49
C GLN A 453 25.97 16.51 -15.49
N ALA A 454 25.71 16.80 -16.77
CA ALA A 454 25.84 15.76 -17.79
C ALA A 454 27.27 15.27 -17.88
N GLU A 455 28.23 16.18 -17.79
CA GLU A 455 29.63 15.80 -17.76
C GLU A 455 29.93 14.96 -16.53
N TYR A 456 29.32 15.31 -15.40
CA TYR A 456 29.64 14.63 -14.14
C TYR A 456 29.31 13.15 -14.20
N ILE A 457 28.18 12.79 -14.80
CA ILE A 457 27.79 11.38 -14.87
C ILE A 457 28.07 10.76 -16.22
N GLY A 458 28.68 11.50 -17.14
CA GLY A 458 29.14 10.95 -18.42
C GLY A 458 28.05 10.67 -19.43
N VAL A 459 27.03 11.51 -19.51
CA VAL A 459 25.97 11.35 -20.50
C VAL A 459 25.80 12.66 -21.27
N SER A 460 25.16 12.56 -22.43
CA SER A 460 24.69 13.74 -23.13
C SER A 460 23.47 14.31 -22.44
N VAL A 461 23.30 15.63 -22.56
CA VAL A 461 22.12 16.25 -21.98
C VAL A 461 20.85 15.68 -22.59
N GLU A 462 20.91 15.26 -23.86
CA GLU A 462 19.75 14.66 -24.51
C GLU A 462 19.62 13.15 -24.27
N GLY A 463 20.51 12.55 -23.51
CA GLY A 463 20.49 11.12 -23.33
C GLY A 463 21.16 10.40 -24.48
N PRO A 464 21.22 9.06 -24.44
CA PRO A 464 20.65 8.20 -23.40
C PRO A 464 21.31 8.39 -22.05
N PHE A 465 20.56 8.11 -20.98
CA PHE A 465 20.96 8.42 -19.61
C PHE A 465 21.52 7.23 -18.87
N LYS A 466 21.38 6.03 -19.41
CA LYS A 466 21.78 4.80 -18.77
C LYS A 466 22.61 3.97 -19.74
N PRO A 467 23.58 3.23 -19.24
CA PRO A 467 24.25 2.22 -20.06
C PRO A 467 23.26 1.13 -20.45
N ASP A 468 23.54 0.45 -21.56
CA ASP A 468 22.68 -0.63 -22.02
C ASP A 468 22.52 -1.75 -20.99
N THR A 469 23.48 -1.91 -20.07
CA THR A 469 23.36 -2.94 -19.05
C THR A 469 22.31 -2.62 -17.99
N TYR A 470 21.77 -1.40 -17.96
CA TYR A 470 20.93 -0.97 -16.84
C TYR A 470 19.60 -1.69 -16.86
N ARG A 471 19.14 -2.08 -15.66
CA ARG A 471 17.95 -2.93 -15.51
C ARG A 471 16.69 -2.18 -15.08
N TYR A 472 16.81 -0.91 -14.68
CA TYR A 472 15.68 -0.13 -14.18
C TYR A 472 14.90 -0.84 -13.07
N GLY B 12 -49.16 -19.28 -14.58
CA GLY B 12 -49.61 -18.03 -15.18
C GLY B 12 -49.32 -16.81 -14.34
N PHE B 13 -48.13 -16.79 -13.74
CA PHE B 13 -47.70 -15.66 -12.92
C PHE B 13 -47.38 -14.46 -13.81
N THR B 14 -48.08 -13.35 -13.61
CA THR B 14 -47.89 -12.15 -14.42
C THR B 14 -47.67 -10.88 -13.59
N ASP B 15 -47.53 -11.01 -12.26
CA ASP B 15 -47.53 -9.87 -11.35
C ASP B 15 -46.10 -9.36 -11.17
N TYR B 16 -45.56 -8.81 -12.25
CA TYR B 16 -44.17 -8.34 -12.26
C TYR B 16 -43.95 -7.51 -13.52
N LYS B 17 -42.81 -6.81 -13.54
CA LYS B 17 -42.36 -6.20 -14.79
C LYS B 17 -40.84 -6.12 -14.76
N VAL B 18 -40.20 -6.82 -15.69
CA VAL B 18 -38.74 -6.85 -15.82
C VAL B 18 -38.39 -6.66 -17.30
N ALA B 19 -37.10 -6.42 -17.56
CA ALA B 19 -36.67 -6.19 -18.94
C ALA B 19 -36.83 -7.44 -19.80
N ASP B 20 -36.53 -8.61 -19.25
CA ASP B 20 -36.42 -9.81 -20.09
C ASP B 20 -36.44 -11.04 -19.18
N ILE B 21 -37.60 -11.69 -19.11
CA ILE B 21 -37.74 -12.86 -18.26
C ILE B 21 -36.82 -14.01 -18.69
N THR B 22 -36.36 -14.04 -19.95
CA THR B 22 -35.52 -15.15 -20.39
C THR B 22 -34.11 -15.11 -19.79
N LEU B 23 -33.75 -14.03 -19.10
CA LEU B 23 -32.49 -13.97 -18.37
C LEU B 23 -32.56 -14.69 -17.03
N ALA B 24 -33.69 -15.34 -16.72
CA ALA B 24 -33.89 -15.91 -15.39
C ALA B 24 -32.89 -17.00 -15.08
N ALA B 25 -32.65 -17.91 -16.03
CA ALA B 25 -31.72 -19.01 -15.75
C ALA B 25 -30.32 -18.48 -15.42
N TRP B 26 -29.86 -17.47 -16.16
CA TRP B 26 -28.56 -16.87 -15.87
C TRP B 26 -28.56 -16.23 -14.47
N GLY B 27 -29.63 -15.49 -14.15
CA GLY B 27 -29.73 -14.93 -12.80
C GLY B 27 -29.70 -15.98 -11.71
N ARG B 28 -30.41 -17.10 -11.92
CA ARG B 28 -30.43 -18.19 -10.96
C ARG B 28 -29.04 -18.78 -10.75
N ARG B 29 -28.28 -18.95 -11.83
CA ARG B 29 -26.90 -19.41 -11.71
C ARG B 29 -26.08 -18.47 -10.85
N GLU B 30 -26.23 -17.17 -11.06
CA GLU B 30 -25.46 -16.23 -10.25
C GLU B 30 -25.98 -16.16 -8.81
N LEU B 31 -27.28 -16.38 -8.59
CA LEU B 31 -27.80 -16.46 -7.24
C LEU B 31 -27.18 -17.62 -6.48
N ILE B 32 -27.04 -18.77 -7.13
CA ILE B 32 -26.48 -19.93 -6.46
C ILE B 32 -25.02 -19.68 -6.09
N ILE B 33 -24.28 -19.01 -6.95
CA ILE B 33 -22.92 -18.60 -6.60
C ILE B 33 -22.96 -17.63 -5.43
N ALA B 34 -23.87 -16.67 -5.47
CA ALA B 34 -23.88 -15.64 -4.43
C ALA B 34 -24.22 -16.23 -3.07
N GLU B 35 -25.06 -17.26 -3.03
CA GLU B 35 -25.35 -17.90 -1.74
C GLU B 35 -24.07 -18.40 -1.08
N SER B 36 -23.14 -18.93 -1.88
CA SER B 36 -21.90 -19.42 -1.27
C SER B 36 -20.98 -18.29 -0.83
N GLU B 37 -21.25 -17.05 -1.25
CA GLU B 37 -20.49 -15.88 -0.81
C GLU B 37 -21.16 -15.13 0.32
N MET B 38 -22.31 -15.60 0.82
CA MET B 38 -23.07 -14.87 1.84
C MET B 38 -23.39 -15.79 3.02
N PRO B 39 -22.38 -16.14 3.82
CA PRO B 39 -22.60 -17.12 4.91
C PRO B 39 -23.43 -16.58 6.06
N ALA B 40 -23.34 -15.29 6.37
CA ALA B 40 -24.18 -14.74 7.44
C ALA B 40 -25.63 -14.82 7.04
N LEU B 41 -25.94 -14.41 5.81
CA LEU B 41 -27.33 -14.41 5.35
C LEU B 41 -27.84 -15.85 5.18
N MET B 42 -27.04 -16.73 4.59
CA MET B 42 -27.51 -18.10 4.46
C MET B 42 -27.56 -18.81 5.81
N GLY B 43 -26.71 -18.41 6.74
CA GLY B 43 -26.81 -18.93 8.09
C GLY B 43 -28.16 -18.62 8.73
N LEU B 44 -28.68 -17.41 8.47
CA LEU B 44 -30.00 -17.05 8.98
C LEU B 44 -31.08 -17.89 8.32
N ARG B 45 -30.96 -18.10 7.01
CA ARG B 45 -31.88 -18.98 6.30
C ARG B 45 -31.93 -20.35 6.96
N ARG B 46 -30.78 -20.98 7.16
CA ARG B 46 -30.79 -22.32 7.74
C ARG B 46 -31.25 -22.31 9.19
N LYS B 47 -30.93 -21.27 9.95
CA LYS B 47 -31.24 -21.26 11.37
C LYS B 47 -32.72 -21.02 11.64
N TYR B 48 -33.36 -20.15 10.83
CA TYR B 48 -34.72 -19.71 11.10
C TYR B 48 -35.76 -20.33 10.18
N ALA B 49 -35.36 -21.13 9.19
CA ALA B 49 -36.32 -21.66 8.22
C ALA B 49 -37.45 -22.41 8.91
N GLY B 50 -37.12 -23.34 9.82
CA GLY B 50 -38.16 -24.12 10.46
C GLY B 50 -39.10 -23.31 11.33
N GLN B 51 -38.59 -22.23 11.92
CA GLN B 51 -39.38 -21.42 12.85
C GLN B 51 -40.32 -20.45 12.14
N GLN B 52 -40.00 -20.07 10.90
CA GLN B 52 -40.80 -19.14 10.11
C GLN B 52 -41.10 -17.86 10.89
N PRO B 53 -40.08 -17.11 11.30
CA PRO B 53 -40.33 -15.91 12.12
C PRO B 53 -40.99 -14.79 11.34
N LEU B 54 -41.00 -14.86 10.00
CA LEU B 54 -41.66 -13.84 9.19
C LEU B 54 -42.94 -14.34 8.55
N LYS B 55 -43.49 -15.46 9.02
CA LYS B 55 -44.80 -15.89 8.57
C LYS B 55 -45.84 -14.83 8.89
N GLY B 56 -46.55 -14.36 7.88
CA GLY B 56 -47.51 -13.27 8.04
C GLY B 56 -46.96 -11.91 7.73
N ALA B 57 -45.63 -11.78 7.65
CA ALA B 57 -45.03 -10.52 7.22
C ALA B 57 -45.32 -10.29 5.74
N LYS B 58 -45.66 -9.05 5.39
CA LYS B 58 -45.88 -8.65 4.01
CA LYS B 58 -45.89 -8.65 4.01
C LYS B 58 -45.06 -7.39 3.80
N ILE B 59 -43.93 -7.53 3.09
CA ILE B 59 -42.88 -6.52 3.07
C ILE B 59 -42.90 -5.77 1.74
N LEU B 60 -43.05 -4.46 1.81
CA LEU B 60 -42.73 -3.60 0.68
C LEU B 60 -41.24 -3.34 0.69
N GLY B 61 -40.56 -3.71 -0.38
CA GLY B 61 -39.11 -3.55 -0.49
C GLY B 61 -38.73 -2.64 -1.63
N CYS B 62 -37.82 -1.70 -1.35
CA CYS B 62 -37.33 -0.76 -2.35
C CYS B 62 -35.81 -0.66 -2.17
N ILE B 63 -35.08 -1.49 -2.91
CA ILE B 63 -33.63 -1.43 -2.89
C ILE B 63 -33.12 -2.08 -4.17
N HIS B 64 -32.05 -1.48 -4.72
CA HIS B 64 -31.34 -1.93 -5.92
C HIS B 64 -31.53 -3.41 -6.21
N MET B 65 -32.10 -3.73 -7.36
CA MET B 65 -32.50 -5.10 -7.67
C MET B 65 -31.32 -5.84 -8.29
N THR B 66 -30.34 -6.14 -7.43
CA THR B 66 -29.11 -6.83 -7.78
C THR B 66 -29.22 -8.30 -7.42
N ILE B 67 -28.21 -9.06 -7.85
CA ILE B 67 -28.08 -10.45 -7.40
C ILE B 67 -28.06 -10.52 -5.87
N GLN B 68 -27.38 -9.57 -5.23
CA GLN B 68 -27.28 -9.59 -3.77
C GLN B 68 -28.63 -9.37 -3.12
N THR B 69 -29.38 -8.40 -3.63
CA THR B 69 -30.75 -8.19 -3.16
C THR B 69 -31.62 -9.42 -3.43
N GLY B 70 -31.37 -10.12 -4.54
CA GLY B 70 -32.06 -11.38 -4.77
C GLY B 70 -31.88 -12.38 -3.66
N VAL B 71 -30.65 -12.51 -3.12
CA VAL B 71 -30.43 -13.44 -2.02
C VAL B 71 -31.16 -12.98 -0.77
N LEU B 72 -31.20 -11.66 -0.55
CA LEU B 72 -31.94 -11.11 0.57
C LEU B 72 -33.44 -11.39 0.44
N ILE B 73 -34.00 -11.11 -0.73
CA ILE B 73 -35.42 -11.38 -0.98
C ILE B 73 -35.76 -12.84 -0.70
N GLU B 74 -34.97 -13.76 -1.25
CA GLU B 74 -35.31 -15.17 -1.07
C GLU B 74 -35.04 -15.65 0.35
N THR B 75 -34.21 -14.93 1.12
CA THR B 75 -34.08 -15.23 2.55
C THR B 75 -35.32 -14.81 3.31
N LEU B 76 -35.79 -13.58 3.09
CA LEU B 76 -37.05 -13.15 3.68
C LEU B 76 -38.18 -14.11 3.35
N VAL B 77 -38.27 -14.52 2.07
CA VAL B 77 -39.32 -15.44 1.65
C VAL B 77 -39.17 -16.78 2.34
N ALA B 78 -37.93 -17.28 2.44
CA ALA B 78 -37.70 -18.59 3.06
C ALA B 78 -38.07 -18.57 4.54
N LEU B 79 -38.02 -17.42 5.17
CA LEU B 79 -38.40 -17.27 6.57
C LEU B 79 -39.89 -17.00 6.76
N GLY B 80 -40.66 -16.95 5.68
CA GLY B 80 -42.11 -16.88 5.76
C GLY B 80 -42.73 -15.65 5.13
N ALA B 81 -41.95 -14.65 4.75
CA ALA B 81 -42.51 -13.40 4.28
C ALA B 81 -43.11 -13.54 2.88
N GLU B 82 -44.09 -12.69 2.59
CA GLU B 82 -44.37 -12.30 1.21
C GLU B 82 -43.82 -10.89 0.99
N VAL B 83 -43.47 -10.59 -0.27
CA VAL B 83 -42.88 -9.30 -0.62
C VAL B 83 -43.38 -8.84 -1.98
N ARG B 84 -43.29 -7.52 -2.20
CA ARG B 84 -43.43 -6.87 -3.50
C ARG B 84 -42.29 -5.88 -3.62
N TRP B 85 -41.50 -5.98 -4.71
CA TRP B 85 -40.18 -5.35 -4.72
C TRP B 85 -40.03 -4.36 -5.88
N SER B 86 -39.26 -3.29 -5.63
CA SER B 86 -38.80 -2.39 -6.67
C SER B 86 -37.37 -2.00 -6.37
N SER B 87 -36.70 -1.40 -7.36
CA SER B 87 -35.37 -0.85 -7.16
C SER B 87 -35.48 0.56 -6.63
N CYS B 88 -34.44 1.01 -5.92
CA CYS B 88 -34.37 2.39 -5.43
C CYS B 88 -33.48 3.29 -6.28
N ASN B 89 -33.13 2.84 -7.49
CA ASN B 89 -32.41 3.69 -8.43
C ASN B 89 -32.70 3.22 -9.85
N ILE B 90 -32.79 4.17 -10.80
CA ILE B 90 -33.16 3.84 -12.17
C ILE B 90 -32.11 3.00 -12.92
N PHE B 91 -30.84 3.03 -12.49
CA PHE B 91 -29.75 2.32 -13.19
C PHE B 91 -29.15 1.13 -12.43
N SER B 92 -29.63 0.82 -11.23
CA SER B 92 -28.92 -0.13 -10.38
C SER B 92 -29.39 -1.57 -10.53
N THR B 93 -30.53 -1.82 -11.16
CA THR B 93 -31.00 -3.19 -11.33
C THR B 93 -30.05 -4.01 -12.21
N GLN B 94 -29.83 -5.26 -11.83
CA GLN B 94 -29.24 -6.25 -12.72
C GLN B 94 -30.40 -7.04 -13.31
N ASP B 95 -30.60 -6.91 -14.63
CA ASP B 95 -31.79 -7.50 -15.24
C ASP B 95 -31.87 -9.00 -15.02
N GLN B 96 -30.74 -9.71 -14.92
CA GLN B 96 -30.84 -11.15 -14.71
C GLN B 96 -31.32 -11.48 -13.30
N ALA B 97 -31.01 -10.62 -12.32
CA ALA B 97 -31.48 -10.84 -10.97
C ALA B 97 -32.98 -10.61 -10.89
N ALA B 98 -33.45 -9.49 -11.45
CA ALA B 98 -34.88 -9.22 -11.50
C ALA B 98 -35.63 -10.36 -12.17
N ALA B 99 -35.09 -10.88 -13.27
CA ALA B 99 -35.74 -11.96 -14.00
C ALA B 99 -35.84 -13.23 -13.16
N ALA B 100 -34.78 -13.57 -12.45
CA ALA B 100 -34.79 -14.76 -11.60
C ALA B 100 -35.85 -14.64 -10.51
N ILE B 101 -35.96 -13.47 -9.89
CA ILE B 101 -36.94 -13.27 -8.83
C ILE B 101 -38.36 -13.38 -9.38
N ALA B 102 -38.61 -12.75 -10.53
CA ALA B 102 -39.93 -12.84 -11.14
C ALA B 102 -40.26 -14.27 -11.54
N ALA B 103 -39.29 -14.99 -12.07
CA ALA B 103 -39.47 -16.38 -12.45
C ALA B 103 -39.73 -17.29 -11.24
N ALA B 104 -39.30 -16.88 -10.06
CA ALA B 104 -39.63 -17.61 -8.84
C ALA B 104 -41.01 -17.24 -8.30
N GLY B 105 -41.78 -16.47 -9.04
CA GLY B 105 -43.12 -16.12 -8.57
C GLY B 105 -43.17 -15.02 -7.54
N ILE B 106 -42.18 -14.15 -7.50
CA ILE B 106 -42.13 -13.04 -6.54
C ILE B 106 -42.40 -11.75 -7.30
N PRO B 107 -43.35 -10.92 -6.86
CA PRO B 107 -43.63 -9.67 -7.59
C PRO B 107 -42.46 -8.70 -7.47
N VAL B 108 -41.90 -8.32 -8.62
CA VAL B 108 -40.79 -7.38 -8.69
C VAL B 108 -41.01 -6.50 -9.91
N PHE B 109 -40.76 -5.20 -9.74
CA PHE B 109 -40.99 -4.20 -10.79
C PHE B 109 -39.69 -3.39 -10.90
N ALA B 110 -38.83 -3.79 -11.83
CA ALA B 110 -37.46 -3.28 -11.87
C ALA B 110 -36.73 -3.65 -13.15
N TRP B 111 -36.10 -2.66 -13.78
CA TRP B 111 -35.16 -2.93 -14.86
C TRP B 111 -34.09 -1.85 -14.87
N LYS B 112 -32.98 -2.18 -15.54
CA LYS B 112 -31.88 -1.24 -15.65
C LYS B 112 -32.24 -0.22 -16.72
N GLY B 113 -32.14 1.06 -16.39
CA GLY B 113 -32.43 2.09 -17.36
C GLY B 113 -33.84 2.61 -17.33
N GLU B 114 -34.47 2.65 -16.15
CA GLU B 114 -35.80 3.22 -16.02
C GLU B 114 -35.76 4.73 -16.29
N THR B 115 -36.89 5.26 -16.76
CA THR B 115 -37.12 6.70 -16.65
C THR B 115 -37.56 7.03 -15.23
N GLU B 116 -37.53 8.33 -14.89
CA GLU B 116 -38.04 8.75 -13.60
C GLU B 116 -39.53 8.41 -13.45
N GLU B 117 -40.30 8.55 -14.53
CA GLU B 117 -41.71 8.20 -14.47
C GLU B 117 -41.89 6.71 -14.22
N GLU B 118 -41.12 5.87 -14.91
CA GLU B 118 -41.18 4.42 -14.68
C GLU B 118 -40.74 4.04 -13.27
N TYR B 119 -39.76 4.77 -12.75
CA TYR B 119 -39.29 4.53 -11.39
C TYR B 119 -40.44 4.68 -10.39
N GLU B 120 -41.22 5.75 -10.52
CA GLU B 120 -42.33 5.97 -9.61
C GLU B 120 -43.41 4.92 -9.82
N TRP B 121 -43.68 4.58 -11.08
CA TRP B 121 -44.67 3.55 -11.39
C TRP B 121 -44.29 2.23 -10.74
N CYS B 122 -43.00 1.88 -10.77
CA CYS B 122 -42.57 0.61 -10.18
C CYS B 122 -42.85 0.56 -8.69
N ILE B 123 -42.51 1.64 -7.97
CA ILE B 123 -42.82 1.68 -6.54
C ILE B 123 -44.33 1.55 -6.32
N GLU B 124 -45.12 2.25 -7.13
CA GLU B 124 -46.56 2.18 -6.99
C GLU B 124 -47.09 0.77 -7.24
N GLN B 125 -46.43 0.02 -8.14
CA GLN B 125 -46.85 -1.36 -8.35
C GLN B 125 -46.59 -2.24 -7.14
N THR B 126 -45.65 -1.87 -6.26
CA THR B 126 -45.48 -2.69 -5.06
C THR B 126 -46.51 -2.31 -4.02
N ILE B 127 -46.83 -1.01 -3.94
CA ILE B 127 -47.81 -0.52 -2.97
C ILE B 127 -49.21 -1.03 -3.29
N LEU B 128 -49.59 -1.03 -4.56
CA LEU B 128 -50.93 -1.43 -4.98
C LEU B 128 -50.88 -2.85 -5.52
N LYS B 129 -51.88 -3.65 -5.16
CA LYS B 129 -52.08 -4.95 -5.77
C LYS B 129 -53.51 -5.01 -6.30
N ASP B 130 -53.65 -5.28 -7.59
CA ASP B 130 -54.95 -5.29 -8.27
C ASP B 130 -55.67 -3.96 -8.04
N GLY B 131 -54.92 -2.87 -8.06
CA GLY B 131 -55.51 -1.56 -8.04
C GLY B 131 -55.90 -1.03 -6.68
N GLN B 132 -55.62 -1.75 -5.61
CA GLN B 132 -55.98 -1.34 -4.27
C GLN B 132 -54.78 -1.55 -3.37
N PRO B 133 -54.71 -0.86 -2.23
CA PRO B 133 -53.54 -1.01 -1.36
C PRO B 133 -53.31 -2.47 -0.98
N TRP B 134 -52.08 -2.92 -1.15
CA TRP B 134 -51.68 -4.24 -0.66
C TRP B 134 -51.78 -4.24 0.86
N ASP B 135 -52.00 -5.43 1.44
CA ASP B 135 -52.09 -5.53 2.90
C ASP B 135 -50.68 -5.64 3.49
N ALA B 136 -49.88 -4.62 3.21
CA ALA B 136 -48.50 -4.57 3.67
C ALA B 136 -48.47 -4.34 5.18
N ASN B 137 -47.44 -4.89 5.82
CA ASN B 137 -47.25 -4.60 7.24
C ASN B 137 -45.78 -4.37 7.59
N MET B 138 -44.88 -4.34 6.60
CA MET B 138 -43.46 -4.08 6.86
C MET B 138 -42.87 -3.36 5.66
N VAL B 139 -41.86 -2.53 5.91
CA VAL B 139 -41.18 -1.76 4.86
C VAL B 139 -39.68 -1.99 4.95
N LEU B 140 -39.04 -2.32 3.82
CA LEU B 140 -37.59 -2.32 3.70
C LEU B 140 -37.23 -1.30 2.63
N ASP B 141 -36.37 -0.33 2.99
CA ASP B 141 -36.11 0.84 2.14
C ASP B 141 -34.62 1.12 2.06
N ASP B 142 -34.22 1.79 0.98
CA ASP B 142 -32.81 2.19 0.77
C ASP B 142 -32.86 3.59 0.16
N GLY B 143 -32.77 4.60 1.02
CA GLY B 143 -32.75 5.98 0.58
C GLY B 143 -34.01 6.74 0.93
N GLY B 144 -35.06 6.05 1.36
CA GLY B 144 -36.25 6.73 1.85
C GLY B 144 -37.32 7.09 0.82
N ASP B 145 -37.18 6.69 -0.45
CA ASP B 145 -38.19 7.09 -1.44
C ASP B 145 -39.52 6.38 -1.20
N LEU B 146 -39.47 5.07 -0.96
CA LEU B 146 -40.70 4.34 -0.63
C LEU B 146 -41.32 4.86 0.66
N THR B 147 -40.48 5.10 1.66
CA THR B 147 -40.93 5.67 2.92
C THR B 147 -41.65 7.00 2.72
N GLU B 148 -41.11 7.85 1.85
CA GLU B 148 -41.70 9.17 1.62
C GLU B 148 -43.05 9.06 0.93
N ILE B 149 -43.17 8.20 -0.08
CA ILE B 149 -44.44 8.07 -0.79
C ILE B 149 -45.52 7.55 0.15
N LEU B 150 -45.18 6.57 0.99
CA LEU B 150 -46.17 6.05 1.96
C LEU B 150 -46.65 7.15 2.88
N HIS B 151 -45.73 7.93 3.47
CA HIS B 151 -46.15 8.99 4.39
C HIS B 151 -46.96 10.08 3.70
N LYS B 152 -46.63 10.38 2.44
CA LYS B 152 -47.28 11.48 1.72
C LYS B 152 -48.61 11.05 1.13
N LYS B 153 -48.66 9.85 0.55
CA LYS B 153 -49.79 9.45 -0.29
C LYS B 153 -50.63 8.32 0.28
N TYR B 154 -50.09 7.50 1.19
CA TYR B 154 -50.79 6.33 1.70
C TYR B 154 -50.73 6.25 3.22
N PRO B 155 -51.16 7.30 3.93
CA PRO B 155 -51.11 7.22 5.40
C PRO B 155 -51.92 6.09 5.98
N GLN B 156 -53.05 5.72 5.36
CA GLN B 156 -53.87 4.66 5.93
C GLN B 156 -53.15 3.32 5.88
N MET B 157 -52.24 3.14 4.92
CA MET B 157 -51.42 1.93 4.91
C MET B 157 -50.45 1.92 6.07
N LEU B 158 -49.89 3.07 6.43
CA LEU B 158 -48.93 3.10 7.53
C LEU B 158 -49.57 2.70 8.86
N GLU B 159 -50.89 2.89 9.00
CA GLU B 159 -51.55 2.47 10.22
C GLU B 159 -51.31 0.99 10.51
N ARG B 160 -51.20 0.16 9.48
CA ARG B 160 -51.11 -1.28 9.67
C ARG B 160 -49.69 -1.81 9.49
N ILE B 161 -48.72 -0.92 9.36
CA ILE B 161 -47.32 -1.30 9.13
C ILE B 161 -46.55 -1.23 10.45
N HIS B 162 -45.77 -2.27 10.74
CA HIS B 162 -45.10 -2.36 12.04
C HIS B 162 -43.76 -1.64 12.10
N GLY B 163 -43.17 -1.29 10.96
CA GLY B 163 -41.89 -0.63 10.99
C GLY B 163 -41.21 -0.60 9.63
N ILE B 164 -40.12 0.17 9.61
CA ILE B 164 -39.28 0.39 8.44
C ILE B 164 -37.87 -0.06 8.81
N THR B 165 -37.20 -0.78 7.90
CA THR B 165 -35.78 -1.06 8.10
C THR B 165 -35.02 -0.38 6.96
N GLU B 166 -34.22 0.61 7.30
CA GLU B 166 -33.64 1.52 6.33
C GLU B 166 -32.15 1.25 6.19
N GLU B 167 -31.71 1.13 4.94
CA GLU B 167 -30.38 0.64 4.60
C GLU B 167 -29.28 1.69 4.73
N THR B 168 -29.54 2.93 4.31
CA THR B 168 -28.40 3.79 3.95
C THR B 168 -28.45 5.15 4.65
N THR B 169 -27.27 5.80 4.68
CA THR B 169 -27.07 7.03 5.45
C THR B 169 -28.11 8.09 5.10
N THR B 170 -28.36 8.29 3.80
CA THR B 170 -29.32 9.32 3.38
C THR B 170 -30.74 8.97 3.82
N GLY B 171 -31.11 7.69 3.76
CA GLY B 171 -32.43 7.29 4.24
C GLY B 171 -32.61 7.51 5.73
N VAL B 172 -31.55 7.23 6.50
CA VAL B 172 -31.63 7.47 7.94
C VAL B 172 -31.77 8.96 8.24
N HIS B 173 -31.06 9.79 7.47
CA HIS B 173 -31.18 11.23 7.67
C HIS B 173 -32.61 11.69 7.46
N ARG B 174 -33.29 11.13 6.46
CA ARG B 174 -34.68 11.54 6.21
C ARG B 174 -35.60 11.04 7.31
N LEU B 175 -35.33 9.85 7.86
CA LEU B 175 -36.11 9.33 8.98
C LEU B 175 -35.98 10.22 10.20
N LEU B 176 -34.74 10.60 10.55
CA LEU B 176 -34.54 11.43 11.72
C LEU B 176 -35.17 12.80 11.56
N ASP B 177 -35.20 13.32 10.33
CA ASP B 177 -35.90 14.58 10.12
C ASP B 177 -37.38 14.44 10.40
N MET B 178 -37.99 13.35 9.91
CA MET B 178 -39.39 13.09 10.19
C MET B 178 -39.63 12.94 11.68
N LEU B 179 -38.80 12.13 12.36
CA LEU B 179 -38.98 11.93 13.79
C LEU B 179 -38.92 13.26 14.54
N LYS B 180 -37.94 14.10 14.20
CA LYS B 180 -37.80 15.40 14.84
C LYS B 180 -38.99 16.32 14.54
N ASN B 181 -39.56 16.21 13.35
CA ASN B 181 -40.73 17.03 13.00
C ASN B 181 -42.04 16.43 13.46
N GLY B 182 -42.02 15.24 14.04
CA GLY B 182 -43.27 14.60 14.44
C GLY B 182 -44.07 14.00 13.30
N THR B 183 -43.45 13.73 12.15
CA THR B 183 -44.19 13.21 11.01
C THR B 183 -43.94 11.74 10.73
N LEU B 184 -42.99 11.11 11.42
CA LEU B 184 -42.76 9.68 11.22
C LEU B 184 -43.91 8.90 11.86
N LYS B 185 -44.51 7.99 11.09
CA LYS B 185 -45.72 7.30 11.55
C LYS B 185 -45.43 5.92 12.14
N VAL B 186 -44.29 5.32 11.83
CA VAL B 186 -43.96 3.99 12.33
C VAL B 186 -42.50 3.95 12.73
N PRO B 187 -42.14 3.07 13.66
CA PRO B 187 -40.74 3.00 14.11
C PRO B 187 -39.85 2.47 13.02
N ALA B 188 -38.54 2.70 13.19
CA ALA B 188 -37.58 2.26 12.20
C ALA B 188 -36.34 1.69 12.86
N ILE B 189 -35.68 0.77 12.16
CA ILE B 189 -34.33 0.36 12.52
C ILE B 189 -33.37 0.98 11.52
N ASN B 190 -32.37 1.66 12.04
CA ASN B 190 -31.25 2.23 11.30
C ASN B 190 -30.29 1.07 11.09
N VAL B 191 -30.43 0.42 9.93
CA VAL B 191 -29.55 -0.68 9.57
C VAL B 191 -28.17 -0.17 9.20
N ASN B 192 -28.10 1.05 8.64
CA ASN B 192 -26.82 1.57 8.19
C ASN B 192 -25.78 1.58 9.29
N ASP B 193 -26.17 1.92 10.52
CA ASP B 193 -25.16 2.16 11.55
C ASP B 193 -24.78 0.92 12.35
N SER B 194 -25.17 -0.29 11.94
CA SER B 194 -24.45 -1.47 12.42
C SER B 194 -23.01 -1.37 11.95
N VAL B 195 -22.05 -1.83 12.76
CA VAL B 195 -20.67 -1.76 12.29
C VAL B 195 -20.47 -2.67 11.07
N THR B 196 -21.13 -3.84 11.04
CA THR B 196 -21.10 -4.77 9.91
C THR B 196 -21.87 -4.25 8.70
N LYS B 197 -22.41 -3.05 8.78
CA LYS B 197 -22.95 -2.35 7.62
C LYS B 197 -22.09 -1.12 7.34
N SER B 198 -22.20 -0.07 8.16
CA SER B 198 -21.51 1.19 7.87
C SER B 198 -20.01 1.01 7.62
N LYS B 199 -19.32 0.27 8.49
CA LYS B 199 -17.87 0.12 8.37
C LYS B 199 -17.47 -1.10 7.56
N ASN B 200 -18.37 -1.64 6.77
CA ASN B 200 -18.16 -2.79 5.92
C ASN B 200 -18.58 -2.39 4.51
N ASP B 201 -19.90 -2.38 4.30
CA ASP B 201 -20.59 -1.89 3.11
C ASP B 201 -20.13 -0.50 2.67
N ASN B 202 -20.42 0.54 3.47
CA ASN B 202 -20.17 1.91 2.99
C ASN B 202 -18.72 2.12 2.60
N LYS B 203 -17.80 1.57 3.39
CA LYS B 203 -16.37 1.77 3.17
C LYS B 203 -15.80 0.72 2.19
N TYR B 204 -15.68 -0.55 2.62
CA TYR B 204 -15.02 -1.52 1.75
C TYR B 204 -15.84 -1.83 0.50
N GLY B 205 -17.16 -1.67 0.56
CA GLY B 205 -17.94 -1.88 -0.65
C GLY B 205 -17.57 -0.88 -1.73
N CYS B 206 -17.41 0.39 -1.35
CA CYS B 206 -16.98 1.40 -2.32
C CYS B 206 -15.53 1.20 -2.70
N ARG B 207 -14.71 0.67 -1.79
CA ARG B 207 -13.33 0.36 -2.16
CA ARG B 207 -13.33 0.36 -2.17
C ARG B 207 -13.30 -0.65 -3.31
N HIS B 208 -14.13 -1.69 -3.22
CA HIS B 208 -14.20 -2.68 -4.28
C HIS B 208 -14.79 -2.11 -5.57
N SER B 209 -15.89 -1.36 -5.46
CA SER B 209 -16.72 -1.15 -6.64
C SER B 209 -16.53 0.20 -7.31
N LEU B 210 -15.88 1.18 -6.69
CA LEU B 210 -15.69 2.46 -7.38
C LEU B 210 -14.71 2.32 -8.55
N ASN B 211 -13.49 1.81 -8.30
CA ASN B 211 -12.60 1.66 -9.45
CA ASN B 211 -12.57 1.62 -9.43
C ASN B 211 -13.14 0.64 -10.44
N ASP B 212 -13.91 -0.35 -9.96
CA ASP B 212 -14.61 -1.29 -10.82
C ASP B 212 -15.47 -0.53 -11.84
N ALA B 213 -16.37 0.34 -11.36
CA ALA B 213 -17.27 1.04 -12.28
C ALA B 213 -16.53 1.98 -13.22
N ILE B 214 -15.46 2.63 -12.73
CA ILE B 214 -14.74 3.54 -13.61
C ILE B 214 -14.04 2.77 -14.72
N LYS B 215 -13.43 1.63 -14.38
CA LYS B 215 -12.81 0.79 -15.41
C LYS B 215 -13.84 0.31 -16.42
N ARG B 216 -15.01 -0.14 -15.96
CA ARG B 216 -15.99 -0.67 -16.91
C ARG B 216 -16.49 0.42 -17.85
N GLY B 217 -16.68 1.64 -17.34
CA GLY B 217 -17.26 2.70 -18.16
C GLY B 217 -16.30 3.31 -19.15
N THR B 218 -15.03 3.46 -18.76
CA THR B 218 -14.05 4.17 -19.57
C THR B 218 -12.82 3.36 -19.92
N ASP B 219 -12.52 2.29 -19.19
CA ASP B 219 -11.26 1.55 -19.33
C ASP B 219 -10.03 2.45 -19.18
N HIS B 220 -10.18 3.55 -18.44
CA HIS B 220 -9.06 4.46 -18.20
C HIS B 220 -8.05 3.84 -17.25
N LEU B 221 -6.76 3.94 -17.61
CA LEU B 221 -5.71 3.81 -16.63
C LEU B 221 -5.93 4.83 -15.52
N LEU B 222 -5.82 4.39 -14.26
CA LEU B 222 -5.92 5.31 -13.13
C LEU B 222 -4.56 5.65 -12.53
N SER B 223 -3.62 4.71 -12.52
CA SER B 223 -2.28 4.94 -12.01
C SER B 223 -1.69 6.21 -12.60
N GLY B 224 -1.09 7.04 -11.74
CA GLY B 224 -0.37 8.21 -12.21
C GLY B 224 -1.22 9.45 -12.42
N LYS B 225 -2.53 9.32 -12.39
CA LYS B 225 -3.44 10.44 -12.63
C LYS B 225 -3.91 11.05 -11.32
N GLN B 226 -4.51 12.25 -11.43
CA GLN B 226 -4.92 13.05 -10.28
CA GLN B 226 -4.91 13.03 -10.26
C GLN B 226 -6.40 12.90 -10.03
N ALA B 227 -6.77 12.54 -8.80
CA ALA B 227 -8.16 12.40 -8.38
C ALA B 227 -8.51 13.40 -7.28
N LEU B 228 -9.77 13.81 -7.26
CA LEU B 228 -10.30 14.64 -6.18
C LEU B 228 -11.54 13.95 -5.64
N VAL B 229 -11.47 13.52 -4.38
CA VAL B 229 -12.61 12.90 -3.74
C VAL B 229 -13.25 13.93 -2.83
N ILE B 230 -14.52 14.22 -3.07
CA ILE B 230 -15.26 15.18 -2.25
C ILE B 230 -15.93 14.39 -1.12
N GLY B 231 -15.42 14.57 0.09
CA GLY B 231 -15.96 13.86 1.24
C GLY B 231 -15.02 12.75 1.72
N TYR B 232 -15.02 12.53 3.03
CA TYR B 232 -14.16 11.51 3.63
C TYR B 232 -14.88 10.90 4.83
N GLY B 233 -16.18 10.67 4.68
CA GLY B 233 -16.93 9.82 5.59
C GLY B 233 -16.66 8.38 5.23
N ASP B 234 -17.61 7.49 5.54
CA ASP B 234 -17.35 6.08 5.24
C ASP B 234 -17.21 5.84 3.73
N VAL B 235 -18.10 6.43 2.92
CA VAL B 235 -18.01 6.24 1.47
C VAL B 235 -16.78 6.94 0.90
N GLY B 236 -16.48 8.15 1.37
CA GLY B 236 -15.29 8.85 0.89
C GLY B 236 -14.00 8.14 1.27
N LYS B 237 -13.94 7.57 2.48
CA LYS B 237 -12.79 6.78 2.89
C LYS B 237 -12.56 5.61 1.96
N GLY B 238 -13.64 4.85 1.69
CA GLY B 238 -13.48 3.69 0.84
C GLY B 238 -13.21 4.07 -0.61
N SER B 239 -13.85 5.13 -1.08
CA SER B 239 -13.60 5.61 -2.44
C SER B 239 -12.16 6.07 -2.61
N SER B 240 -11.65 6.86 -1.66
CA SER B 240 -10.26 7.31 -1.73
C SER B 240 -9.30 6.13 -1.77
N GLN B 241 -9.58 5.08 -0.98
CA GLN B 241 -8.72 3.90 -1.04
C GLN B 241 -8.85 3.19 -2.38
N SER B 242 -10.06 3.12 -2.94
CA SER B 242 -10.27 2.51 -4.25
C SER B 242 -9.35 3.11 -5.31
N LEU B 243 -9.15 4.42 -5.26
CA LEU B 243 -8.32 5.11 -6.24
C LEU B 243 -6.84 5.09 -5.86
N ARG B 244 -6.51 5.30 -4.60
CA ARG B 244 -5.10 5.31 -4.19
C ARG B 244 -4.45 3.94 -4.39
N GLN B 245 -5.20 2.86 -4.15
CA GLN B 245 -4.62 1.52 -4.33
C GLN B 245 -4.36 1.20 -5.80
N GLU B 246 -4.99 1.92 -6.72
CA GLU B 246 -4.69 1.79 -8.13
C GLU B 246 -3.52 2.67 -8.55
N GLY B 247 -2.96 3.46 -7.64
CA GLY B 247 -1.88 4.36 -7.99
C GLY B 247 -2.28 5.78 -8.35
N MET B 248 -3.53 6.17 -8.12
CA MET B 248 -3.89 7.56 -8.32
C MET B 248 -3.23 8.45 -7.26
N ILE B 249 -2.98 9.70 -7.65
CA ILE B 249 -2.60 10.75 -6.70
C ILE B 249 -3.90 11.39 -6.24
N VAL B 250 -4.34 11.08 -5.02
CA VAL B 250 -5.68 11.41 -4.54
C VAL B 250 -5.61 12.61 -3.62
N LYS B 251 -6.42 13.63 -3.93
CA LYS B 251 -6.67 14.74 -3.00
C LYS B 251 -8.09 14.60 -2.44
N VAL B 252 -8.30 15.09 -1.21
CA VAL B 252 -9.56 14.89 -0.49
C VAL B 252 -10.07 16.26 -0.03
N ALA B 253 -11.37 16.50 -0.25
CA ALA B 253 -12.04 17.68 0.27
C ALA B 253 -12.99 17.26 1.38
N GLU B 254 -13.15 18.11 2.40
CA GLU B 254 -14.03 17.83 3.51
C GLU B 254 -14.46 19.15 4.13
N VAL B 255 -15.65 19.15 4.70
CA VAL B 255 -16.10 20.22 5.59
C VAL B 255 -15.89 19.86 7.06
N ASP B 256 -15.72 18.58 7.39
CA ASP B 256 -15.62 18.12 8.76
C ASP B 256 -14.13 18.00 9.11
N PRO B 257 -13.62 18.81 10.04
CA PRO B 257 -12.17 18.77 10.30
C PRO B 257 -11.68 17.46 10.88
N ILE B 258 -12.54 16.71 11.56
CA ILE B 258 -12.10 15.42 12.10
C ILE B 258 -11.90 14.43 10.97
N CYS B 259 -12.84 14.40 10.02
CA CYS B 259 -12.66 13.55 8.84
C CYS B 259 -11.45 13.99 8.02
N ALA B 260 -11.23 15.32 7.93
CA ALA B 260 -10.04 15.83 7.24
C ALA B 260 -8.76 15.41 7.94
N MET B 261 -8.75 15.41 9.28
N MET B 261 -8.75 15.41 9.28
CA MET B 261 -7.58 14.93 10.01
CA MET B 261 -7.57 14.93 9.99
C MET B 261 -7.28 13.49 9.65
C MET B 261 -7.27 13.49 9.61
N GLN B 262 -8.31 12.67 9.53
CA GLN B 262 -8.11 11.28 9.14
C GLN B 262 -7.49 11.19 7.76
N ALA B 263 -7.99 12.00 6.82
CA ALA B 263 -7.44 11.97 5.46
C ALA B 263 -5.96 12.32 5.46
N CYS B 264 -5.59 13.35 6.21
CA CYS B 264 -4.17 13.70 6.31
C CYS B 264 -3.36 12.52 6.83
N MET B 265 -3.76 11.96 7.97
CA MET B 265 -2.99 10.87 8.57
C MET B 265 -2.99 9.62 7.68
N ASP B 266 -4.04 9.45 6.86
CA ASP B 266 -4.07 8.34 5.92
C ASP B 266 -3.19 8.59 4.69
N GLY B 267 -2.54 9.74 4.62
CA GLY B 267 -1.58 10.01 3.57
C GLY B 267 -2.13 10.75 2.38
N PHE B 268 -3.21 11.50 2.56
CA PHE B 268 -3.81 12.29 1.49
C PHE B 268 -3.60 13.78 1.75
N GLU B 269 -3.49 14.53 0.67
CA GLU B 269 -3.47 15.98 0.74
C GLU B 269 -4.90 16.47 0.79
N VAL B 270 -5.20 17.38 1.71
CA VAL B 270 -6.56 17.86 1.90
C VAL B 270 -6.67 19.25 1.28
N VAL B 271 -7.57 19.40 0.31
CA VAL B 271 -7.69 20.62 -0.49
C VAL B 271 -9.16 21.00 -0.63
N SER B 272 -9.39 22.26 -1.00
CA SER B 272 -10.74 22.68 -1.30
C SER B 272 -10.87 23.11 -2.75
N PRO B 273 -12.01 22.82 -3.39
CA PRO B 273 -12.26 23.39 -4.73
C PRO B 273 -12.29 24.90 -4.74
N TYR B 274 -12.55 25.54 -3.61
CA TYR B 274 -12.67 26.98 -3.51
C TYR B 274 -11.44 27.57 -2.83
N LYS B 275 -11.08 28.78 -3.24
CA LYS B 275 -9.95 29.46 -2.65
C LYS B 275 -10.20 29.67 -1.17
N ASN B 276 -9.25 29.26 -0.34
CA ASN B 276 -9.36 29.36 1.12
C ASN B 276 -10.58 28.62 1.65
N GLY B 277 -11.16 27.74 0.82
CA GLY B 277 -12.33 26.98 1.20
C GLY B 277 -13.64 27.74 1.16
N ILE B 278 -13.65 28.98 0.68
CA ILE B 278 -14.82 29.85 0.75
C ILE B 278 -15.52 29.85 -0.61
N ASN B 279 -16.72 29.27 -0.65
CA ASN B 279 -17.56 29.22 -1.84
C ASN B 279 -18.48 30.45 -1.86
N ASP B 280 -18.13 31.47 -2.65
CA ASP B 280 -18.97 32.66 -2.74
C ASP B 280 -19.87 32.66 -3.97
N GLY B 281 -19.98 31.53 -4.67
CA GLY B 281 -20.89 31.38 -5.78
C GLY B 281 -20.38 31.83 -7.13
N THR B 282 -19.20 32.44 -7.18
CA THR B 282 -18.68 32.97 -8.43
C THR B 282 -17.47 32.18 -8.88
N GLU B 283 -17.11 32.38 -10.16
CA GLU B 283 -15.92 31.75 -10.71
C GLU B 283 -14.65 32.21 -10.01
N ALA B 284 -14.65 33.44 -9.48
CA ALA B 284 -13.45 33.96 -8.85
C ALA B 284 -13.05 33.16 -7.62
N SER B 285 -14.01 32.50 -6.98
CA SER B 285 -13.67 31.71 -5.80
C SER B 285 -13.13 30.32 -6.14
N ILE B 286 -13.19 29.88 -7.39
CA ILE B 286 -12.73 28.54 -7.75
C ILE B 286 -11.22 28.52 -7.83
N ASP B 287 -10.61 27.49 -7.23
CA ASP B 287 -9.17 27.27 -7.38
C ASP B 287 -8.98 26.64 -8.76
N ALA B 288 -8.85 27.50 -9.77
CA ALA B 288 -8.78 27.02 -11.15
C ALA B 288 -7.49 26.27 -11.42
N ALA B 289 -6.40 26.65 -10.75
CA ALA B 289 -5.15 25.91 -10.90
C ALA B 289 -5.31 24.47 -10.42
N LEU B 290 -5.94 24.30 -9.26
CA LEU B 290 -6.19 22.95 -8.75
C LEU B 290 -7.09 22.15 -9.68
N LEU B 291 -8.26 22.70 -10.05
CA LEU B 291 -9.22 21.91 -10.80
C LEU B 291 -8.73 21.63 -12.21
N GLY B 292 -7.87 22.49 -12.76
CA GLY B 292 -7.28 22.24 -14.06
C GLY B 292 -6.28 21.11 -14.11
N LYS B 293 -5.96 20.52 -12.96
CA LYS B 293 -5.05 19.37 -12.84
C LYS B 293 -5.76 18.05 -12.58
N ILE B 294 -7.06 18.07 -12.34
CA ILE B 294 -7.79 16.91 -11.83
C ILE B 294 -8.29 16.07 -13.00
N ASP B 295 -7.91 14.78 -13.04
CA ASP B 295 -8.39 13.87 -14.07
C ASP B 295 -9.70 13.19 -13.71
N LEU B 296 -10.08 13.20 -12.43
CA LEU B 296 -11.22 12.43 -11.97
C LEU B 296 -11.74 13.08 -10.69
N ILE B 297 -13.03 13.35 -10.64
CA ILE B 297 -13.68 13.85 -9.43
C ILE B 297 -14.79 12.89 -9.05
N VAL B 298 -14.87 12.57 -7.76
CA VAL B 298 -15.86 11.65 -7.22
C VAL B 298 -16.52 12.31 -6.02
N THR B 299 -17.86 12.36 -6.02
CA THR B 299 -18.61 12.96 -4.92
C THR B 299 -19.16 11.85 -4.00
N THR B 300 -19.04 12.03 -2.68
CA THR B 300 -19.34 10.96 -1.73
C THR B 300 -20.12 11.45 -0.50
N THR B 301 -20.85 12.56 -0.60
CA THR B 301 -21.21 13.34 0.58
C THR B 301 -22.63 13.10 1.07
N GLY B 302 -23.55 12.76 0.19
CA GLY B 302 -24.95 12.86 0.57
C GLY B 302 -25.45 14.29 0.67
N ASN B 303 -24.67 15.26 0.22
CA ASN B 303 -25.01 16.68 0.30
C ASN B 303 -25.41 17.15 -1.10
N VAL B 304 -25.68 18.44 -1.24
CA VAL B 304 -26.21 19.01 -2.47
C VAL B 304 -25.14 19.90 -3.11
N ASN B 305 -24.92 19.71 -4.41
CA ASN B 305 -24.13 20.63 -5.23
C ASN B 305 -22.71 20.78 -4.69
N VAL B 306 -22.06 19.64 -4.44
CA VAL B 306 -20.68 19.65 -3.98
C VAL B 306 -19.71 19.56 -5.14
N CYS B 307 -20.21 19.33 -6.35
CA CYS B 307 -19.42 19.50 -7.58
C CYS B 307 -20.30 20.42 -8.43
N ASP B 308 -20.09 21.73 -8.31
CA ASP B 308 -21.04 22.70 -8.82
C ASP B 308 -20.64 23.16 -10.23
N ALA B 309 -21.46 24.04 -10.81
CA ALA B 309 -21.26 24.46 -12.20
C ALA B 309 -19.89 25.10 -12.39
N ASN B 310 -19.48 25.95 -11.46
CA ASN B 310 -18.19 26.62 -11.61
C ASN B 310 -17.03 25.65 -11.50
N MET B 311 -17.15 24.62 -10.65
CA MET B 311 -16.17 23.55 -10.65
C MET B 311 -16.15 22.83 -11.99
N LEU B 312 -17.33 22.53 -12.55
CA LEU B 312 -17.39 21.79 -13.80
C LEU B 312 -16.75 22.59 -14.93
N LYS B 313 -16.94 23.91 -14.92
CA LYS B 313 -16.33 24.75 -15.95
C LYS B 313 -14.83 24.78 -15.82
N ALA B 314 -14.30 24.61 -14.61
CA ALA B 314 -12.86 24.72 -14.38
C ALA B 314 -12.11 23.40 -14.50
N LEU B 315 -12.82 22.27 -14.52
CA LEU B 315 -12.15 20.99 -14.57
C LEU B 315 -11.25 20.87 -15.80
N LYS B 316 -10.14 20.15 -15.63
CA LYS B 316 -9.26 19.78 -16.74
C LYS B 316 -10.06 19.13 -17.88
N LYS B 317 -9.70 19.46 -19.11
CA LYS B 317 -10.33 18.81 -20.25
C LYS B 317 -10.25 17.29 -20.11
N ARG B 318 -11.35 16.63 -20.44
CA ARG B 318 -11.47 15.17 -20.50
C ARG B 318 -11.45 14.51 -19.14
N ALA B 319 -11.66 15.29 -18.08
CA ALA B 319 -11.82 14.70 -16.75
C ALA B 319 -13.09 13.85 -16.69
N VAL B 320 -13.04 12.83 -15.85
CA VAL B 320 -14.19 11.99 -15.51
C VAL B 320 -14.86 12.56 -14.26
N VAL B 321 -16.19 12.67 -14.32
CA VAL B 321 -17.01 13.15 -13.22
C VAL B 321 -17.98 12.03 -12.81
N CYS B 322 -18.02 11.71 -11.51
CA CYS B 322 -18.99 10.72 -11.08
C CYS B 322 -19.35 10.93 -9.62
N ASN B 323 -20.45 10.29 -9.23
CA ASN B 323 -21.08 10.41 -7.93
C ASN B 323 -21.32 9.02 -7.36
N ILE B 324 -20.92 8.80 -6.11
CA ILE B 324 -21.18 7.54 -5.45
C ILE B 324 -22.04 7.72 -4.19
N GLY B 325 -22.48 8.94 -3.90
CA GLY B 325 -23.53 9.15 -2.91
C GLY B 325 -24.88 8.73 -3.45
N HIS B 326 -25.89 8.76 -2.58
CA HIS B 326 -27.17 8.13 -2.93
C HIS B 326 -27.91 8.85 -4.07
N PHE B 327 -27.92 10.19 -4.07
CA PHE B 327 -28.73 10.94 -5.04
C PHE B 327 -27.85 11.72 -6.00
N ASP B 328 -28.37 11.97 -7.22
CA ASP B 328 -27.58 12.60 -8.28
C ASP B 328 -27.41 14.11 -8.12
N ASN B 329 -28.01 14.75 -7.12
CA ASN B 329 -27.88 16.20 -7.00
C ASN B 329 -26.54 16.61 -6.38
N GLU B 330 -25.66 15.66 -6.07
CA GLU B 330 -24.32 16.01 -5.63
C GLU B 330 -23.58 16.80 -6.70
N ILE B 331 -23.88 16.50 -7.97
CA ILE B 331 -23.28 17.16 -9.13
C ILE B 331 -24.38 17.98 -9.80
N ASP B 332 -24.04 19.18 -10.24
CA ASP B 332 -25.01 20.02 -10.95
C ASP B 332 -25.11 19.54 -12.40
N THR B 333 -25.72 18.36 -12.57
CA THR B 333 -25.97 17.88 -13.93
C THR B 333 -27.03 18.72 -14.64
N ALA B 334 -27.94 19.34 -13.89
CA ALA B 334 -28.93 20.20 -14.52
C ALA B 334 -28.26 21.33 -15.29
N PHE B 335 -27.24 21.94 -14.70
CA PHE B 335 -26.49 22.96 -15.42
C PHE B 335 -25.94 22.40 -16.73
N MET B 336 -25.37 21.18 -16.68
CA MET B 336 -24.78 20.61 -17.89
C MET B 336 -25.84 20.28 -18.95
N ARG B 337 -27.02 19.82 -18.53
CA ARG B 337 -28.10 19.58 -19.50
C ARG B 337 -28.56 20.87 -20.16
N LYS B 338 -28.58 21.98 -19.41
CA LYS B 338 -29.09 23.23 -19.96
C LYS B 338 -28.10 23.87 -20.94
N ASN B 339 -26.81 23.64 -20.75
CA ASN B 339 -25.80 24.46 -21.40
C ASN B 339 -24.88 23.71 -22.36
N TRP B 340 -24.68 22.41 -22.19
CA TRP B 340 -23.65 21.68 -22.93
C TRP B 340 -24.27 20.52 -23.70
N ALA B 341 -23.58 20.07 -24.74
CA ALA B 341 -24.09 19.03 -25.61
C ALA B 341 -23.63 17.67 -25.13
N TRP B 342 -24.57 16.71 -25.03
CA TRP B 342 -24.28 15.39 -24.49
C TRP B 342 -24.13 14.39 -25.64
N GLU B 343 -23.03 13.66 -25.63
CA GLU B 343 -22.74 12.61 -26.60
C GLU B 343 -22.68 11.28 -25.87
N GLU B 344 -23.59 10.38 -26.16
CA GLU B 344 -23.56 9.08 -25.50
C GLU B 344 -22.42 8.26 -26.09
N VAL B 345 -21.53 7.79 -25.24
CA VAL B 345 -20.51 6.85 -25.69
C VAL B 345 -21.09 5.46 -25.78
N LYS B 346 -21.71 5.04 -24.68
CA LYS B 346 -22.42 3.79 -24.53
C LYS B 346 -23.32 3.96 -23.31
N PRO B 347 -24.19 3.01 -23.00
CA PRO B 347 -25.11 3.22 -21.86
C PRO B 347 -24.38 3.66 -20.59
N GLN B 348 -24.91 4.72 -19.95
CA GLN B 348 -24.38 5.26 -18.71
C GLN B 348 -22.98 5.83 -18.86
N VAL B 349 -22.56 6.19 -20.07
CA VAL B 349 -21.31 6.92 -20.26
C VAL B 349 -21.57 8.02 -21.28
N HIS B 350 -21.38 9.27 -20.87
CA HIS B 350 -21.63 10.42 -21.76
C HIS B 350 -20.43 11.36 -21.80
N LYS B 351 -20.11 11.84 -22.99
CA LYS B 351 -19.23 12.99 -23.13
C LYS B 351 -20.09 14.25 -23.11
N ILE B 352 -19.69 15.22 -22.29
CA ILE B 352 -20.40 16.49 -22.18
C ILE B 352 -19.47 17.54 -22.79
N HIS B 353 -19.85 18.07 -23.95
CA HIS B 353 -19.02 18.99 -24.69
C HIS B 353 -19.26 20.42 -24.22
N ARG B 354 -18.22 21.04 -23.66
CA ARG B 354 -18.33 22.37 -23.07
C ARG B 354 -18.24 23.48 -24.10
N THR B 355 -18.22 23.12 -25.39
CA THR B 355 -18.21 24.09 -26.47
C THR B 355 -19.58 24.71 -26.76
N GLY B 356 -20.64 24.22 -26.13
CA GLY B 356 -21.98 24.81 -26.28
C GLY B 356 -23.08 23.77 -26.29
N LYS B 357 -24.34 24.20 -26.46
CA LYS B 357 -25.45 23.26 -26.44
C LYS B 357 -25.86 22.77 -27.81
N ASP B 358 -25.63 23.55 -28.86
CA ASP B 358 -26.18 23.25 -30.18
C ASP B 358 -25.17 22.38 -30.94
N GLY B 359 -25.26 21.07 -30.72
CA GLY B 359 -24.39 20.14 -31.42
C GLY B 359 -22.97 20.15 -30.88
N PHE B 360 -22.16 19.25 -31.46
CA PHE B 360 -20.77 19.12 -31.06
C PHE B 360 -19.95 18.57 -32.23
N ASP B 361 -18.67 18.91 -32.23
CA ASP B 361 -17.70 18.30 -33.14
C ASP B 361 -17.28 16.95 -32.57
N ALA B 362 -17.31 15.91 -33.41
CA ALA B 362 -17.03 14.55 -32.94
C ALA B 362 -15.60 14.41 -32.43
N HIS B 363 -14.70 15.28 -32.87
CA HIS B 363 -13.31 15.28 -32.42
C HIS B 363 -12.98 16.43 -31.49
N ASN B 364 -14.00 17.07 -30.91
CA ASN B 364 -13.76 18.11 -29.93
C ASN B 364 -12.93 17.56 -28.78
N ASP B 365 -11.97 18.35 -28.30
CA ASP B 365 -11.15 17.93 -27.18
C ASP B 365 -11.63 18.46 -25.83
N ASP B 366 -12.56 19.42 -25.83
CA ASP B 366 -12.99 20.06 -24.59
C ASP B 366 -14.31 19.45 -24.15
N TYR B 367 -14.21 18.32 -23.43
CA TYR B 367 -15.39 17.63 -22.93
C TYR B 367 -15.03 17.01 -21.59
N LEU B 368 -16.07 16.67 -20.83
CA LEU B 368 -15.94 15.85 -19.63
C LEU B 368 -16.62 14.52 -19.88
N ILE B 369 -16.26 13.51 -19.12
CA ILE B 369 -16.97 12.23 -19.18
C ILE B 369 -17.78 12.06 -17.90
N LEU B 370 -19.11 12.03 -18.05
CA LEU B 370 -20.03 11.80 -16.95
C LEU B 370 -20.48 10.35 -16.94
N LEU B 371 -20.38 9.70 -15.78
CA LEU B 371 -20.75 8.31 -15.60
C LEU B 371 -22.12 8.23 -14.95
N ALA B 372 -22.96 7.31 -15.45
CA ALA B 372 -24.29 7.02 -14.89
C ALA B 372 -25.17 8.26 -14.74
N GLU B 373 -24.93 9.28 -15.57
CA GLU B 373 -25.71 10.53 -15.54
C GLU B 373 -25.72 11.11 -14.12
N GLY B 374 -24.64 10.90 -13.38
CA GLY B 374 -24.53 11.42 -12.03
C GLY B 374 -25.15 10.55 -10.97
N ARG B 375 -25.81 9.46 -11.34
CA ARG B 375 -26.42 8.54 -10.38
C ARG B 375 -25.34 7.64 -9.78
N LEU B 376 -25.69 6.95 -8.69
CA LEU B 376 -24.74 6.06 -8.00
C LEU B 376 -23.86 5.29 -8.97
N VAL B 377 -22.55 5.60 -9.01
CA VAL B 377 -21.76 5.10 -10.14
C VAL B 377 -21.41 3.63 -9.99
N ASN B 378 -21.20 3.14 -8.77
CA ASN B 378 -20.80 1.75 -8.63
C ASN B 378 -21.90 0.81 -9.10
N LEU B 379 -23.15 1.18 -8.81
CA LEU B 379 -24.28 0.38 -9.26
C LEU B 379 -24.69 0.72 -10.69
N GLY B 380 -24.50 1.96 -11.13
CA GLY B 380 -24.88 2.32 -12.49
C GLY B 380 -23.97 1.76 -13.56
N ASN B 381 -22.66 1.72 -13.31
CA ASN B 381 -21.67 1.32 -14.31
C ASN B 381 -21.01 -0.01 -14.01
N ALA B 382 -21.24 -0.59 -12.83
CA ALA B 382 -20.82 -1.96 -12.56
C ALA B 382 -21.94 -2.70 -11.84
N THR B 383 -21.65 -3.43 -10.76
CA THR B 383 -22.67 -4.22 -10.09
C THR B 383 -22.78 -3.88 -8.60
N GLY B 384 -22.34 -2.70 -8.20
CA GLY B 384 -22.41 -2.38 -6.79
C GLY B 384 -21.44 -3.24 -5.99
N HIS B 385 -21.74 -3.35 -4.70
CA HIS B 385 -20.85 -4.05 -3.79
C HIS B 385 -20.89 -5.55 -4.08
N PRO B 386 -19.82 -6.27 -3.76
CA PRO B 386 -19.82 -7.72 -3.96
C PRO B 386 -20.63 -8.44 -2.89
N SER B 387 -21.07 -9.64 -3.25
CA SER B 387 -21.92 -10.46 -2.38
C SER B 387 -21.36 -10.59 -0.96
N ARG B 388 -20.06 -10.88 -0.82
CA ARG B 388 -19.52 -11.16 0.51
C ARG B 388 -19.56 -9.94 1.41
N ILE B 389 -19.55 -8.73 0.84
CA ILE B 389 -19.75 -7.53 1.65
C ILE B 389 -21.23 -7.31 1.92
N MET B 390 -22.10 -7.49 0.91
CA MET B 390 -23.53 -7.24 1.16
C MET B 390 -24.10 -8.24 2.15
N ASP B 391 -23.45 -9.40 2.30
CA ASP B 391 -23.80 -10.38 3.32
C ASP B 391 -24.02 -9.72 4.67
N GLY B 392 -23.11 -8.83 5.06
CA GLY B 392 -23.24 -8.16 6.36
C GLY B 392 -24.46 -7.25 6.42
N SER B 393 -24.60 -6.38 5.42
CA SER B 393 -25.73 -5.48 5.36
C SER B 393 -27.05 -6.24 5.41
N PHE B 394 -27.15 -7.31 4.63
CA PHE B 394 -28.44 -7.96 4.43
C PHE B 394 -28.76 -8.96 5.53
N ALA B 395 -27.76 -9.52 6.21
CA ALA B 395 -28.02 -10.20 7.47
C ALA B 395 -28.64 -9.25 8.48
N ASN B 396 -28.09 -8.03 8.58
CA ASN B 396 -28.69 -7.03 9.47
C ASN B 396 -30.12 -6.70 9.06
N GLN B 397 -30.38 -6.57 7.76
CA GLN B 397 -31.74 -6.28 7.27
C GLN B 397 -32.72 -7.36 7.71
N VAL B 398 -32.36 -8.63 7.49
CA VAL B 398 -33.25 -9.74 7.86
C VAL B 398 -33.54 -9.69 9.37
N LEU B 399 -32.49 -9.49 10.17
CA LEU B 399 -32.68 -9.43 11.62
C LEU B 399 -33.52 -8.21 12.00
N ALA B 400 -33.32 -7.08 11.34
CA ALA B 400 -34.11 -5.90 11.64
C ALA B 400 -35.59 -6.13 11.30
N GLN B 401 -35.85 -6.75 10.13
CA GLN B 401 -37.22 -7.14 9.79
C GLN B 401 -37.82 -8.02 10.86
N ILE B 402 -37.08 -9.04 11.31
CA ILE B 402 -37.63 -9.94 12.32
C ILE B 402 -37.96 -9.18 13.60
N HIS B 403 -37.06 -8.31 14.04
CA HIS B 403 -37.28 -7.58 15.28
C HIS B 403 -38.54 -6.73 15.23
N LEU B 404 -38.69 -5.90 14.19
CA LEU B 404 -39.85 -5.00 14.13
C LEU B 404 -41.14 -5.77 13.87
N PHE B 405 -41.09 -6.83 13.06
CA PHE B 405 -42.32 -7.59 12.85
C PHE B 405 -42.77 -8.27 14.14
N GLU B 406 -41.82 -8.72 14.96
CA GLU B 406 -42.19 -9.36 16.22
C GLU B 406 -42.73 -8.35 17.22
N GLN B 407 -42.26 -7.09 17.17
CA GLN B 407 -42.77 -6.08 18.09
CA GLN B 407 -42.77 -6.09 18.10
C GLN B 407 -44.22 -5.73 17.81
N LYS B 408 -44.66 -5.84 16.56
CA LYS B 408 -46.07 -5.61 16.19
C LYS B 408 -46.56 -4.22 16.59
N TYR B 409 -45.79 -3.17 16.23
CA TYR B 409 -46.14 -1.80 16.61
C TYR B 409 -47.57 -1.42 16.19
N ALA B 410 -48.01 -1.85 15.00
CA ALA B 410 -49.32 -1.42 14.50
C ALA B 410 -50.48 -1.88 15.37
N ASP B 411 -50.27 -2.95 16.15
CA ASP B 411 -51.29 -3.49 17.04
C ASP B 411 -51.24 -2.89 18.44
N LEU B 412 -50.24 -2.07 18.74
CA LEU B 412 -50.13 -1.50 20.08
C LEU B 412 -51.18 -0.42 20.30
N PRO B 413 -51.65 -0.26 21.55
CA PRO B 413 -52.48 0.90 21.88
C PRO B 413 -51.73 2.20 21.65
N ALA B 414 -52.49 3.28 21.48
CA ALA B 414 -51.88 4.57 21.19
C ALA B 414 -50.82 4.94 22.22
N ALA B 415 -51.12 4.70 23.50
CA ALA B 415 -50.18 5.06 24.56
C ALA B 415 -48.89 4.27 24.45
N GLU B 416 -48.95 3.02 24.01
CA GLU B 416 -47.73 2.23 23.88
C GLU B 416 -46.96 2.61 22.61
N LYS B 417 -47.68 2.91 21.52
CA LYS B 417 -47.03 3.39 20.31
C LYS B 417 -46.13 4.58 20.61
N ALA B 418 -46.63 5.53 21.41
CA ALA B 418 -45.88 6.74 21.70
C ALA B 418 -44.55 6.43 22.38
N LYS B 419 -44.50 5.37 23.20
CA LYS B 419 -43.26 4.97 23.86
C LYS B 419 -42.30 4.25 22.94
N ARG B 420 -42.74 3.77 21.78
CA ARG B 420 -41.90 2.97 20.91
C ARG B 420 -41.64 3.60 19.55
N LEU B 421 -42.19 4.77 19.28
CA LEU B 421 -41.92 5.46 18.02
C LEU B 421 -40.51 6.02 18.06
N SER B 422 -39.57 5.30 17.48
CA SER B 422 -38.18 5.72 17.53
C SER B 422 -37.47 5.23 16.29
N VAL B 423 -36.25 5.73 16.10
CA VAL B 423 -35.30 5.21 15.13
C VAL B 423 -34.11 4.65 15.92
N GLU B 424 -33.92 3.33 15.86
CA GLU B 424 -32.97 2.65 16.72
C GLU B 424 -32.03 1.77 15.87
N VAL B 425 -30.91 1.40 16.47
CA VAL B 425 -29.97 0.48 15.83
C VAL B 425 -30.11 -0.89 16.49
N LEU B 426 -29.63 -1.92 15.82
CA LEU B 426 -29.63 -3.25 16.41
C LEU B 426 -28.60 -3.35 17.54
N PRO B 427 -28.86 -4.18 18.55
CA PRO B 427 -27.89 -4.35 19.65
C PRO B 427 -26.55 -4.88 19.17
N LYS B 428 -25.52 -4.58 19.95
CA LYS B 428 -24.15 -4.96 19.58
C LYS B 428 -23.98 -6.47 19.49
N LYS B 429 -24.71 -7.24 20.32
CA LYS B 429 -24.59 -8.70 20.28
C LYS B 429 -24.94 -9.24 18.88
N LEU B 430 -25.97 -8.67 18.25
CA LEU B 430 -26.32 -9.09 16.89
C LEU B 430 -25.23 -8.67 15.90
N ASP B 431 -24.77 -7.42 16.00
CA ASP B 431 -23.68 -6.93 15.16
C ASP B 431 -22.47 -7.87 15.24
N GLU B 432 -22.11 -8.30 16.44
CA GLU B 432 -20.96 -9.18 16.61
C GLU B 432 -21.21 -10.56 16.02
N GLU B 433 -22.43 -11.07 16.13
CA GLU B 433 -22.71 -12.40 15.59
C GLU B 433 -22.71 -12.39 14.06
N VAL B 434 -23.19 -11.31 13.44
CA VAL B 434 -23.05 -11.17 11.99
C VAL B 434 -21.57 -11.15 11.63
N ALA B 435 -20.78 -10.34 12.33
CA ALA B 435 -19.35 -10.25 12.03
C ALA B 435 -18.67 -11.60 12.16
N LEU B 436 -19.07 -12.41 13.15
CA LEU B 436 -18.42 -13.72 13.32
C LEU B 436 -18.68 -14.61 12.12
N GLU B 437 -19.88 -14.56 11.55
CA GLU B 437 -20.13 -15.39 10.38
C GLU B 437 -19.35 -14.89 9.16
N MET B 438 -19.17 -13.58 9.04
CA MET B 438 -18.33 -13.05 7.97
C MET B 438 -16.89 -13.51 8.14
N VAL B 439 -16.35 -13.44 9.36
CA VAL B 439 -14.96 -13.85 9.60
C VAL B 439 -14.78 -15.33 9.26
N LYS B 440 -15.70 -16.18 9.73
CA LYS B 440 -15.61 -17.60 9.41
C LYS B 440 -15.67 -17.84 7.90
N GLY B 441 -16.36 -16.95 7.18
CA GLY B 441 -16.43 -17.09 5.73
C GLY B 441 -15.08 -16.92 5.07
N PHE B 442 -14.23 -16.07 5.66
CA PHE B 442 -12.85 -15.95 5.19
C PHE B 442 -11.95 -17.06 5.70
N GLY B 443 -12.47 -17.94 6.57
CA GLY B 443 -11.66 -18.93 7.24
C GLY B 443 -10.93 -18.39 8.45
N GLY B 444 -11.27 -17.20 8.90
CA GLY B 444 -10.65 -16.65 10.09
C GLY B 444 -11.07 -17.41 11.34
N VAL B 445 -10.18 -17.44 12.31
CA VAL B 445 -10.40 -18.12 13.57
C VAL B 445 -10.35 -17.08 14.69
N VAL B 446 -11.49 -16.82 15.34
CA VAL B 446 -11.55 -15.90 16.47
C VAL B 446 -11.11 -16.62 17.74
N THR B 447 -10.34 -15.95 18.58
CA THR B 447 -9.86 -16.53 19.82
C THR B 447 -10.93 -16.40 20.91
N GLN B 448 -11.10 -17.43 21.73
CA GLN B 448 -12.01 -17.34 22.87
C GLN B 448 -11.25 -16.91 24.13
N LEU B 449 -11.78 -15.91 24.82
CA LEU B 449 -11.22 -15.49 26.10
C LEU B 449 -11.26 -16.61 27.12
N THR B 450 -10.25 -16.67 27.99
CA THR B 450 -10.34 -17.50 29.19
C THR B 450 -11.23 -16.79 30.20
N PRO B 451 -11.78 -17.53 31.18
CA PRO B 451 -12.53 -16.85 32.25
C PRO B 451 -11.74 -15.74 32.94
N LYS B 452 -10.46 -15.99 33.22
CA LYS B 452 -9.59 -14.98 33.84
C LYS B 452 -9.45 -13.75 32.97
N GLN B 453 -9.30 -13.93 31.66
CA GLN B 453 -9.20 -12.78 30.76
C GLN B 453 -10.51 -12.01 30.66
N ALA B 454 -11.62 -12.74 30.50
CA ALA B 454 -12.92 -12.07 30.47
C ALA B 454 -13.15 -11.25 31.73
N GLU B 455 -12.82 -11.81 32.89
CA GLU B 455 -12.87 -11.05 34.13
C GLU B 455 -11.95 -9.83 34.06
N TYR B 456 -10.74 -10.01 33.53
CA TYR B 456 -9.74 -8.95 33.57
C TYR B 456 -10.21 -7.70 32.84
N ILE B 457 -10.87 -7.86 31.69
CA ILE B 457 -11.34 -6.70 30.95
C ILE B 457 -12.82 -6.45 31.14
N GLY B 458 -13.48 -7.22 32.00
CA GLY B 458 -14.86 -6.94 32.35
C GLY B 458 -15.89 -7.24 31.27
N VAL B 459 -15.73 -8.34 30.53
CA VAL B 459 -16.74 -8.74 29.57
C VAL B 459 -17.09 -10.20 29.79
N SER B 460 -18.24 -10.59 29.25
CA SER B 460 -18.60 -12.00 29.18
C SER B 460 -17.80 -12.68 28.08
N VAL B 461 -17.56 -13.98 28.24
CA VAL B 461 -16.80 -14.72 27.22
C VAL B 461 -17.48 -14.67 25.86
N GLU B 462 -18.82 -14.59 25.84
CA GLU B 462 -19.55 -14.57 24.57
C GLU B 462 -19.75 -13.16 24.03
N GLY B 463 -19.27 -12.14 24.72
CA GLY B 463 -19.54 -10.78 24.31
C GLY B 463 -20.88 -10.27 24.84
N PRO B 464 -21.23 -9.00 24.55
CA PRO B 464 -20.50 -8.03 23.72
C PRO B 464 -19.12 -7.70 24.28
N PHE B 465 -18.16 -7.42 23.40
CA PHE B 465 -16.79 -7.20 23.82
C PHE B 465 -16.44 -5.73 23.98
N LYS B 466 -17.32 -4.81 23.60
CA LYS B 466 -17.02 -3.39 23.62
C LYS B 466 -18.22 -2.65 24.19
N PRO B 467 -18.01 -1.50 24.84
CA PRO B 467 -19.14 -0.67 25.24
C PRO B 467 -19.81 -0.06 24.01
N ASP B 468 -21.05 0.40 24.19
CA ASP B 468 -21.78 0.98 23.07
C ASP B 468 -21.08 2.23 22.53
N THR B 469 -20.26 2.90 23.34
CA THR B 469 -19.54 4.07 22.89
C THR B 469 -18.42 3.76 21.90
N TYR B 470 -18.06 2.49 21.71
CA TYR B 470 -16.82 2.21 20.97
C TYR B 470 -17.01 2.47 19.48
N ARG B 471 -15.98 3.06 18.86
CA ARG B 471 -16.07 3.53 17.48
C ARG B 471 -15.39 2.61 16.47
N TYR B 472 -14.61 1.63 16.93
CA TYR B 472 -13.90 0.72 16.02
C TYR B 472 -13.04 1.50 15.03
N PHE C 13 17.52 25.60 42.71
CA PHE C 13 16.41 24.66 42.52
C PHE C 13 16.93 23.24 42.59
N THR C 14 16.36 22.46 43.50
CA THR C 14 16.77 21.08 43.74
C THR C 14 15.60 20.12 43.83
N ASP C 15 14.37 20.57 43.53
CA ASP C 15 13.16 19.79 43.74
C ASP C 15 12.86 18.94 42.50
N TYR C 16 13.75 18.00 42.21
CA TYR C 16 13.64 17.18 41.02
C TYR C 16 14.60 16.01 41.15
N LYS C 17 14.45 15.03 40.27
CA LYS C 17 15.47 13.98 40.16
C LYS C 17 15.45 13.46 38.72
N VAL C 18 16.51 13.74 37.98
CA VAL C 18 16.65 13.30 36.60
C VAL C 18 18.01 12.63 36.45
N ALA C 19 18.21 12.02 35.27
CA ALA C 19 19.41 11.22 35.05
C ALA C 19 20.64 12.10 34.89
N ASP C 20 20.51 13.24 34.21
CA ASP C 20 21.68 14.06 33.91
C ASP C 20 21.17 15.46 33.52
N ILE C 21 21.28 16.40 34.44
CA ILE C 21 20.81 17.77 34.23
C ILE C 21 21.55 18.45 33.09
N THR C 22 22.77 18.01 32.76
CA THR C 22 23.50 18.65 31.69
C THR C 22 22.90 18.38 30.32
N LEU C 23 21.90 17.50 30.23
CA LEU C 23 21.16 17.27 29.00
C LEU C 23 20.10 18.34 28.74
N ALA C 24 20.00 19.37 29.60
CA ALA C 24 18.89 20.31 29.53
C ALA C 24 18.91 21.10 28.22
N ALA C 25 20.08 21.57 27.81
CA ALA C 25 20.17 22.38 26.60
C ALA C 25 19.75 21.59 25.36
N TRP C 26 20.18 20.33 25.28
CA TRP C 26 19.71 19.45 24.20
C TRP C 26 18.20 19.30 24.25
N GLY C 27 17.64 19.00 25.42
CA GLY C 27 16.19 18.86 25.53
C GLY C 27 15.46 20.11 25.08
N ARG C 28 15.98 21.29 25.45
CA ARG C 28 15.34 22.55 25.07
C ARG C 28 15.37 22.77 23.56
N ARG C 29 16.49 22.44 22.90
CA ARG C 29 16.51 22.47 21.45
C ARG C 29 15.39 21.62 20.86
N GLU C 30 15.20 20.41 21.40
CA GLU C 30 14.14 19.54 20.86
C GLU C 30 12.74 20.01 21.27
N LEU C 31 12.58 20.68 22.41
CA LEU C 31 11.27 21.26 22.74
C LEU C 31 10.90 22.36 21.76
N ILE C 32 11.89 23.16 21.34
CA ILE C 32 11.64 24.27 20.43
C ILE C 32 11.23 23.74 19.06
N ILE C 33 11.83 22.64 18.63
CA ILE C 33 11.38 21.99 17.40
C ILE C 33 9.97 21.46 17.58
N ALA C 34 9.73 20.77 18.70
CA ALA C 34 8.43 20.14 18.94
C ALA C 34 7.31 21.18 18.93
N GLU C 35 7.58 22.38 19.46
CA GLU C 35 6.55 23.41 19.45
C GLU C 35 6.10 23.71 18.02
N SER C 36 7.04 23.74 17.06
CA SER C 36 6.67 23.96 15.67
C SER C 36 5.92 22.77 15.07
N GLU C 37 5.93 21.61 15.73
CA GLU C 37 5.18 20.43 15.29
C GLU C 37 3.86 20.24 16.02
N MET C 38 3.48 21.14 16.93
CA MET C 38 2.31 20.95 17.77
C MET C 38 1.41 22.18 17.71
N PRO C 39 0.86 22.49 16.53
CA PRO C 39 0.10 23.74 16.37
C PRO C 39 -1.15 23.82 17.25
N ALA C 40 -1.79 22.69 17.58
CA ALA C 40 -2.99 22.79 18.41
C ALA C 40 -2.62 23.19 19.84
N LEU C 41 -1.57 22.60 20.39
CA LEU C 41 -1.05 22.98 21.70
C LEU C 41 -0.61 24.45 21.71
N MET C 42 0.19 24.84 20.71
N MET C 42 0.18 24.85 20.72
CA MET C 42 0.65 26.24 20.67
CA MET C 42 0.64 26.24 20.73
C MET C 42 -0.52 27.19 20.55
C MET C 42 -0.51 27.21 20.52
N GLY C 43 -1.55 26.81 19.78
CA GLY C 43 -2.72 27.66 19.66
C GLY C 43 -3.42 27.87 20.98
N LEU C 44 -3.44 26.84 21.84
CA LEU C 44 -4.00 27.00 23.18
C LEU C 44 -3.19 27.99 24.00
N ARG C 45 -1.86 27.93 23.89
CA ARG C 45 -1.02 28.92 24.59
C ARG C 45 -1.40 30.33 24.18
N ARG C 46 -1.50 30.57 22.87
CA ARG C 46 -1.85 31.92 22.41
C ARG C 46 -3.27 32.29 22.81
N LYS C 47 -4.20 31.33 22.74
CA LYS C 47 -5.61 31.66 22.95
C LYS C 47 -5.91 31.97 24.41
N TYR C 48 -5.33 31.21 25.34
CA TYR C 48 -5.72 31.29 26.73
C TYR C 48 -4.70 31.99 27.62
N ALA C 49 -3.59 32.47 27.06
CA ALA C 49 -2.58 33.17 27.85
C ALA C 49 -3.20 34.32 28.63
N GLY C 50 -4.09 35.08 28.00
CA GLY C 50 -4.67 36.23 28.67
C GLY C 50 -5.62 35.86 29.80
N GLN C 51 -6.39 34.79 29.63
CA GLN C 51 -7.31 34.41 30.69
C GLN C 51 -6.62 33.72 31.86
N GLN C 52 -5.50 33.05 31.62
CA GLN C 52 -4.85 32.23 32.62
C GLN C 52 -5.84 31.27 33.28
N PRO C 53 -6.51 30.42 32.49
CA PRO C 53 -7.60 29.61 33.06
C PRO C 53 -7.14 28.58 34.09
N LEU C 54 -5.84 28.31 34.19
CA LEU C 54 -5.33 27.36 35.18
C LEU C 54 -4.62 28.06 36.32
N LYS C 55 -4.74 29.37 36.44
CA LYS C 55 -4.18 30.06 37.59
C LYS C 55 -4.78 29.51 38.87
N GLY C 56 -3.92 29.02 39.76
CA GLY C 56 -4.37 28.39 40.99
C GLY C 56 -4.45 26.89 40.92
N ALA C 57 -4.36 26.30 39.73
CA ALA C 57 -4.34 24.85 39.62
C ALA C 57 -2.97 24.32 40.03
N LYS C 58 -2.97 23.21 40.77
CA LYS C 58 -1.75 22.52 41.16
C LYS C 58 -1.91 21.07 40.74
N ILE C 59 -1.20 20.69 39.68
CA ILE C 59 -1.48 19.48 38.94
C ILE C 59 -0.44 18.42 39.26
N LEU C 60 -0.89 17.30 39.83
CA LEU C 60 -0.08 16.09 39.86
C LEU C 60 -0.17 15.44 38.49
N GLY C 61 0.97 15.23 37.83
CA GLY C 61 0.96 14.64 36.51
C GLY C 61 1.78 13.37 36.47
N CYS C 62 1.24 12.31 35.88
CA CYS C 62 1.95 11.03 35.73
C CYS C 62 1.76 10.58 34.30
N ILE C 63 2.71 10.91 33.44
CA ILE C 63 2.68 10.48 32.04
C ILE C 63 4.10 10.54 31.49
N HIS C 64 4.42 9.57 30.63
CA HIS C 64 5.71 9.41 29.97
C HIS C 64 6.43 10.74 29.78
N MET C 65 7.62 10.90 30.38
CA MET C 65 8.32 12.18 30.39
C MET C 65 9.16 12.33 29.11
N THR C 66 8.43 12.50 28.00
CA THR C 66 8.97 12.70 26.67
C THR C 66 9.11 14.18 26.33
N ILE C 67 9.71 14.43 25.17
CA ILE C 67 9.72 15.79 24.65
C ILE C 67 8.28 16.29 24.48
N GLN C 68 7.39 15.42 24.01
CA GLN C 68 6.01 15.81 23.77
C GLN C 68 5.32 16.19 25.08
N THR C 69 5.55 15.40 26.13
CA THR C 69 5.01 15.73 27.44
C THR C 69 5.59 17.03 27.97
N GLY C 70 6.86 17.33 27.60
CA GLY C 70 7.43 18.60 28.00
C GLY C 70 6.65 19.78 27.45
N VAL C 71 6.22 19.68 26.19
CA VAL C 71 5.45 20.78 25.61
C VAL C 71 4.08 20.88 26.28
N LEU C 72 3.48 19.73 26.61
CA LEU C 72 2.25 19.73 27.39
C LEU C 72 2.45 20.40 28.74
N ILE C 73 3.50 20.00 29.46
CA ILE C 73 3.78 20.59 30.76
C ILE C 73 3.90 22.11 30.66
N GLU C 74 4.70 22.58 29.69
CA GLU C 74 4.90 24.01 29.60
C GLU C 74 3.67 24.75 29.10
N THR C 75 2.74 24.06 28.43
CA THR C 75 1.48 24.71 28.08
C THR C 75 0.63 24.93 29.32
N LEU C 76 0.52 23.89 30.17
CA LEU C 76 -0.20 24.01 31.43
C LEU C 76 0.37 25.12 32.30
N VAL C 77 1.70 25.23 32.37
CA VAL C 77 2.32 26.29 33.17
C VAL C 77 2.05 27.65 32.54
N ALA C 78 2.14 27.74 31.20
CA ALA C 78 1.87 28.99 30.52
C ALA C 78 0.45 29.48 30.76
N LEU C 79 -0.47 28.58 31.07
CA LEU C 79 -1.85 28.94 31.34
C LEU C 79 -2.13 29.14 32.83
N GLY C 80 -1.10 29.08 33.67
CA GLY C 80 -1.22 29.45 35.06
C GLY C 80 -0.99 28.33 36.07
N ALA C 81 -0.85 27.08 35.64
CA ALA C 81 -0.77 25.99 36.60
C ALA C 81 0.62 25.87 37.22
N GLU C 82 0.66 25.28 38.41
CA GLU C 82 1.85 24.64 38.95
C GLU C 82 1.68 23.14 38.82
N VAL C 83 2.80 22.43 38.61
CA VAL C 83 2.75 20.99 38.42
C VAL C 83 3.88 20.31 39.19
N ARG C 84 3.72 19.00 39.39
CA ARG C 84 4.76 18.13 39.92
C ARG C 84 4.61 16.82 39.16
N TRP C 85 5.68 16.36 38.50
CA TRP C 85 5.54 15.40 37.40
C TRP C 85 6.36 14.14 37.63
N SER C 86 5.82 13.01 37.17
CA SER C 86 6.56 11.76 37.06
C SER C 86 6.20 11.07 35.75
N SER C 87 6.98 10.07 35.37
CA SER C 87 6.61 9.27 34.22
C SER C 87 5.66 8.16 34.66
N CYS C 88 4.88 7.66 33.70
CA CYS C 88 4.00 6.52 33.98
C CYS C 88 4.58 5.19 33.48
N ASN C 89 5.86 5.18 33.08
CA ASN C 89 6.51 3.92 32.76
C ASN C 89 8.00 4.04 33.06
N ILE C 90 8.61 2.92 33.49
CA ILE C 90 10.01 2.93 33.90
C ILE C 90 10.98 3.16 32.74
N PHE C 91 10.57 2.90 31.49
CA PHE C 91 11.48 3.02 30.35
C PHE C 91 11.13 4.14 29.37
N SER C 92 10.04 4.89 29.61
CA SER C 92 9.53 5.80 28.58
C SER C 92 10.12 7.22 28.64
N THR C 93 10.77 7.60 29.75
CA THR C 93 11.34 8.94 29.84
C THR C 93 12.42 9.16 28.79
N GLN C 94 12.41 10.33 28.17
CA GLN C 94 13.55 10.86 27.44
C GLN C 94 14.33 11.75 28.40
N ASP C 95 15.55 11.35 28.74
CA ASP C 95 16.29 12.06 29.79
C ASP C 95 16.52 13.52 29.45
N GLN C 96 16.70 13.87 28.17
CA GLN C 96 16.90 15.27 27.84
C GLN C 96 15.62 16.08 28.03
N ALA C 97 14.46 15.46 27.81
CA ALA C 97 13.21 16.13 28.14
C ALA C 97 13.08 16.37 29.64
N ALA C 98 13.31 15.34 30.44
CA ALA C 98 13.31 15.50 31.90
C ALA C 98 14.25 16.60 32.34
N ALA C 99 15.47 16.61 31.77
CA ALA C 99 16.44 17.63 32.16
C ALA C 99 15.96 19.03 31.79
N ALA C 100 15.36 19.19 30.61
CA ALA C 100 14.93 20.51 30.17
C ALA C 100 13.82 21.04 31.05
N ILE C 101 12.91 20.16 31.47
CA ILE C 101 11.83 20.57 32.37
C ILE C 101 12.39 20.89 33.75
N ALA C 102 13.26 20.02 34.28
CA ALA C 102 13.88 20.29 35.57
C ALA C 102 14.62 21.62 35.56
N ALA C 103 15.35 21.92 34.47
CA ALA C 103 16.13 23.14 34.41
C ALA C 103 15.27 24.38 34.33
N ALA C 104 14.01 24.25 33.92
CA ALA C 104 13.12 25.39 33.91
C ALA C 104 12.45 25.63 35.26
N GLY C 105 12.85 24.89 36.29
CA GLY C 105 12.30 25.08 37.62
C GLY C 105 11.02 24.32 37.88
N ILE C 106 10.77 23.24 37.16
CA ILE C 106 9.52 22.49 37.27
C ILE C 106 9.84 21.17 37.96
N PRO C 107 9.17 20.83 39.07
CA PRO C 107 9.50 19.58 39.75
C PRO C 107 9.15 18.38 38.88
N VAL C 108 10.15 17.54 38.65
CA VAL C 108 9.96 16.35 37.82
C VAL C 108 10.87 15.26 38.36
N PHE C 109 10.35 14.05 38.46
CA PHE C 109 11.09 12.92 39.01
C PHE C 109 10.93 11.78 38.01
N ALA C 110 11.93 11.61 37.14
CA ALA C 110 11.79 10.68 36.02
C ALA C 110 13.13 10.42 35.34
N TRP C 111 13.45 9.16 35.07
CA TRP C 111 14.57 8.85 34.19
C TRP C 111 14.30 7.57 33.44
N LYS C 112 14.99 7.38 32.33
CA LYS C 112 14.86 6.14 31.58
C LYS C 112 15.59 5.03 32.31
N GLY C 113 14.89 3.93 32.56
CA GLY C 113 15.49 2.79 33.21
C GLY C 113 15.32 2.76 34.70
N GLU C 114 14.20 3.25 35.22
CA GLU C 114 13.89 3.11 36.64
C GLU C 114 13.69 1.65 37.00
N THR C 115 13.95 1.32 38.26
CA THR C 115 13.41 0.10 38.80
C THR C 115 11.93 0.32 39.18
N GLU C 116 11.22 -0.79 39.43
CA GLU C 116 9.83 -0.67 39.89
C GLU C 116 9.75 0.14 41.16
N GLU C 117 10.74 -0.01 42.05
CA GLU C 117 10.73 0.71 43.32
C GLU C 117 10.99 2.19 43.10
N GLU C 118 11.93 2.52 42.21
CA GLU C 118 12.19 3.92 41.90
C GLU C 118 10.98 4.57 41.25
N TYR C 119 10.29 3.82 40.38
CA TYR C 119 9.05 4.30 39.77
C TYR C 119 8.06 4.75 40.85
N GLU C 120 7.81 3.88 41.83
CA GLU C 120 6.93 4.22 42.94
C GLU C 120 7.43 5.45 43.68
N TRP C 121 8.74 5.49 43.96
CA TRP C 121 9.32 6.63 44.66
C TRP C 121 9.06 7.94 43.91
N CYS C 122 9.24 7.92 42.59
CA CYS C 122 9.06 9.15 41.80
C CYS C 122 7.64 9.69 41.93
N ILE C 123 6.64 8.82 41.82
CA ILE C 123 5.27 9.28 41.99
C ILE C 123 5.11 9.88 43.38
N GLU C 124 5.66 9.22 44.39
CA GLU C 124 5.55 9.72 45.77
CA GLU C 124 5.51 9.73 45.76
C GLU C 124 6.17 11.11 45.91
N GLN C 125 7.22 11.38 45.13
CA GLN C 125 7.87 12.70 45.22
C GLN C 125 7.00 13.79 44.59
N THR C 126 6.14 13.45 43.65
CA THR C 126 5.16 14.44 43.18
C THR C 126 4.11 14.69 44.26
N ILE C 127 3.66 13.62 44.92
CA ILE C 127 2.57 13.72 45.89
C ILE C 127 3.03 14.50 47.12
N LEU C 128 4.28 14.29 47.53
CA LEU C 128 4.83 14.88 48.75
C LEU C 128 5.75 16.03 48.40
N LYS C 129 5.57 17.15 49.09
CA LYS C 129 6.48 18.28 48.98
C LYS C 129 7.00 18.59 50.37
N ASP C 130 8.33 18.53 50.54
CA ASP C 130 8.97 18.77 51.82
C ASP C 130 8.40 17.83 52.89
N GLY C 131 8.19 16.57 52.52
CA GLY C 131 7.76 15.54 53.45
C GLY C 131 6.29 15.53 53.79
N GLN C 132 5.52 16.51 53.33
CA GLN C 132 4.09 16.60 53.57
C GLN C 132 3.35 16.55 52.24
N PRO C 133 2.10 16.10 52.24
CA PRO C 133 1.31 16.16 51.00
C PRO C 133 1.29 17.58 50.42
N TRP C 134 1.54 17.66 49.12
CA TRP C 134 1.34 18.88 48.37
C TRP C 134 -0.15 19.22 48.32
N ASP C 135 -0.46 20.51 48.25
CA ASP C 135 -1.86 20.93 48.17
C ASP C 135 -2.34 20.85 46.72
N ALA C 136 -2.24 19.64 46.15
CA ALA C 136 -2.71 19.43 44.80
C ALA C 136 -4.22 19.62 44.71
N ASN C 137 -4.70 20.02 43.52
CA ASN C 137 -6.14 20.09 43.30
C ASN C 137 -6.53 19.55 41.93
N MET C 138 -5.58 19.00 41.17
CA MET C 138 -5.87 18.43 39.85
C MET C 138 -4.93 17.24 39.63
N VAL C 139 -5.39 16.28 38.81
CA VAL C 139 -4.62 15.08 38.50
C VAL C 139 -4.65 14.87 37.00
N LEU C 140 -3.47 14.64 36.41
CA LEU C 140 -3.35 14.22 35.02
C LEU C 140 -2.62 12.89 35.03
N ASP C 141 -3.21 11.86 34.44
CA ASP C 141 -2.73 10.49 34.62
C ASP C 141 -2.79 9.75 33.30
N ASP C 142 -1.92 8.75 33.15
CA ASP C 142 -1.85 7.93 31.94
C ASP C 142 -1.68 6.51 32.44
N GLY C 143 -2.77 5.74 32.45
CA GLY C 143 -2.72 4.37 32.91
C GLY C 143 -3.33 4.12 34.27
N GLY C 144 -3.58 5.17 35.06
CA GLY C 144 -4.26 5.03 36.33
C GLY C 144 -3.40 4.72 37.54
N ASP C 145 -2.06 4.71 37.42
CA ASP C 145 -1.22 4.37 38.58
C ASP C 145 -1.26 5.47 39.64
N LEU C 146 -1.19 6.73 39.21
CA LEU C 146 -1.22 7.83 40.18
C LEU C 146 -2.60 7.94 40.82
N THR C 147 -3.64 7.76 40.01
CA THR C 147 -5.02 7.73 40.52
C THR C 147 -5.20 6.65 41.57
N GLU C 148 -4.64 5.46 41.31
CA GLU C 148 -4.77 4.36 42.25
C GLU C 148 -4.06 4.67 43.57
N ILE C 149 -2.83 5.18 43.49
CA ILE C 149 -2.07 5.48 44.70
C ILE C 149 -2.78 6.52 45.56
N LEU C 150 -3.31 7.57 44.94
CA LEU C 150 -4.04 8.58 45.69
C LEU C 150 -5.25 7.98 46.40
N HIS C 151 -6.02 7.14 45.71
CA HIS C 151 -7.21 6.56 46.34
C HIS C 151 -6.84 5.62 47.48
N LYS C 152 -5.79 4.82 47.32
CA LYS C 152 -5.47 3.78 48.29
C LYS C 152 -4.58 4.27 49.42
N LYS C 153 -3.68 5.20 49.15
CA LYS C 153 -2.68 5.60 50.14
C LYS C 153 -2.83 7.04 50.62
N TYR C 154 -3.44 7.92 49.82
CA TYR C 154 -3.62 9.32 50.21
C TYR C 154 -5.06 9.78 50.01
N PRO C 155 -6.05 9.04 50.54
CA PRO C 155 -7.44 9.40 50.25
C PRO C 155 -7.81 10.81 50.70
N GLN C 156 -7.17 11.33 51.74
CA GLN C 156 -7.48 12.68 52.20
C GLN C 156 -7.12 13.73 51.16
N MET C 157 -6.09 13.49 50.35
CA MET C 157 -5.74 14.48 49.33
C MET C 157 -6.85 14.66 48.32
N LEU C 158 -7.62 13.61 48.05
CA LEU C 158 -8.68 13.70 47.06
C LEU C 158 -9.84 14.59 47.51
N GLU C 159 -9.87 14.97 48.78
CA GLU C 159 -10.86 15.92 49.25
C GLU C 159 -10.66 17.31 48.64
N ARG C 160 -9.45 17.60 48.17
CA ARG C 160 -9.13 18.92 47.61
C ARG C 160 -8.97 18.90 46.11
N ILE C 161 -9.13 17.75 45.46
CA ILE C 161 -8.85 17.60 44.04
C ILE C 161 -10.16 17.71 43.27
N HIS C 162 -10.15 18.56 42.24
CA HIS C 162 -11.34 18.82 41.45
C HIS C 162 -11.56 17.81 40.33
N GLY C 163 -10.55 17.04 39.94
CA GLY C 163 -10.82 16.05 38.91
C GLY C 163 -9.56 15.40 38.41
N ILE C 164 -9.78 14.39 37.56
CA ILE C 164 -8.72 13.62 36.92
C ILE C 164 -8.92 13.70 35.42
N THR C 165 -7.83 13.86 34.66
CA THR C 165 -7.92 13.74 33.22
C THR C 165 -7.02 12.58 32.81
N GLU C 166 -7.62 11.52 32.28
CA GLU C 166 -6.95 10.25 32.05
C GLU C 166 -6.71 10.03 30.56
N GLU C 167 -5.47 9.63 30.23
CA GLU C 167 -4.97 9.64 28.86
C GLU C 167 -5.41 8.42 28.04
N THR C 168 -5.42 7.23 28.65
CA THR C 168 -5.31 6.02 27.83
C THR C 168 -6.39 5.00 28.18
N THR C 169 -6.57 4.06 27.25
CA THR C 169 -7.66 3.09 27.34
C THR C 169 -7.64 2.33 28.67
N THR C 170 -6.46 1.84 29.06
CA THR C 170 -6.36 1.07 30.30
C THR C 170 -6.69 1.92 31.52
N GLY C 171 -6.28 3.19 31.51
CA GLY C 171 -6.62 4.07 32.62
C GLY C 171 -8.12 4.32 32.70
N VAL C 172 -8.77 4.47 31.54
CA VAL C 172 -10.21 4.69 31.53
C VAL C 172 -10.93 3.46 32.06
N HIS C 173 -10.49 2.28 31.62
CA HIS C 173 -11.03 1.04 32.16
C HIS C 173 -10.99 1.03 33.68
N ARG C 174 -9.87 1.43 34.27
CA ARG C 174 -9.76 1.42 35.73
C ARG C 174 -10.70 2.46 36.36
N LEU C 175 -10.82 3.65 35.75
CA LEU C 175 -11.75 4.66 36.25
C LEU C 175 -13.18 4.14 36.26
N LEU C 176 -13.61 3.49 35.18
CA LEU C 176 -14.98 3.01 35.11
C LEU C 176 -15.24 1.92 36.12
N ASP C 177 -14.24 1.07 36.41
CA ASP C 177 -14.41 0.04 37.42
CA ASP C 177 -14.41 0.04 37.42
C ASP C 177 -14.58 0.66 38.80
N MET C 178 -13.81 1.70 39.10
CA MET C 178 -13.98 2.39 40.37
C MET C 178 -15.35 3.05 40.43
N LEU C 179 -15.80 3.65 39.32
CA LEU C 179 -17.11 4.29 39.32
C LEU C 179 -18.22 3.26 39.55
N LYS C 180 -18.14 2.12 38.85
CA LYS C 180 -19.13 1.06 39.01
C LYS C 180 -19.18 0.56 40.44
N ASN C 181 -18.04 0.50 41.12
CA ASN C 181 -17.97 0.02 42.49
C ASN C 181 -18.13 1.13 43.51
N GLY C 182 -18.32 2.37 43.09
CA GLY C 182 -18.55 3.44 44.03
C GLY C 182 -17.33 3.83 44.81
N THR C 183 -16.13 3.60 44.28
CA THR C 183 -14.90 3.94 44.96
C THR C 183 -14.16 5.12 44.34
N LEU C 184 -14.63 5.65 43.21
CA LEU C 184 -14.02 6.82 42.60
C LEU C 184 -14.42 8.06 43.38
N LYS C 185 -13.44 8.86 43.81
CA LYS C 185 -13.72 9.96 44.73
C LYS C 185 -13.85 11.33 44.07
N VAL C 186 -13.37 11.50 42.84
CA VAL C 186 -13.47 12.78 42.14
C VAL C 186 -13.88 12.51 40.70
N PRO C 187 -14.46 13.50 40.02
CA PRO C 187 -14.86 13.31 38.63
C PRO C 187 -13.65 13.23 37.71
N ALA C 188 -13.90 12.72 36.50
CA ALA C 188 -12.83 12.47 35.57
C ALA C 188 -13.31 12.75 34.16
N ILE C 189 -12.36 13.09 33.28
CA ILE C 189 -12.63 13.21 31.86
C ILE C 189 -11.82 12.13 31.15
N ASN C 190 -12.52 11.31 30.36
CA ASN C 190 -11.93 10.33 29.46
C ASN C 190 -11.34 11.08 28.28
N VAL C 191 -10.05 11.42 28.35
CA VAL C 191 -9.39 12.03 27.22
C VAL C 191 -9.20 11.02 26.09
N ASN C 192 -9.03 9.74 26.42
CA ASN C 192 -8.74 8.75 25.39
C ASN C 192 -9.77 8.77 24.26
N ASP C 193 -11.05 8.98 24.58
CA ASP C 193 -12.09 8.74 23.60
C ASP C 193 -12.46 9.94 22.74
N SER C 194 -11.75 11.07 22.83
CA SER C 194 -11.84 12.05 21.76
C SER C 194 -11.34 11.41 20.47
N VAL C 195 -11.97 11.77 19.34
CA VAL C 195 -11.52 11.17 18.08
C VAL C 195 -10.12 11.64 17.75
N THR C 196 -9.81 12.91 18.06
CA THR C 196 -8.45 13.40 17.85
C THR C 196 -7.45 12.82 18.83
N LYS C 197 -7.88 11.90 19.68
CA LYS C 197 -6.99 11.14 20.54
C LYS C 197 -7.04 9.67 20.12
N SER C 198 -8.11 8.96 20.45
CA SER C 198 -8.20 7.53 20.17
C SER C 198 -7.89 7.19 18.72
N LYS C 199 -8.47 7.93 17.76
CA LYS C 199 -8.31 7.55 16.36
C LYS C 199 -7.16 8.29 15.69
N ASN C 200 -6.24 8.82 16.48
CA ASN C 200 -5.09 9.56 16.02
C ASN C 200 -3.86 8.97 16.69
N ASP C 201 -3.75 9.27 17.99
CA ASP C 201 -2.71 8.73 18.86
C ASP C 201 -2.70 7.20 18.87
N ASN C 202 -3.80 6.57 19.29
CA ASN C 202 -3.75 5.13 19.52
C ASN C 202 -3.44 4.37 18.23
N LYS C 203 -3.99 4.83 17.11
CA LYS C 203 -3.84 4.15 15.83
C LYS C 203 -2.58 4.64 15.09
N TYR C 204 -2.57 5.91 14.67
CA TYR C 204 -1.49 6.39 13.83
C TYR C 204 -0.19 6.53 14.61
N GLY C 205 -0.26 6.82 15.91
CA GLY C 205 0.96 6.89 16.71
C GLY C 205 1.71 5.58 16.73
N CYS C 206 0.98 4.47 16.90
CA CYS C 206 1.61 3.15 16.86
C CYS C 206 2.05 2.78 15.45
N ARG C 207 1.33 3.25 14.43
CA ARG C 207 1.80 3.06 13.06
CA ARG C 207 1.80 3.05 13.07
C ARG C 207 3.19 3.65 12.88
N HIS C 208 3.40 4.86 13.41
CA HIS C 208 4.70 5.53 13.29
C HIS C 208 5.75 4.84 14.16
N SER C 209 5.40 4.46 15.39
CA SER C 209 6.44 4.20 16.39
C SER C 209 6.70 2.70 16.64
N LEU C 210 5.83 1.80 16.20
CA LEU C 210 6.13 0.38 16.42
C LEU C 210 7.32 -0.07 15.56
N ASN C 211 7.27 0.11 14.24
CA ASN C 211 8.42 -0.33 13.46
CA ASN C 211 8.41 -0.31 13.43
C ASN C 211 9.66 0.47 13.82
N ASP C 212 9.48 1.73 14.22
CA ASP C 212 10.59 2.56 14.69
C ASP C 212 11.31 1.88 15.84
N ALA C 213 10.55 1.44 16.87
CA ALA C 213 11.16 0.80 18.03
C ALA C 213 11.81 -0.52 17.66
N ILE C 214 11.17 -1.31 16.81
CA ILE C 214 11.76 -2.60 16.44
C ILE C 214 13.08 -2.38 15.71
N LYS C 215 13.14 -1.40 14.81
CA LYS C 215 14.38 -1.14 14.10
C LYS C 215 15.47 -0.65 15.05
N ARG C 216 15.15 0.26 15.96
CA ARG C 216 16.19 0.74 16.86
C ARG C 216 16.71 -0.36 17.77
N GLY C 217 15.84 -1.29 18.17
CA GLY C 217 16.27 -2.32 19.10
C GLY C 217 17.08 -3.43 18.46
N THR C 218 16.67 -3.87 17.27
CA THR C 218 17.24 -5.04 16.62
C THR C 218 17.88 -4.75 15.28
N ASP C 219 17.50 -3.66 14.62
CA ASP C 219 17.89 -3.36 13.23
C ASP C 219 17.55 -4.51 12.29
N HIS C 220 16.52 -5.28 12.65
CA HIS C 220 16.04 -6.37 11.80
C HIS C 220 15.32 -5.86 10.57
N LEU C 221 15.67 -6.41 9.41
CA LEU C 221 14.76 -6.36 8.27
C LEU C 221 13.40 -6.91 8.64
N LEU C 222 12.36 -6.19 8.26
CA LEU C 222 11.01 -6.67 8.52
C LEU C 222 10.34 -7.22 7.28
N SER C 223 10.65 -6.66 6.12
CA SER C 223 10.05 -7.10 4.87
C SER C 223 10.26 -8.60 4.69
N GLY C 224 9.19 -9.30 4.31
CA GLY C 224 9.27 -10.70 3.95
C GLY C 224 9.11 -11.66 5.09
N LYS C 225 9.14 -11.17 6.32
CA LYS C 225 9.05 -11.98 7.54
C LYS C 225 7.61 -12.04 8.04
N GLN C 226 7.35 -13.00 8.93
CA GLN C 226 5.99 -13.26 9.41
C GLN C 226 5.76 -12.59 10.76
N ALA C 227 4.68 -11.82 10.87
CA ALA C 227 4.30 -11.20 12.13
C ALA C 227 2.94 -11.73 12.59
N LEU C 228 2.77 -11.78 13.91
CA LEU C 228 1.46 -12.04 14.53
C LEU C 228 1.16 -10.90 15.48
N VAL C 229 0.08 -10.17 15.20
CA VAL C 229 -0.37 -9.08 16.06
C VAL C 229 -1.57 -9.58 16.87
N ILE C 230 -1.44 -9.58 18.20
CA ILE C 230 -2.52 -10.01 19.08
C ILE C 230 -3.35 -8.76 19.38
N GLY C 231 -4.52 -8.68 18.78
CA GLY C 231 -5.47 -7.60 18.98
C GLY C 231 -5.59 -6.72 17.75
N TYR C 232 -6.79 -6.15 17.56
CA TYR C 232 -7.03 -5.29 16.40
C TYR C 232 -8.00 -4.18 16.79
N GLY C 233 -7.82 -3.64 17.99
CA GLY C 233 -8.43 -2.38 18.37
C GLY C 233 -7.67 -1.25 17.71
N ASP C 234 -7.70 -0.07 18.34
CA ASP C 234 -7.00 1.06 17.74
C ASP C 234 -5.50 0.83 17.70
N VAL C 235 -4.92 0.33 18.79
CA VAL C 235 -3.48 0.08 18.80
C VAL C 235 -3.13 -1.07 17.88
N GLY C 236 -3.94 -2.14 17.90
CA GLY C 236 -3.69 -3.24 16.99
C GLY C 236 -3.81 -2.85 15.53
N LYS C 237 -4.79 -1.99 15.20
CA LYS C 237 -4.91 -1.53 13.81
C LYS C 237 -3.65 -0.77 13.39
N GLY C 238 -3.20 0.17 14.20
CA GLY C 238 -2.00 0.93 13.86
C GLY C 238 -0.75 0.07 13.82
N SER C 239 -0.65 -0.89 14.75
CA SER C 239 0.52 -1.76 14.82
C SER C 239 0.61 -2.66 13.59
N SER C 240 -0.52 -3.24 13.19
CA SER C 240 -0.54 -4.11 12.00
C SER C 240 -0.12 -3.33 10.77
N GLN C 241 -0.60 -2.08 10.64
CA GLN C 241 -0.20 -1.26 9.51
C GLN C 241 1.28 -0.88 9.60
N SER C 242 1.78 -0.60 10.80
CA SER C 242 3.22 -0.34 10.97
C SER C 242 4.04 -1.45 10.35
N LEU C 243 3.60 -2.69 10.52
CA LEU C 243 4.36 -3.84 10.04
C LEU C 243 4.04 -4.18 8.58
N ARG C 244 2.77 -4.15 8.19
CA ARG C 244 2.41 -4.43 6.81
C ARG C 244 3.04 -3.44 5.83
N GLN C 245 3.10 -2.15 6.20
CA GLN C 245 3.65 -1.16 5.28
C GLN C 245 5.15 -1.34 5.04
N GLU C 246 5.84 -2.01 5.96
CA GLU C 246 7.24 -2.44 5.81
C GLU C 246 7.38 -3.71 5.00
N GLY C 247 6.28 -4.36 4.63
CA GLY C 247 6.31 -5.59 3.87
C GLY C 247 6.31 -6.85 4.69
N MET C 248 5.97 -6.77 5.97
CA MET C 248 5.73 -7.97 6.75
C MET C 248 4.47 -8.67 6.25
N ILE C 249 4.47 -10.00 6.36
CA ILE C 249 3.25 -10.80 6.17
C ILE C 249 2.60 -10.87 7.55
N VAL C 250 1.52 -10.13 7.75
CA VAL C 250 0.92 -9.92 9.06
C VAL C 250 -0.32 -10.79 9.19
N LYS C 251 -0.39 -11.54 10.29
CA LYS C 251 -1.58 -12.24 10.76
C LYS C 251 -2.08 -11.57 12.03
N VAL C 252 -3.40 -11.60 12.23
CA VAL C 252 -4.06 -10.88 13.32
C VAL C 252 -4.87 -11.86 14.16
N ALA C 253 -4.75 -11.76 15.48
CA ALA C 253 -5.64 -12.46 16.39
C ALA C 253 -6.59 -11.47 17.05
N GLU C 254 -7.78 -11.97 17.38
CA GLU C 254 -8.81 -11.14 18.00
C GLU C 254 -9.79 -12.05 18.73
N VAL C 255 -10.36 -11.51 19.82
CA VAL C 255 -11.52 -12.12 20.45
C VAL C 255 -12.81 -11.43 20.02
N ASP C 256 -12.71 -10.25 19.42
CA ASP C 256 -13.87 -9.46 19.04
C ASP C 256 -14.11 -9.69 17.56
N PRO C 257 -15.23 -10.32 17.18
CA PRO C 257 -15.43 -10.64 15.76
C PRO C 257 -15.62 -9.41 14.87
N ILE C 258 -16.07 -8.28 15.42
CA ILE C 258 -16.18 -7.08 14.58
C ILE C 258 -14.79 -6.57 14.20
N CYS C 259 -13.90 -6.46 15.19
CA CYS C 259 -12.51 -6.11 14.91
C CYS C 259 -11.87 -7.13 13.98
N ALA C 260 -12.16 -8.42 14.18
CA ALA C 260 -11.62 -9.42 13.27
C ALA C 260 -12.14 -9.22 11.85
N MET C 261 -13.41 -8.85 11.69
N MET C 261 -13.41 -8.85 11.69
CA MET C 261 -13.94 -8.55 10.36
CA MET C 261 -13.94 -8.55 10.37
C MET C 261 -13.18 -7.41 9.71
C MET C 261 -13.18 -7.41 9.71
N GLN C 262 -12.88 -6.36 10.48
CA GLN C 262 -12.08 -5.27 9.95
C GLN C 262 -10.70 -5.76 9.51
N ALA C 263 -10.09 -6.66 10.29
CA ALA C 263 -8.78 -7.18 9.90
C ALA C 263 -8.86 -7.93 8.57
N CYS C 264 -9.88 -8.78 8.40
CA CYS C 264 -10.03 -9.50 7.13
C CYS C 264 -10.15 -8.54 5.98
N MET C 265 -11.06 -7.58 6.10
CA MET C 265 -11.31 -6.59 5.04
C MET C 265 -10.10 -5.71 4.80
N ASP C 266 -9.30 -5.49 5.84
CA ASP C 266 -8.07 -4.72 5.66
C ASP C 266 -6.96 -5.53 5.03
N GLY C 267 -7.19 -6.80 4.73
CA GLY C 267 -6.21 -7.59 4.02
C GLY C 267 -5.33 -8.48 4.87
N PHE C 268 -5.74 -8.80 6.09
CA PHE C 268 -4.96 -9.68 6.94
C PHE C 268 -5.68 -11.02 7.13
N GLU C 269 -4.89 -12.06 7.30
CA GLU C 269 -5.38 -13.36 7.72
C GLU C 269 -5.58 -13.38 9.23
N VAL C 270 -6.77 -13.80 9.67
CA VAL C 270 -7.10 -13.81 11.08
C VAL C 270 -6.89 -15.23 11.60
N VAL C 271 -6.04 -15.37 12.62
CA VAL C 271 -5.64 -16.67 13.14
C VAL C 271 -5.69 -16.60 14.66
N SER C 272 -5.69 -17.78 15.28
CA SER C 272 -5.58 -17.88 16.73
C SER C 272 -4.35 -18.69 17.11
N PRO C 273 -3.65 -18.31 18.19
CA PRO C 273 -2.59 -19.16 18.70
C PRO C 273 -3.08 -20.52 19.13
N TYR C 274 -4.37 -20.67 19.39
CA TYR C 274 -4.93 -21.91 19.91
C TYR C 274 -5.74 -22.60 18.81
N LYS C 275 -5.68 -23.93 18.79
CA LYS C 275 -6.45 -24.71 17.83
C LYS C 275 -7.94 -24.43 18.01
N ASN C 276 -8.59 -23.98 16.94
CA ASN C 276 -10.01 -23.61 16.95
C ASN C 276 -10.29 -22.49 17.95
N GLY C 277 -9.28 -21.73 18.33
CA GLY C 277 -9.48 -20.60 19.21
C GLY C 277 -9.62 -20.92 20.68
N ILE C 278 -9.50 -22.18 21.09
CA ILE C 278 -9.82 -22.60 22.47
C ILE C 278 -8.53 -22.74 23.28
N ASN C 279 -8.32 -21.78 24.18
CA ASN C 279 -7.19 -21.69 25.11
C ASN C 279 -7.53 -22.49 26.36
N ASP C 280 -7.23 -23.80 26.36
CA ASP C 280 -7.58 -24.65 27.49
C ASP C 280 -6.43 -24.88 28.47
N GLY C 281 -5.31 -24.17 28.31
CA GLY C 281 -4.20 -24.29 29.23
C GLY C 281 -3.17 -25.34 28.89
N THR C 282 -3.46 -26.23 27.94
CA THR C 282 -2.57 -27.33 27.61
C THR C 282 -1.67 -26.96 26.43
N GLU C 283 -0.47 -27.55 26.43
CA GLU C 283 0.39 -27.40 25.26
C GLU C 283 -0.28 -27.95 24.02
N ALA C 284 -1.17 -28.92 24.19
CA ALA C 284 -1.85 -29.53 23.05
C ALA C 284 -2.74 -28.54 22.32
N SER C 285 -3.23 -27.51 23.02
CA SER C 285 -4.08 -26.50 22.39
C SER C 285 -3.29 -25.54 21.52
N ILE C 286 -1.98 -25.44 21.68
CA ILE C 286 -1.18 -24.50 20.90
C ILE C 286 -1.12 -24.96 19.45
N ASP C 287 -1.37 -24.04 18.53
CA ASP C 287 -1.11 -24.30 17.12
C ASP C 287 0.39 -24.19 16.90
N ALA C 288 1.09 -25.31 17.11
CA ALA C 288 2.56 -25.26 17.05
C ALA C 288 3.05 -24.94 15.66
N ALA C 289 2.35 -25.42 14.62
CA ALA C 289 2.78 -25.17 13.25
C ALA C 289 2.74 -23.69 12.93
N LEU C 290 1.70 -22.99 13.36
CA LEU C 290 1.58 -21.56 13.14
C LEU C 290 2.64 -20.79 13.93
N LEU C 291 2.72 -21.04 15.23
CA LEU C 291 3.66 -20.30 16.05
C LEU C 291 5.10 -20.56 15.61
N GLY C 292 5.38 -21.74 15.06
CA GLY C 292 6.72 -22.09 14.61
C GLY C 292 7.15 -21.41 13.32
N LYS C 293 6.26 -20.64 12.69
CA LYS C 293 6.59 -19.83 11.52
C LYS C 293 6.62 -18.33 11.81
N ILE C 294 6.38 -17.90 13.04
CA ILE C 294 6.21 -16.48 13.36
C ILE C 294 7.56 -15.89 13.74
N ASP C 295 7.94 -14.80 13.06
CA ASP C 295 9.19 -14.11 13.35
C ASP C 295 9.03 -12.98 14.36
N LEU C 296 7.82 -12.50 14.57
CA LEU C 296 7.61 -11.35 15.43
C LEU C 296 6.19 -11.43 15.98
N ILE C 297 6.05 -11.31 17.30
CA ILE C 297 4.74 -11.22 17.92
C ILE C 297 4.65 -9.92 18.69
N VAL C 298 3.54 -9.20 18.50
CA VAL C 298 3.28 -7.91 19.15
C VAL C 298 1.93 -8.00 19.83
N THR C 299 1.87 -7.70 21.13
CA THR C 299 0.61 -7.72 21.87
C THR C 299 0.08 -6.29 22.01
N THR C 300 -1.24 -6.12 21.77
CA THR C 300 -1.84 -4.78 21.70
C THR C 300 -3.15 -4.67 22.46
N THR C 301 -3.40 -5.52 23.45
CA THR C 301 -4.77 -5.79 23.90
C THR C 301 -5.19 -5.02 25.15
N GLY C 302 -4.27 -4.68 26.04
CA GLY C 302 -4.72 -4.24 27.35
C GLY C 302 -5.22 -5.37 28.23
N ASN C 303 -5.10 -6.61 27.78
CA ASN C 303 -5.55 -7.80 28.50
C ASN C 303 -4.36 -8.51 29.14
N VAL C 304 -4.62 -9.65 29.78
CA VAL C 304 -3.62 -10.33 30.57
C VAL C 304 -3.25 -11.64 29.87
N ASN C 305 -1.94 -11.91 29.77
CA ASN C 305 -1.44 -13.22 29.33
C ASN C 305 -1.98 -13.61 27.96
N VAL C 306 -1.90 -12.68 27.00
CA VAL C 306 -2.29 -12.99 25.63
C VAL C 306 -1.13 -13.52 24.81
N CYS C 307 0.09 -13.45 25.33
CA CYS C 307 1.22 -14.21 24.80
C CYS C 307 1.74 -15.04 25.99
N ASP C 308 1.21 -16.26 26.13
CA ASP C 308 1.39 -17.03 27.36
C ASP C 308 2.63 -17.94 27.26
N ALA C 309 2.86 -18.72 28.32
CA ALA C 309 4.08 -19.52 28.39
C ALA C 309 4.13 -20.55 27.27
N ASN C 310 3.01 -21.22 26.99
CA ASN C 310 3.03 -22.24 25.95
C ASN C 310 3.24 -21.62 24.57
N MET C 311 2.74 -20.41 24.33
CA MET C 311 3.04 -19.71 23.09
C MET C 311 4.51 -19.37 22.99
N LEU C 312 5.13 -18.92 24.09
CA LEU C 312 6.56 -18.59 24.05
C LEU C 312 7.40 -19.83 23.83
N LYS C 313 6.99 -20.97 24.39
CA LYS C 313 7.71 -22.22 24.16
C LYS C 313 7.59 -22.68 22.72
N ALA C 314 6.51 -22.35 22.03
CA ALA C 314 6.28 -22.83 20.67
C ALA C 314 6.79 -21.90 19.58
N LEU C 315 7.15 -20.66 19.91
CA LEU C 315 7.60 -19.69 18.91
C LEU C 315 8.84 -20.16 18.16
N LYS C 316 8.88 -19.81 16.88
CA LYS C 316 10.08 -19.97 16.05
C LYS C 316 11.32 -19.44 16.75
N LYS C 317 12.43 -20.17 16.60
CA LYS C 317 13.70 -19.71 17.17
C LYS C 317 14.02 -18.31 16.65
N ARG C 318 14.48 -17.46 17.55
CA ARG C 318 14.96 -16.10 17.25
C ARG C 318 13.84 -15.14 16.90
N ALA C 319 12.60 -15.51 17.18
CA ALA C 319 11.51 -14.56 17.01
C ALA C 319 11.67 -13.40 18.00
N VAL C 320 11.17 -12.25 17.59
CA VAL C 320 11.10 -11.06 18.44
C VAL C 320 9.74 -11.04 19.14
N VAL C 321 9.75 -10.69 20.43
CA VAL C 321 8.55 -10.61 21.24
C VAL C 321 8.49 -9.21 21.83
N CYS C 322 7.35 -8.53 21.68
CA CYS C 322 7.20 -7.22 22.28
C CYS C 322 5.73 -6.93 22.54
N ASN C 323 5.52 -5.91 23.37
CA ASN C 323 4.21 -5.49 23.84
C ASN C 323 4.11 -4.00 23.66
N ILE C 324 2.99 -3.54 23.11
CA ILE C 324 2.75 -2.11 22.94
C ILE C 324 1.45 -1.69 23.64
N GLY C 325 0.82 -2.61 24.37
CA GLY C 325 -0.22 -2.24 25.32
C GLY C 325 0.38 -1.61 26.57
N HIS C 326 -0.49 -1.10 27.45
CA HIS C 326 0.01 -0.25 28.53
C HIS C 326 0.89 -1.00 29.52
N PHE C 327 0.54 -2.24 29.88
CA PHE C 327 1.22 -2.94 30.97
C PHE C 327 1.88 -4.20 30.44
N ASP C 328 2.93 -4.63 31.15
CA ASP C 328 3.78 -5.72 30.66
C ASP C 328 3.20 -7.10 30.89
N ASN C 329 2.12 -7.24 31.63
CA ASN C 329 1.55 -8.56 31.86
C ASN C 329 0.80 -9.11 30.65
N GLU C 330 0.84 -8.45 29.49
CA GLU C 330 0.29 -9.07 28.29
C GLU C 330 1.12 -10.27 27.86
N ILE C 331 2.42 -10.25 28.15
CA ILE C 331 3.34 -11.35 27.89
C ILE C 331 3.72 -11.96 29.23
N ASP C 332 3.79 -13.30 29.30
CA ASP C 332 4.19 -13.98 30.53
C ASP C 332 5.71 -13.91 30.68
N THR C 333 6.21 -12.70 30.96
CA THR C 333 7.66 -12.55 31.17
C THR C 333 8.10 -13.21 32.47
N ALA C 334 7.20 -13.29 33.45
CA ALA C 334 7.54 -13.96 34.71
C ALA C 334 7.91 -15.42 34.46
N PHE C 335 7.16 -16.10 33.59
CA PHE C 335 7.58 -17.44 33.20
C PHE C 335 9.00 -17.45 32.68
N MET C 336 9.34 -16.48 31.82
CA MET C 336 10.67 -16.46 31.22
C MET C 336 11.77 -16.15 32.22
N ARG C 337 11.49 -15.31 33.23
CA ARG C 337 12.49 -15.08 34.27
C ARG C 337 12.71 -16.32 35.13
N LYS C 338 11.67 -17.13 35.31
CA LYS C 338 11.78 -18.30 36.17
C LYS C 338 12.56 -19.42 35.49
N ASN C 339 12.47 -19.55 34.15
CA ASN C 339 12.87 -20.77 33.48
C ASN C 339 14.02 -20.62 32.49
N TRP C 340 14.31 -19.42 31.98
CA TRP C 340 15.22 -19.24 30.88
C TRP C 340 16.27 -18.20 31.23
N ALA C 341 17.42 -18.25 30.55
CA ALA C 341 18.54 -17.37 30.85
C ALA C 341 18.49 -16.12 29.98
N TRP C 342 18.63 -14.94 30.61
CA TRP C 342 18.53 -13.66 29.91
C TRP C 342 19.93 -13.12 29.62
N GLU C 343 20.17 -12.73 28.37
CA GLU C 343 21.43 -12.14 27.93
C GLU C 343 21.12 -10.75 27.42
N GLU C 344 21.60 -9.73 28.11
CA GLU C 344 21.37 -8.37 27.63
C GLU C 344 22.20 -8.11 26.39
N VAL C 345 21.54 -7.70 25.30
CA VAL C 345 22.29 -7.27 24.12
C VAL C 345 22.78 -5.84 24.31
N LYS C 346 21.88 -4.96 24.76
CA LYS C 346 22.08 -3.55 25.05
C LYS C 346 20.81 -3.15 25.81
N PRO C 347 20.72 -1.94 26.37
CA PRO C 347 19.55 -1.62 27.19
C PRO C 347 18.25 -1.86 26.45
N GLN C 348 17.30 -2.49 27.13
CA GLN C 348 15.96 -2.77 26.62
C GLN C 348 15.96 -3.77 25.47
N VAL C 349 16.99 -4.60 25.35
CA VAL C 349 17.02 -5.67 24.36
C VAL C 349 17.67 -6.87 25.02
N HIS C 350 16.91 -7.97 25.18
CA HIS C 350 17.42 -9.17 25.83
C HIS C 350 17.20 -10.38 24.95
N LYS C 351 18.23 -11.21 24.83
CA LYS C 351 18.05 -12.55 24.28
C LYS C 351 17.66 -13.47 25.42
N ILE C 352 16.63 -14.27 25.21
CA ILE C 352 16.12 -15.16 26.24
C ILE C 352 16.35 -16.58 25.74
N HIS C 353 17.22 -17.31 26.43
CA HIS C 353 17.74 -18.58 25.94
C HIS C 353 16.86 -19.70 26.48
N ARG C 354 16.16 -20.37 25.58
CA ARG C 354 15.22 -21.42 25.98
C ARG C 354 15.92 -22.73 26.28
N THR C 355 17.25 -22.73 26.37
CA THR C 355 18.02 -23.93 26.69
C THR C 355 18.10 -24.21 28.18
N GLY C 356 17.75 -23.25 29.03
CA GLY C 356 17.83 -23.49 30.45
C GLY C 356 17.90 -22.18 31.22
N LYS C 357 17.96 -22.32 32.54
CA LYS C 357 17.86 -21.20 33.47
C LYS C 357 19.21 -20.64 33.88
N ASP C 358 20.18 -21.52 34.15
CA ASP C 358 21.48 -21.11 34.69
C ASP C 358 22.49 -21.11 33.55
N GLY C 359 22.88 -19.91 33.11
CA GLY C 359 23.87 -19.77 32.07
C GLY C 359 23.33 -20.10 30.69
N PHE C 360 24.18 -19.85 29.69
CA PHE C 360 23.81 -20.06 28.30
C PHE C 360 25.07 -20.12 27.46
N ASP C 361 24.96 -20.79 26.32
CA ASP C 361 26.00 -20.76 25.29
C ASP C 361 25.89 -19.44 24.53
N ALA C 362 27.02 -18.73 24.43
CA ALA C 362 27.02 -17.45 23.73
C ALA C 362 26.68 -17.60 22.26
N HIS C 363 26.76 -18.80 21.70
CA HIS C 363 26.38 -19.04 20.32
C HIS C 363 25.13 -19.87 20.17
N ASN C 364 24.36 -20.05 21.24
CA ASN C 364 23.10 -20.78 21.18
C ASN C 364 22.20 -20.16 20.12
N ASP C 365 21.51 -21.00 19.37
CA ASP C 365 20.57 -20.53 18.36
C ASP C 365 19.13 -20.55 18.83
N ASP C 366 18.85 -21.14 20.00
CA ASP C 366 17.46 -21.28 20.48
C ASP C 366 17.17 -20.20 21.52
N TYR C 367 16.93 -18.98 21.02
CA TYR C 367 16.57 -17.87 21.89
C TYR C 367 15.46 -17.05 21.25
N LEU C 368 14.77 -16.27 22.08
CA LEU C 368 13.85 -15.23 21.66
C LEU C 368 14.48 -13.89 21.99
N ILE C 369 14.10 -12.84 21.27
CA ILE C 369 14.55 -11.49 21.56
C ILE C 369 13.35 -10.72 22.12
N LEU C 370 13.46 -10.32 23.39
CA LEU C 370 12.42 -9.55 24.06
C LEU C 370 12.83 -8.08 24.07
N LEU C 371 11.90 -7.20 23.72
CA LEU C 371 12.19 -5.76 23.73
C LEU C 371 11.55 -5.11 24.95
N ALA C 372 12.31 -4.19 25.58
CA ALA C 372 11.85 -3.36 26.70
C ALA C 372 11.30 -4.21 27.84
N GLU C 373 11.82 -5.44 27.98
CA GLU C 373 11.40 -6.36 29.03
C GLU C 373 9.89 -6.51 29.08
N GLY C 374 9.25 -6.39 27.91
CA GLY C 374 7.80 -6.52 27.83
C GLY C 374 7.02 -5.25 28.13
N ARG C 375 7.69 -4.15 28.44
CA ARG C 375 7.02 -2.87 28.63
C ARG C 375 6.77 -2.22 27.27
N LEU C 376 5.91 -1.17 27.27
CA LEU C 376 5.53 -0.44 26.06
C LEU C 376 6.70 -0.23 25.13
N VAL C 377 6.71 -0.94 23.99
CA VAL C 377 7.92 -1.04 23.18
C VAL C 377 8.19 0.26 22.44
N ASN C 378 7.14 0.97 22.02
CA ASN C 378 7.39 2.19 21.22
C ASN C 378 8.08 3.25 22.06
N LEU C 379 7.71 3.37 23.34
CA LEU C 379 8.36 4.31 24.23
C LEU C 379 9.66 3.74 24.82
N GLY C 380 9.76 2.42 24.96
CA GLY C 380 10.92 1.83 25.62
C GLY C 380 12.14 1.68 24.72
N ASN C 381 11.92 1.41 23.44
CA ASN C 381 13.02 1.25 22.49
C ASN C 381 13.12 2.35 21.46
N ALA C 382 12.15 3.26 21.41
CA ALA C 382 12.26 4.44 20.56
C ALA C 382 11.80 5.65 21.37
N THR C 383 10.98 6.54 20.78
CA THR C 383 10.57 7.75 21.50
C THR C 383 9.06 7.89 21.53
N GLY C 384 8.32 6.78 21.44
CA GLY C 384 6.88 6.91 21.41
C GLY C 384 6.39 7.65 20.17
N HIS C 385 5.18 8.22 20.30
CA HIS C 385 4.52 8.87 19.17
C HIS C 385 5.22 10.17 18.81
N PRO C 386 5.11 10.60 17.55
CA PRO C 386 5.71 11.88 17.17
C PRO C 386 4.91 13.07 17.68
N SER C 387 5.63 14.18 17.84
CA SER C 387 5.02 15.42 18.33
C SER C 387 3.73 15.76 17.62
N ARG C 388 3.71 15.70 16.27
CA ARG C 388 2.54 16.19 15.55
C ARG C 388 1.30 15.33 15.82
N ILE C 389 1.48 14.06 16.20
CA ILE C 389 0.35 13.23 16.64
C ILE C 389 -0.03 13.54 18.09
N MET C 390 0.96 13.61 18.99
CA MET C 390 0.67 13.92 20.40
C MET C 390 0.07 15.31 20.57
N ASP C 391 0.21 16.18 19.57
CA ASP C 391 -0.47 17.47 19.58
C ASP C 391 -1.96 17.31 19.86
N GLY C 392 -2.59 16.35 19.19
CA GLY C 392 -4.02 16.18 19.36
C GLY C 392 -4.39 15.70 20.75
N SER C 393 -3.71 14.65 21.22
CA SER C 393 -3.98 14.11 22.57
C SER C 393 -3.80 15.17 23.64
N PHE C 394 -2.71 15.92 23.56
CA PHE C 394 -2.37 16.85 24.64
C PHE C 394 -3.16 18.15 24.56
N ALA C 395 -3.65 18.55 23.39
CA ALA C 395 -4.58 19.66 23.37
C ALA C 395 -5.88 19.27 24.07
N ASN C 396 -6.35 18.03 23.86
CA ASN C 396 -7.49 17.52 24.60
C ASN C 396 -7.20 17.52 26.11
N GLN C 397 -6.01 17.06 26.51
CA GLN C 397 -5.65 17.08 27.94
C GLN C 397 -5.78 18.48 28.52
N VAL C 398 -5.19 19.48 27.84
CA VAL C 398 -5.23 20.85 28.34
C VAL C 398 -6.67 21.31 28.50
N LEU C 399 -7.47 21.10 27.46
CA LEU C 399 -8.88 21.50 27.51
C LEU C 399 -9.62 20.77 28.63
N ALA C 400 -9.32 19.49 28.82
CA ALA C 400 -9.96 18.72 29.89
C ALA C 400 -9.52 19.21 31.27
N GLN C 401 -8.25 19.61 31.41
CA GLN C 401 -7.81 20.21 32.67
C GLN C 401 -8.55 21.50 32.95
N ILE C 402 -8.65 22.37 31.93
CA ILE C 402 -9.37 23.63 32.10
C ILE C 402 -10.80 23.38 32.54
N HIS C 403 -11.47 22.44 31.89
CA HIS C 403 -12.88 22.22 32.17
C HIS C 403 -13.09 21.74 33.60
N LEU C 404 -12.34 20.73 34.04
CA LEU C 404 -12.55 20.22 35.39
C LEU C 404 -12.11 21.23 36.44
N PHE C 405 -11.01 21.94 36.20
CA PHE C 405 -10.58 22.93 37.16
C PHE C 405 -11.62 24.03 37.33
N GLU C 406 -12.23 24.47 36.22
CA GLU C 406 -13.24 25.52 36.35
C GLU C 406 -14.49 25.02 37.07
N GLN C 407 -14.79 23.72 36.96
CA GLN C 407 -15.98 23.19 37.62
C GLN C 407 -15.84 23.20 39.15
N LYS C 408 -14.62 23.16 39.67
CA LYS C 408 -14.35 23.29 41.12
C LYS C 408 -15.15 22.27 41.94
N TYR C 409 -15.07 21.00 41.53
CA TYR C 409 -15.83 19.94 42.17
C TYR C 409 -15.58 19.89 43.68
N ALA C 410 -14.33 20.08 44.10
CA ALA C 410 -13.99 19.86 45.51
C ALA C 410 -14.62 20.91 46.41
N ASP C 411 -15.05 22.04 45.85
CA ASP C 411 -15.72 23.09 46.60
C ASP C 411 -17.24 22.95 46.62
N LEU C 412 -17.78 21.89 46.06
CA LEU C 412 -19.23 21.83 45.99
C LEU C 412 -19.80 21.21 47.26
N PRO C 413 -21.02 21.62 47.66
CA PRO C 413 -21.70 20.91 48.75
C PRO C 413 -21.87 19.44 48.39
N ALA C 414 -21.89 18.60 49.44
CA ALA C 414 -21.95 17.15 49.23
C ALA C 414 -23.11 16.74 48.35
N ALA C 415 -24.26 17.42 48.49
CA ALA C 415 -25.42 17.09 47.68
C ALA C 415 -25.16 17.37 46.21
N GLU C 416 -24.48 18.48 45.90
CA GLU C 416 -24.18 18.80 44.51
C GLU C 416 -23.01 17.99 43.96
N LYS C 417 -22.17 17.43 44.84
CA LYS C 417 -21.07 16.59 44.36
C LYS C 417 -21.59 15.30 43.73
N ALA C 418 -22.61 14.70 44.35
CA ALA C 418 -23.14 13.43 43.86
C ALA C 418 -23.60 13.55 42.41
N LYS C 419 -24.18 14.70 42.04
CA LYS C 419 -24.65 14.90 40.68
C LYS C 419 -23.53 15.06 39.67
N ARG C 420 -22.32 15.35 40.12
CA ARG C 420 -21.21 15.60 39.21
C ARG C 420 -20.13 14.53 39.24
N LEU C 421 -20.29 13.47 40.03
CA LEU C 421 -19.31 12.40 40.10
C LEU C 421 -19.53 11.45 38.92
N SER C 422 -18.79 11.67 37.84
CA SER C 422 -18.96 10.89 36.63
C SER C 422 -17.64 10.82 35.89
N VAL C 423 -17.63 10.03 34.81
CA VAL C 423 -16.53 10.00 33.84
C VAL C 423 -17.10 10.45 32.50
N GLU C 424 -16.64 11.59 32.01
CA GLU C 424 -17.20 12.21 30.81
C GLU C 424 -16.15 12.33 29.73
N VAL C 425 -16.60 12.57 28.50
CA VAL C 425 -15.71 12.91 27.40
C VAL C 425 -15.90 14.38 27.03
N LEU C 426 -14.91 14.95 26.34
CA LEU C 426 -15.05 16.32 25.85
C LEU C 426 -16.11 16.38 24.75
N PRO C 427 -16.76 17.52 24.59
CA PRO C 427 -17.79 17.63 23.55
C PRO C 427 -17.19 17.59 22.15
N LYS C 428 -18.02 17.18 21.20
CA LYS C 428 -17.56 17.03 19.81
C LYS C 428 -17.06 18.35 19.24
N LYS C 429 -17.72 19.46 19.58
CA LYS C 429 -17.29 20.74 19.04
C LYS C 429 -15.81 21.02 19.31
N LEU C 430 -15.32 20.68 20.51
CA LEU C 430 -13.91 20.88 20.81
C LEU C 430 -13.03 19.89 20.08
N ASP C 431 -13.47 18.63 20.00
CA ASP C 431 -12.80 17.62 19.20
C ASP C 431 -12.58 18.14 17.79
N GLU C 432 -13.62 18.73 17.17
CA GLU C 432 -13.49 19.27 15.82
C GLU C 432 -12.52 20.45 15.76
N GLU C 433 -12.50 21.29 16.79
CA GLU C 433 -11.60 22.43 16.81
C GLU C 433 -10.14 21.99 16.93
N VAL C 434 -9.87 20.98 17.77
CA VAL C 434 -8.53 20.41 17.79
C VAL C 434 -8.17 19.85 16.41
N ALA C 435 -9.10 19.12 15.79
CA ALA C 435 -8.80 18.51 14.48
C ALA C 435 -8.48 19.56 13.44
N LEU C 436 -9.21 20.68 13.45
CA LEU C 436 -8.96 21.70 12.45
C LEU C 436 -7.54 22.26 12.58
N GLU C 437 -7.08 22.47 13.81
CA GLU C 437 -5.71 22.96 13.99
C GLU C 437 -4.70 21.95 13.49
N MET C 438 -4.97 20.66 13.69
CA MET C 438 -4.07 19.64 13.15
C MET C 438 -4.07 19.67 11.63
N VAL C 439 -5.24 19.80 11.01
CA VAL C 439 -5.32 19.81 9.55
C VAL C 439 -4.56 21.00 8.99
N LYS C 440 -4.75 22.18 9.60
CA LYS C 440 -4.03 23.36 9.15
C LYS C 440 -2.52 23.15 9.27
N GLY C 441 -2.08 22.41 10.29
CA GLY C 441 -0.65 22.19 10.45
C GLY C 441 -0.04 21.44 9.29
N PHE C 442 -0.84 20.60 8.63
CA PHE C 442 -0.42 19.92 7.41
C PHE C 442 -0.56 20.79 6.17
N GLY C 443 -1.08 22.01 6.30
CA GLY C 443 -1.46 22.78 5.14
C GLY C 443 -2.77 22.40 4.51
N GLY C 444 -3.55 21.53 5.15
CA GLY C 444 -4.84 21.16 4.59
C GLY C 444 -5.82 22.30 4.61
N VAL C 445 -6.72 22.31 3.63
CA VAL C 445 -7.73 23.36 3.49
C VAL C 445 -9.10 22.71 3.59
N VAL C 446 -9.80 22.97 4.68
CA VAL C 446 -11.18 22.51 4.85
C VAL C 446 -12.12 23.42 4.07
N THR C 447 -13.19 22.84 3.54
CA THR C 447 -14.20 23.60 2.82
C THR C 447 -15.28 24.09 3.79
N GLN C 448 -15.80 25.28 3.53
CA GLN C 448 -16.93 25.81 4.30
C GLN C 448 -18.23 25.51 3.58
N LEU C 449 -19.19 24.93 4.31
CA LEU C 449 -20.54 24.73 3.77
C LEU C 449 -21.19 26.03 3.37
N THR C 450 -21.93 26.01 2.26
CA THR C 450 -22.84 27.12 1.99
C THR C 450 -24.02 27.05 2.96
N PRO C 451 -24.75 28.15 3.14
CA PRO C 451 -25.99 28.08 3.93
C PRO C 451 -26.94 27.00 3.47
N LYS C 452 -27.16 26.89 2.15
CA LYS C 452 -28.07 25.87 1.63
C LYS C 452 -27.56 24.47 1.93
N GLN C 453 -26.26 24.25 1.77
CA GLN C 453 -25.72 22.92 2.05
C GLN C 453 -25.83 22.58 3.53
N ALA C 454 -25.59 23.56 4.39
CA ALA C 454 -25.72 23.33 5.84
C ALA C 454 -27.16 22.99 6.21
N GLU C 455 -28.13 23.71 5.63
CA GLU C 455 -29.54 23.37 5.84
C GLU C 455 -29.85 21.98 5.31
N TYR C 456 -29.32 21.65 4.13
CA TYR C 456 -29.61 20.37 3.48
C TYR C 456 -29.25 19.17 4.38
N ILE C 457 -28.11 19.22 5.07
CA ILE C 457 -27.71 18.09 5.91
C ILE C 457 -28.00 18.32 7.38
N GLY C 458 -28.59 19.45 7.73
CA GLY C 458 -29.06 19.69 9.09
C GLY C 458 -27.98 19.99 10.11
N VAL C 459 -26.95 20.74 9.71
CA VAL C 459 -25.90 21.15 10.64
C VAL C 459 -25.71 22.66 10.56
N SER C 460 -25.11 23.21 11.62
CA SER C 460 -24.63 24.58 11.58
C SER C 460 -23.40 24.67 10.69
N VAL C 461 -23.20 25.83 10.05
CA VAL C 461 -22.02 25.98 9.19
C VAL C 461 -20.73 25.78 9.97
N GLU C 462 -20.71 26.15 11.24
CA GLU C 462 -19.50 26.00 12.05
C GLU C 462 -19.43 24.64 12.74
N GLY C 463 -20.40 23.77 12.54
CA GLY C 463 -20.39 22.49 13.21
C GLY C 463 -21.09 22.55 14.55
N PRO C 464 -21.20 21.42 15.26
CA PRO C 464 -20.62 20.10 14.94
C PRO C 464 -21.23 19.50 13.68
N PHE C 465 -20.46 18.70 12.96
CA PHE C 465 -20.88 18.20 11.66
C PHE C 465 -21.45 16.80 11.71
N LYS C 466 -21.35 16.11 12.85
CA LYS C 466 -21.80 14.74 12.98
C LYS C 466 -22.59 14.55 14.27
N PRO C 467 -23.53 13.63 14.28
CA PRO C 467 -24.19 13.27 15.54
C PRO C 467 -23.22 12.58 16.48
N ASP C 468 -23.57 12.58 17.77
CA ASP C 468 -22.70 11.94 18.76
C ASP C 468 -22.55 10.44 18.54
N THR C 469 -23.48 9.81 17.82
CA THR C 469 -23.35 8.39 17.52
C THR C 469 -22.28 8.08 16.47
N TYR C 470 -21.77 9.08 15.75
CA TYR C 470 -20.94 8.78 14.58
C TYR C 470 -19.60 8.18 14.99
N ARG C 471 -19.13 7.19 14.21
CA ARG C 471 -17.95 6.45 14.59
C ARG C 471 -16.69 6.81 13.80
N TYR C 472 -16.81 7.56 12.70
CA TYR C 472 -15.66 7.94 11.87
C TYR C 472 -14.92 6.70 11.42
N ALA D 11 46.19 -9.77 22.55
CA ALA D 11 47.25 -9.78 23.55
C ALA D 11 48.55 -9.26 22.94
N GLY D 12 48.81 -7.96 23.11
CA GLY D 12 49.88 -7.29 22.41
C GLY D 12 49.49 -6.74 21.05
N PHE D 13 48.21 -6.74 20.73
CA PHE D 13 47.75 -6.22 19.44
C PHE D 13 47.42 -4.74 19.57
N THR D 14 48.12 -3.91 18.79
CA THR D 14 47.93 -2.47 18.81
C THR D 14 47.69 -1.89 17.42
N ASP D 15 47.57 -2.74 16.40
CA ASP D 15 47.55 -2.28 15.01
C ASP D 15 46.10 -1.93 14.63
N TYR D 16 45.59 -0.87 15.26
CA TYR D 16 44.21 -0.44 15.02
C TYR D 16 44.01 0.95 15.62
N LYS D 17 42.88 1.56 15.27
CA LYS D 17 42.45 2.80 15.92
C LYS D 17 40.93 2.87 15.84
N VAL D 18 40.28 2.81 17.00
CA VAL D 18 38.82 2.86 17.09
C VAL D 18 38.45 3.84 18.20
N ALA D 19 37.15 4.11 18.30
CA ALA D 19 36.66 5.08 19.26
C ALA D 19 36.84 4.59 20.70
N ASP D 20 36.50 3.32 20.95
CA ASP D 20 36.41 2.80 22.32
C ASP D 20 36.45 1.27 22.26
N ILE D 21 37.63 0.71 22.51
CA ILE D 21 37.79 -0.75 22.47
C ILE D 21 36.85 -1.48 23.44
N THR D 22 36.36 -0.82 24.49
CA THR D 22 35.54 -1.54 25.45
C THR D 22 34.13 -1.81 24.94
N LEU D 23 33.77 -1.25 23.78
CA LEU D 23 32.51 -1.59 23.14
C LEU D 23 32.56 -2.95 22.44
N ALA D 24 33.69 -3.66 22.54
CA ALA D 24 33.88 -4.88 21.75
C ALA D 24 32.85 -5.95 22.13
N ALA D 25 32.64 -6.17 23.42
CA ALA D 25 31.69 -7.20 23.84
C ALA D 25 30.30 -6.95 23.27
N TRP D 26 29.85 -5.70 23.30
CA TRP D 26 28.57 -5.32 22.69
C TRP D 26 28.58 -5.62 21.20
N GLY D 27 29.66 -5.21 20.50
CA GLY D 27 29.74 -5.47 19.08
C GLY D 27 29.69 -6.95 18.75
N ARG D 28 30.38 -7.77 19.54
CA ARG D 28 30.35 -9.22 19.33
C ARG D 28 28.95 -9.77 19.50
N ARG D 29 28.20 -9.29 20.50
CA ARG D 29 26.83 -9.76 20.66
C ARG D 29 26.00 -9.44 19.41
N GLU D 30 26.21 -8.26 18.83
CA GLU D 30 25.43 -7.92 17.65
C GLU D 30 25.94 -8.66 16.42
N LEU D 31 27.23 -8.99 16.38
CA LEU D 31 27.73 -9.82 15.28
C LEU D 31 27.11 -11.21 15.31
N ILE D 32 26.94 -11.78 16.50
CA ILE D 32 26.38 -13.12 16.59
C ILE D 32 24.91 -13.11 16.14
N ILE D 33 24.17 -12.06 16.49
CA ILE D 33 22.82 -11.90 15.95
C ILE D 33 22.85 -11.72 14.44
N ALA D 34 23.76 -10.88 13.95
CA ALA D 34 23.82 -10.61 12.50
C ALA D 34 24.12 -11.89 11.73
N GLU D 35 24.97 -12.75 12.27
CA GLU D 35 25.24 -14.03 11.61
C GLU D 35 23.96 -14.81 11.34
N SER D 36 23.02 -14.83 12.30
CA SER D 36 21.77 -15.54 12.08
C SER D 36 20.88 -14.85 11.05
N GLU D 37 21.16 -13.59 10.72
CA GLU D 37 20.40 -12.84 9.73
C GLU D 37 21.04 -12.85 8.35
N MET D 38 22.19 -13.48 8.18
CA MET D 38 22.93 -13.40 6.92
C MET D 38 23.25 -14.81 6.43
N PRO D 39 22.23 -15.56 6.02
CA PRO D 39 22.46 -16.96 5.65
C PRO D 39 23.30 -17.16 4.39
N ALA D 40 23.24 -16.25 3.41
CA ALA D 40 24.07 -16.47 2.22
C ALA D 40 25.55 -16.32 2.58
N LEU D 41 25.88 -15.30 3.38
CA LEU D 41 27.26 -15.10 3.79
C LEU D 41 27.72 -16.24 4.71
N MET D 42 26.89 -16.60 5.70
N MET D 42 26.89 -16.62 5.67
CA MET D 42 27.21 -17.73 6.56
CA MET D 42 27.30 -17.71 6.54
C MET D 42 27.38 -19.00 5.74
C MET D 42 27.35 -19.04 5.79
N GLY D 43 26.52 -19.21 4.75
CA GLY D 43 26.62 -20.41 3.94
C GLY D 43 27.93 -20.49 3.19
N LEU D 44 28.45 -19.35 2.72
CA LEU D 44 29.75 -19.33 2.07
C LEU D 44 30.86 -19.64 3.06
N ARG D 45 30.75 -19.07 4.27
CA ARG D 45 31.68 -19.39 5.33
C ARG D 45 31.74 -20.90 5.58
N ARG D 46 30.57 -21.53 5.73
CA ARG D 46 30.56 -22.97 5.99
C ARG D 46 31.04 -23.77 4.78
N LYS D 47 30.68 -23.34 3.58
CA LYS D 47 30.99 -24.12 2.39
C LYS D 47 32.49 -24.09 2.07
N TYR D 48 33.17 -22.98 2.35
CA TYR D 48 34.52 -22.75 1.86
C TYR D 48 35.58 -22.73 2.95
N ALA D 49 35.20 -22.74 4.23
CA ALA D 49 36.21 -22.61 5.29
C ALA D 49 37.26 -23.71 5.20
N GLY D 50 36.84 -24.94 4.92
CA GLY D 50 37.80 -26.04 4.86
C GLY D 50 38.75 -25.93 3.68
N GLN D 51 38.31 -25.33 2.59
CA GLN D 51 39.13 -25.24 1.39
C GLN D 51 40.06 -24.03 1.40
N GLN D 52 39.77 -23.02 2.22
CA GLN D 52 40.62 -21.84 2.36
C GLN D 52 40.91 -21.16 1.02
N PRO D 53 39.88 -20.77 0.27
CA PRO D 53 40.13 -20.20 -1.07
C PRO D 53 40.83 -18.86 -1.02
N LEU D 54 40.81 -18.16 0.11
CA LEU D 54 41.50 -16.89 0.23
C LEU D 54 42.80 -16.97 1.01
N LYS D 55 43.30 -18.18 1.26
CA LYS D 55 44.63 -18.32 1.86
C LYS D 55 45.67 -17.65 0.98
N GLY D 56 46.40 -16.68 1.56
CA GLY D 56 47.38 -15.90 0.84
C GLY D 56 46.87 -14.56 0.36
N ALA D 57 45.57 -14.33 0.43
CA ALA D 57 45.01 -13.06 0.01
C ALA D 57 45.25 -12.03 1.10
N LYS D 58 45.58 -10.82 0.68
CA LYS D 58 45.82 -9.72 1.61
C LYS D 58 44.99 -8.55 1.08
N ILE D 59 43.87 -8.29 1.74
CA ILE D 59 42.81 -7.45 1.20
C ILE D 59 42.82 -6.09 1.89
N LEU D 60 43.00 -5.03 1.11
CA LEU D 60 42.70 -3.68 1.56
C LEU D 60 41.21 -3.45 1.44
N GLY D 61 40.55 -3.15 2.54
N GLY D 61 40.54 -3.17 2.55
CA GLY D 61 39.11 -2.97 2.51
CA GLY D 61 39.11 -2.96 2.51
C GLY D 61 38.68 -1.58 2.94
C GLY D 61 38.70 -1.56 2.93
N CYS D 62 37.83 -0.92 2.15
CA CYS D 62 37.31 0.41 2.49
C CYS D 62 35.81 0.40 2.27
N ILE D 63 35.05 0.24 3.36
CA ILE D 63 33.60 0.27 3.31
C ILE D 63 33.08 0.44 4.73
N HIS D 64 32.02 1.24 4.87
CA HIS D 64 31.30 1.48 6.12
C HIS D 64 31.50 0.39 7.17
N MET D 65 32.15 0.75 8.27
CA MET D 65 32.50 -0.22 9.32
C MET D 65 31.32 -0.43 10.26
N THR D 66 30.30 -1.09 9.72
CA THR D 66 29.08 -1.48 10.40
C THR D 66 29.17 -2.92 10.90
N ILE D 67 28.15 -3.33 11.66
CA ILE D 67 28.02 -4.73 12.08
C ILE D 67 27.98 -5.66 10.86
N GLN D 68 27.30 -5.23 9.80
CA GLN D 68 27.20 -6.04 8.59
C GLN D 68 28.57 -6.22 7.94
N THR D 69 29.33 -5.12 7.85
CA THR D 69 30.70 -5.24 7.35
C THR D 69 31.56 -6.12 8.24
N GLY D 70 31.31 -6.11 9.56
CA GLY D 70 32.03 -7.02 10.45
C GLY D 70 31.84 -8.48 10.05
N VAL D 71 30.60 -8.87 9.73
CA VAL D 71 30.39 -10.26 9.33
C VAL D 71 31.07 -10.55 8.00
N LEU D 72 31.12 -9.57 7.10
CA LEU D 72 31.86 -9.75 5.85
C LEU D 72 33.35 -9.94 6.13
N ILE D 73 33.93 -9.07 6.97
CA ILE D 73 35.36 -9.18 7.27
C ILE D 73 35.68 -10.55 7.84
N GLU D 74 34.88 -11.00 8.81
CA GLU D 74 35.20 -12.28 9.44
C GLU D 74 34.96 -13.45 8.52
N THR D 75 34.07 -13.31 7.53
CA THR D 75 33.95 -14.35 6.51
C THR D 75 35.21 -14.40 5.66
N LEU D 76 35.72 -13.24 5.25
CA LEU D 76 36.94 -13.22 4.44
C LEU D 76 38.09 -13.85 5.22
N VAL D 77 38.23 -13.47 6.50
CA VAL D 77 39.27 -14.03 7.36
C VAL D 77 39.08 -15.54 7.54
N ALA D 78 37.84 -15.96 7.79
CA ALA D 78 37.58 -17.38 7.97
C ALA D 78 37.96 -18.20 6.74
N LEU D 79 37.89 -17.59 5.56
CA LEU D 79 38.29 -18.26 4.32
C LEU D 79 39.79 -18.13 4.01
N GLY D 80 40.56 -17.54 4.92
CA GLY D 80 42.02 -17.55 4.82
C GLY D 80 42.66 -16.19 4.62
N ALA D 81 41.88 -15.15 4.41
CA ALA D 81 42.42 -13.85 4.06
C ALA D 81 43.01 -13.13 5.27
N GLU D 82 44.01 -12.29 5.01
CA GLU D 82 44.34 -11.21 5.93
C GLU D 82 43.77 -9.91 5.37
N VAL D 83 43.38 -8.99 6.27
CA VAL D 83 42.77 -7.73 5.83
C VAL D 83 43.32 -6.56 6.64
N ARG D 84 43.21 -5.36 6.06
CA ARG D 84 43.44 -4.09 6.76
C ARG D 84 42.29 -3.19 6.31
N TRP D 85 41.53 -2.65 7.29
CA TRP D 85 40.20 -2.10 7.00
C TRP D 85 40.03 -0.65 7.43
N SER D 86 39.22 0.08 6.66
CA SER D 86 38.78 1.42 7.00
C SER D 86 37.34 1.60 6.53
N SER D 87 36.68 2.64 7.05
CA SER D 87 35.35 3.01 6.57
C SER D 87 35.47 3.89 5.35
N CYS D 88 34.45 3.87 4.50
CA CYS D 88 34.40 4.73 3.33
C CYS D 88 33.55 5.98 3.56
N ASN D 89 33.20 6.28 4.80
CA ASN D 89 32.46 7.50 5.12
C ASN D 89 32.77 7.90 6.56
N ILE D 90 32.81 9.22 6.81
CA ILE D 90 33.21 9.72 8.12
C ILE D 90 32.16 9.47 9.19
N PHE D 91 30.90 9.22 8.82
CA PHE D 91 29.81 9.08 9.78
C PHE D 91 29.19 7.68 9.83
N SER D 92 29.69 6.73 9.05
CA SER D 92 28.95 5.49 8.86
C SER D 92 29.40 4.36 9.79
N THR D 93 30.54 4.49 10.46
CA THR D 93 31.00 3.42 11.35
C THR D 93 30.06 3.25 12.54
N GLN D 94 29.82 1.99 12.92
CA GLN D 94 29.23 1.67 14.20
C GLN D 94 30.39 1.35 15.14
N ASP D 95 30.59 2.19 16.15
CA ASP D 95 31.80 2.06 16.96
C ASP D 95 31.90 0.71 17.65
N GLN D 96 30.77 0.08 17.96
CA GLN D 96 30.87 -1.25 18.57
C GLN D 96 31.28 -2.30 17.55
N ALA D 97 30.97 -2.08 16.27
CA ALA D 97 31.44 -3.02 15.28
C ALA D 97 32.95 -2.91 15.09
N ALA D 98 33.45 -1.68 15.03
CA ALA D 98 34.89 -1.46 14.89
C ALA D 98 35.65 -2.04 16.08
N ALA D 99 35.12 -1.82 17.30
CA ALA D 99 35.75 -2.40 18.49
C ALA D 99 35.85 -3.91 18.40
N ALA D 100 34.75 -4.57 18.00
CA ALA D 100 34.77 -6.03 17.97
C ALA D 100 35.79 -6.54 16.97
N ILE D 101 35.91 -5.88 15.82
CA ILE D 101 36.87 -6.33 14.81
C ILE D 101 38.29 -6.10 15.31
N ALA D 102 38.56 -4.93 15.89
CA ALA D 102 39.86 -4.67 16.49
C ALA D 102 40.19 -5.66 17.61
N ALA D 103 39.22 -5.95 18.48
CA ALA D 103 39.45 -6.89 19.56
C ALA D 103 39.70 -8.30 19.06
N ALA D 104 39.33 -8.60 17.82
CA ALA D 104 39.60 -9.91 17.25
C ALA D 104 40.98 -9.97 16.61
N GLY D 105 41.81 -8.94 16.79
CA GLY D 105 43.13 -8.94 16.20
C GLY D 105 43.19 -8.57 14.73
N ILE D 106 42.22 -7.81 14.23
CA ILE D 106 42.14 -7.45 12.82
C ILE D 106 42.39 -5.95 12.70
N PRO D 107 43.35 -5.51 11.88
CA PRO D 107 43.61 -4.07 11.76
C PRO D 107 42.43 -3.33 11.17
N VAL D 108 41.94 -2.36 11.92
CA VAL D 108 40.80 -1.54 11.49
C VAL D 108 40.99 -0.14 12.01
N PHE D 109 40.72 0.85 11.16
CA PHE D 109 40.95 2.26 11.48
C PHE D 109 39.68 2.98 11.09
N ALA D 110 38.79 3.19 12.07
CA ALA D 110 37.43 3.65 11.77
C ALA D 110 36.71 4.07 13.04
N TRP D 111 36.04 5.23 12.99
CA TRP D 111 35.16 5.64 14.07
C TRP D 111 34.10 6.57 13.50
N LYS D 112 32.96 6.63 14.18
CA LYS D 112 31.89 7.53 13.78
C LYS D 112 32.31 8.96 14.11
N GLY D 113 32.18 9.86 13.14
CA GLY D 113 32.53 11.25 13.37
C GLY D 113 33.97 11.63 13.06
N GLU D 114 34.62 10.94 12.13
CA GLU D 114 35.95 11.36 11.70
C GLU D 114 35.91 12.76 11.08
N THR D 115 37.02 13.47 11.18
CA THR D 115 37.23 14.61 10.30
C THR D 115 37.70 14.11 8.93
N GLU D 116 37.69 15.02 7.93
CA GLU D 116 38.19 14.65 6.62
C GLU D 116 39.66 14.23 6.68
N GLU D 117 40.45 14.91 7.52
CA GLU D 117 41.86 14.57 7.67
C GLU D 117 42.02 13.17 8.24
N GLU D 118 41.25 12.86 9.30
CA GLU D 118 41.27 11.53 9.90
C GLU D 118 40.82 10.48 8.91
N TYR D 119 39.84 10.82 8.07
CA TYR D 119 39.36 9.86 7.07
C TYR D 119 40.49 9.39 6.18
N GLU D 120 41.23 10.35 5.61
CA GLU D 120 42.37 10.01 4.77
C GLU D 120 43.45 9.27 5.56
N TRP D 121 43.72 9.72 6.78
CA TRP D 121 44.69 9.03 7.62
C TRP D 121 44.32 7.56 7.80
N CYS D 122 43.03 7.27 8.00
CA CYS D 122 42.57 5.90 8.20
C CYS D 122 42.82 5.04 6.98
N ILE D 123 42.54 5.57 5.78
CA ILE D 123 42.82 4.80 4.57
C ILE D 123 44.30 4.51 4.45
N GLU D 124 45.14 5.50 4.76
CA GLU D 124 46.60 5.29 4.68
CA GLU D 124 46.60 5.30 4.68
C GLU D 124 47.09 4.29 5.71
N GLN D 125 46.42 4.19 6.86
CA GLN D 125 46.86 3.19 7.85
C GLN D 125 46.62 1.77 7.35
N THR D 126 45.66 1.57 6.44
CA THR D 126 45.47 0.26 5.84
C THR D 126 46.52 0.00 4.77
N ILE D 127 46.90 1.03 4.00
CA ILE D 127 47.84 0.86 2.90
C ILE D 127 49.25 0.62 3.43
N LEU D 128 49.61 1.31 4.49
CA LEU D 128 50.94 1.24 5.06
C LEU D 128 50.91 0.39 6.32
N LYS D 129 51.89 -0.50 6.45
CA LYS D 129 52.10 -1.23 7.70
C LYS D 129 53.53 -0.99 8.13
N ASP D 130 53.70 -0.51 9.36
CA ASP D 130 55.02 -0.16 9.89
C ASP D 130 55.74 0.84 8.98
N GLY D 131 54.97 1.74 8.38
CA GLY D 131 55.57 2.80 7.60
C GLY D 131 55.94 2.44 6.17
N GLN D 132 55.63 1.24 5.71
CA GLN D 132 55.95 0.79 4.37
C GLN D 132 54.70 0.19 3.74
N PRO D 133 54.65 0.11 2.41
CA PRO D 133 53.47 -0.50 1.77
C PRO D 133 53.23 -1.91 2.28
N TRP D 134 51.99 -2.18 2.68
CA TRP D 134 51.61 -3.54 3.01
C TRP D 134 51.73 -4.42 1.77
N ASP D 135 51.96 -5.71 1.98
CA ASP D 135 52.04 -6.60 0.82
C ASP D 135 50.62 -6.98 0.38
N ALA D 136 49.80 -5.98 0.10
CA ALA D 136 48.44 -6.20 -0.36
C ALA D 136 48.43 -6.86 -1.73
N ASN D 137 47.39 -7.66 -1.98
CA ASN D 137 47.18 -8.20 -3.33
C ASN D 137 45.72 -8.18 -3.76
N MET D 138 44.81 -7.59 -2.97
CA MET D 138 43.39 -7.52 -3.30
C MET D 138 42.80 -6.24 -2.71
N VAL D 139 41.77 -5.71 -3.37
CA VAL D 139 41.09 -4.48 -2.94
C VAL D 139 39.59 -4.72 -2.92
N LEU D 140 38.95 -4.29 -1.83
CA LEU D 140 37.50 -4.26 -1.70
C LEU D 140 37.12 -2.82 -1.38
N ASP D 141 36.30 -2.22 -2.23
CA ASP D 141 36.08 -0.78 -2.16
C ASP D 141 34.59 -0.48 -2.27
N ASP D 142 34.19 0.64 -1.71
CA ASP D 142 32.80 1.08 -1.75
C ASP D 142 32.87 2.58 -2.02
N GLY D 143 32.73 2.97 -3.29
CA GLY D 143 32.76 4.35 -3.67
C GLY D 143 34.01 4.80 -4.38
N GLY D 144 35.09 4.03 -4.28
CA GLY D 144 36.26 4.27 -5.11
C GLY D 144 37.36 5.12 -4.50
N ASP D 145 37.22 5.56 -3.25
CA ASP D 145 38.24 6.41 -2.63
C ASP D 145 39.56 5.66 -2.45
N LEU D 146 39.51 4.44 -1.93
CA LEU D 146 40.73 3.64 -1.78
C LEU D 146 41.33 3.31 -3.13
N THR D 147 40.49 2.96 -4.11
CA THR D 147 40.95 2.71 -5.47
C THR D 147 41.67 3.92 -6.03
N GLU D 148 41.09 5.11 -5.83
CA GLU D 148 41.70 6.34 -6.34
C GLU D 148 43.06 6.63 -5.70
N ILE D 149 43.17 6.46 -4.37
CA ILE D 149 44.43 6.77 -3.71
C ILE D 149 45.53 5.81 -4.15
N LEU D 150 45.18 4.53 -4.35
CA LEU D 150 46.20 3.60 -4.84
C LEU D 150 46.69 3.99 -6.23
N HIS D 151 45.77 4.40 -7.11
CA HIS D 151 46.17 4.73 -8.48
C HIS D 151 47.01 5.99 -8.52
N LYS D 152 46.67 7.00 -7.70
CA LYS D 152 47.40 8.25 -7.76
C LYS D 152 48.71 8.18 -6.97
N LYS D 153 48.70 7.52 -5.81
CA LYS D 153 49.81 7.60 -4.89
C LYS D 153 50.66 6.34 -4.81
N TYR D 154 50.09 5.16 -5.08
CA TYR D 154 50.78 3.90 -4.86
C TYR D 154 50.74 2.99 -6.09
N PRO D 155 51.15 3.48 -7.28
CA PRO D 155 51.08 2.60 -8.46
C PRO D 155 51.91 1.33 -8.31
N GLN D 156 53.05 1.37 -7.59
CA GLN D 156 53.86 0.17 -7.47
C GLN D 156 53.13 -0.93 -6.70
N MET D 157 52.27 -0.55 -5.76
CA MET D 157 51.44 -1.54 -5.07
C MET D 157 50.44 -2.20 -6.01
N LEU D 158 49.91 -1.44 -6.97
CA LEU D 158 48.90 -2.00 -7.86
C LEU D 158 49.48 -3.08 -8.77
N GLU D 159 50.79 -2.99 -9.07
CA GLU D 159 51.46 -4.04 -9.83
C GLU D 159 51.24 -5.41 -9.24
N ARG D 160 51.10 -5.51 -7.92
CA ARG D 160 50.99 -6.80 -7.26
C ARG D 160 49.57 -7.09 -6.80
N ILE D 161 48.59 -6.29 -7.23
CA ILE D 161 47.20 -6.48 -6.82
C ILE D 161 46.47 -7.21 -7.94
N HIS D 162 45.73 -8.26 -7.57
CA HIS D 162 45.03 -9.09 -8.56
C HIS D 162 43.68 -8.52 -8.98
N GLY D 163 43.09 -7.63 -8.18
CA GLY D 163 41.80 -7.10 -8.59
C GLY D 163 41.17 -6.25 -7.51
N ILE D 164 40.06 -5.62 -7.93
CA ILE D 164 39.24 -4.74 -7.09
C ILE D 164 37.81 -5.29 -7.14
N THR D 165 37.17 -5.41 -5.99
CA THR D 165 35.73 -5.71 -5.96
C THR D 165 35.02 -4.48 -5.41
N GLU D 166 34.23 -3.81 -6.26
CA GLU D 166 33.65 -2.51 -5.96
C GLU D 166 32.15 -2.63 -5.67
N GLU D 167 31.72 -1.99 -4.58
CA GLU D 167 30.41 -2.22 -3.99
C GLU D 167 29.28 -1.44 -4.67
N THR D 168 29.53 -0.21 -5.10
CA THR D 168 28.40 0.71 -5.29
C THR D 168 28.44 1.44 -6.63
N THR D 169 27.28 1.96 -7.03
CA THR D 169 27.11 2.56 -8.35
C THR D 169 28.16 3.65 -8.61
N THR D 170 28.37 4.53 -7.63
CA THR D 170 29.31 5.64 -7.85
C THR D 170 30.72 5.10 -8.08
N GLY D 171 31.11 4.08 -7.32
CA GLY D 171 32.44 3.51 -7.52
C GLY D 171 32.59 2.83 -8.86
N VAL D 172 31.52 2.18 -9.34
CA VAL D 172 31.63 1.54 -10.65
C VAL D 172 31.80 2.59 -11.73
N HIS D 173 31.08 3.70 -11.62
CA HIS D 173 31.22 4.79 -12.57
C HIS D 173 32.67 5.27 -12.64
N ARG D 174 33.31 5.43 -11.49
CA ARG D 174 34.71 5.86 -11.48
C ARG D 174 35.63 4.80 -12.09
N LEU D 175 35.33 3.51 -11.90
CA LEU D 175 36.11 2.47 -12.53
C LEU D 175 35.97 2.52 -14.06
N LEU D 176 34.72 2.61 -14.54
CA LEU D 176 34.51 2.64 -15.99
C LEU D 176 35.16 3.87 -16.61
N ASP D 177 35.14 4.99 -15.88
CA ASP D 177 35.88 6.15 -16.32
C ASP D 177 37.36 5.85 -16.48
N MET D 178 37.95 5.15 -15.51
CA MET D 178 39.36 4.85 -15.60
C MET D 178 39.64 3.88 -16.73
N LEU D 179 38.75 2.90 -16.94
CA LEU D 179 38.96 1.94 -17.99
C LEU D 179 38.90 2.60 -19.36
N LYS D 180 37.95 3.52 -19.54
CA LYS D 180 37.83 4.25 -20.81
C LYS D 180 39.07 5.11 -21.07
N ASN D 181 39.64 5.68 -20.02
CA ASN D 181 40.82 6.52 -20.17
C ASN D 181 42.11 5.73 -20.19
N GLY D 182 42.04 4.40 -20.08
CA GLY D 182 43.25 3.60 -20.04
C GLY D 182 44.11 3.80 -18.81
N THR D 183 43.51 4.22 -17.69
CA THR D 183 44.23 4.43 -16.44
C THR D 183 43.93 3.37 -15.36
N LEU D 184 42.94 2.51 -15.56
CA LEU D 184 42.70 1.42 -14.63
C LEU D 184 43.85 0.42 -14.71
N LYS D 185 44.44 0.08 -13.56
CA LYS D 185 45.63 -0.75 -13.56
C LYS D 185 45.38 -2.22 -13.23
N VAL D 186 44.23 -2.54 -12.63
CA VAL D 186 43.90 -3.93 -12.31
C VAL D 186 42.43 -4.16 -12.63
N PRO D 187 42.06 -5.41 -12.91
CA PRO D 187 40.66 -5.70 -13.26
C PRO D 187 39.76 -5.55 -12.05
N ALA D 188 38.46 -5.47 -12.32
CA ALA D 188 37.51 -5.27 -11.24
C ALA D 188 36.26 -6.09 -11.50
N ILE D 189 35.60 -6.48 -10.41
CA ILE D 189 34.24 -6.98 -10.48
C ILE D 189 33.30 -5.89 -9.96
N ASN D 190 32.33 -5.55 -10.78
CA ASN D 190 31.24 -4.65 -10.44
C ASN D 190 30.26 -5.46 -9.59
N VAL D 191 30.42 -5.38 -8.27
CA VAL D 191 29.51 -6.13 -7.41
C VAL D 191 28.14 -5.50 -7.43
N ASN D 192 28.08 -4.19 -7.67
CA ASN D 192 26.84 -3.45 -7.59
C ASN D 192 25.75 -4.05 -8.48
N ASP D 193 26.13 -4.53 -9.66
CA ASP D 193 25.13 -4.90 -10.65
C ASP D 193 24.73 -6.37 -10.64
N SER D 194 25.12 -7.14 -9.62
CA SER D 194 24.39 -8.35 -9.34
C SER D 194 22.95 -7.99 -8.97
N VAL D 195 21.99 -8.83 -9.38
CA VAL D 195 20.62 -8.47 -9.06
C VAL D 195 20.39 -8.56 -7.55
N THR D 196 21.05 -9.51 -6.90
CA THR D 196 20.98 -9.61 -5.43
C THR D 196 21.79 -8.52 -4.74
N LYS D 197 22.35 -7.58 -5.50
CA LYS D 197 22.92 -6.38 -4.92
C LYS D 197 22.06 -5.19 -5.33
N SER D 198 22.17 -4.75 -6.60
CA SER D 198 21.49 -3.53 -7.06
C SER D 198 20.00 -3.53 -6.72
N LYS D 199 19.31 -4.64 -7.01
CA LYS D 199 17.84 -4.67 -6.87
C LYS D 199 17.41 -5.23 -5.54
N ASN D 200 18.31 -5.23 -4.57
CA ASN D 200 18.07 -5.66 -3.20
C ASN D 200 18.55 -4.56 -2.26
N ASP D 201 19.87 -4.45 -2.15
CA ASP D 201 20.54 -3.43 -1.35
C ASP D 201 20.11 -2.02 -1.77
N ASN D 202 20.35 -1.64 -3.04
CA ASN D 202 20.17 -0.24 -3.42
C ASN D 202 18.72 0.19 -3.21
N LYS D 203 17.78 -0.70 -3.51
CA LYS D 203 16.35 -0.37 -3.46
C LYS D 203 15.75 -0.69 -2.10
N TYR D 204 15.66 -1.97 -1.75
CA TYR D 204 14.99 -2.33 -0.50
C TYR D 204 15.81 -1.88 0.73
N GLY D 205 17.12 -1.79 0.62
CA GLY D 205 17.89 -1.29 1.76
C GLY D 205 17.51 0.15 2.11
N CYS D 206 17.35 0.99 1.08
CA CYS D 206 16.96 2.37 1.34
C CYS D 206 15.51 2.48 1.74
N ARG D 207 14.64 1.58 1.26
CA ARG D 207 13.27 1.53 1.76
CA ARG D 207 13.28 1.53 1.76
C ARG D 207 13.26 1.31 3.27
N HIS D 208 14.10 0.41 3.77
CA HIS D 208 14.19 0.14 5.20
C HIS D 208 14.81 1.33 5.94
N SER D 209 15.91 1.87 5.43
CA SER D 209 16.76 2.71 6.27
C SER D 209 16.57 4.21 6.09
N LEU D 210 15.86 4.66 5.05
CA LEU D 210 15.65 6.11 4.90
C LEU D 210 14.72 6.65 5.97
N ASN D 211 13.48 6.14 6.05
CA ASN D 211 12.59 6.63 7.10
CA ASN D 211 12.58 6.60 7.10
C ASN D 211 13.15 6.31 8.48
N ASP D 212 13.90 5.21 8.62
CA ASP D 212 14.59 4.90 9.87
C ASP D 212 15.46 6.08 10.30
N ALA D 213 16.32 6.55 9.40
CA ALA D 213 17.25 7.62 9.77
C ALA D 213 16.52 8.94 10.00
N ILE D 214 15.47 9.22 9.23
CA ILE D 214 14.75 10.46 9.46
C ILE D 214 14.06 10.45 10.83
N LYS D 215 13.49 9.31 11.23
CA LYS D 215 12.87 9.22 12.55
C LYS D 215 13.91 9.36 13.65
N ARG D 216 15.05 8.69 13.53
CA ARG D 216 16.03 8.78 14.60
C ARG D 216 16.58 10.20 14.71
N GLY D 217 16.73 10.90 13.59
CA GLY D 217 17.30 12.24 13.62
C GLY D 217 16.35 13.31 14.13
N THR D 218 15.07 13.24 13.73
CA THR D 218 14.10 14.29 14.01
C THR D 218 12.89 13.83 14.80
N ASP D 219 12.58 12.53 14.80
CA ASP D 219 11.33 12.01 15.33
C ASP D 219 10.11 12.72 14.74
N HIS D 220 10.23 13.16 13.49
CA HIS D 220 9.12 13.79 12.78
C HIS D 220 8.09 12.77 12.33
N LEU D 221 6.83 13.06 12.60
CA LEU D 221 5.76 12.43 11.85
C LEU D 221 6.00 12.65 10.36
N LEU D 222 5.91 11.56 9.59
CA LEU D 222 6.00 11.67 8.13
C LEU D 222 4.64 11.65 7.43
N SER D 223 3.66 10.90 7.96
CA SER D 223 2.34 10.80 7.34
C SER D 223 1.73 12.17 7.11
N GLY D 224 1.17 12.39 5.92
CA GLY D 224 0.45 13.62 5.63
C GLY D 224 1.31 14.78 5.14
N LYS D 225 2.62 14.67 5.19
CA LYS D 225 3.52 15.75 4.79
C LYS D 225 4.00 15.52 3.36
N GLN D 226 4.59 16.58 2.78
CA GLN D 226 5.02 16.58 1.39
C GLN D 226 6.52 16.29 1.30
N ALA D 227 6.88 15.36 0.44
CA ALA D 227 8.27 15.02 0.17
C ALA D 227 8.58 15.20 -1.31
N LEU D 228 9.83 15.55 -1.58
CA LEU D 228 10.40 15.60 -2.92
C LEU D 228 11.63 14.70 -2.95
N VAL D 229 11.58 13.63 -3.73
CA VAL D 229 12.72 12.75 -3.96
C VAL D 229 13.33 13.12 -5.30
N ILE D 230 14.62 13.45 -5.29
CA ILE D 230 15.35 13.83 -6.50
C ILE D 230 16.02 12.56 -7.00
N GLY D 231 15.51 11.99 -8.09
CA GLY D 231 16.03 10.77 -8.68
C GLY D 231 15.12 9.57 -8.45
N TYR D 232 15.15 8.63 -9.39
CA TYR D 232 14.27 7.47 -9.30
C TYR D 232 14.95 6.26 -9.95
N GLY D 233 16.26 6.12 -9.69
CA GLY D 233 16.99 4.88 -9.93
C GLY D 233 16.72 3.91 -8.80
N ASP D 234 17.67 3.01 -8.54
CA ASP D 234 17.37 2.00 -7.53
C ASP D 234 17.24 2.63 -6.14
N VAL D 235 18.09 3.59 -5.83
CA VAL D 235 18.03 4.27 -4.53
C VAL D 235 16.80 5.17 -4.45
N GLY D 236 16.52 5.93 -5.51
CA GLY D 236 15.33 6.77 -5.51
C GLY D 236 14.02 5.97 -5.43
N LYS D 237 13.96 4.84 -6.15
CA LYS D 237 12.80 3.96 -6.03
C LYS D 237 12.59 3.52 -4.60
N GLY D 238 13.65 3.01 -3.95
CA GLY D 238 13.53 2.58 -2.58
C GLY D 238 13.23 3.72 -1.63
N SER D 239 13.87 4.87 -1.84
CA SER D 239 13.64 6.02 -0.99
C SER D 239 12.20 6.47 -1.07
N SER D 240 11.68 6.61 -2.30
CA SER D 240 10.30 7.05 -2.49
C SER D 240 9.32 6.09 -1.80
N GLN D 241 9.60 4.79 -1.85
CA GLN D 241 8.72 3.84 -1.17
C GLN D 241 8.86 3.95 0.34
N SER D 242 10.08 4.20 0.84
CA SER D 242 10.29 4.41 2.28
C SER D 242 9.39 5.51 2.83
N LEU D 243 9.19 6.55 2.04
CA LEU D 243 8.37 7.68 2.46
C LEU D 243 6.89 7.47 2.13
N ARG D 244 6.57 6.95 0.95
CA ARG D 244 5.16 6.73 0.61
C ARG D 244 4.51 5.72 1.55
N GLN D 245 5.22 4.65 1.94
CA GLN D 245 4.63 3.67 2.85
C GLN D 245 4.37 4.24 4.24
N GLU D 246 5.01 5.34 4.59
CA GLU D 246 4.71 6.04 5.84
C GLU D 246 3.55 7.00 5.70
N GLY D 247 3.00 7.18 4.51
CA GLY D 247 1.91 8.12 4.31
C GLY D 247 2.32 9.50 3.81
N MET D 248 3.57 9.67 3.38
CA MET D 248 3.96 10.93 2.78
C MET D 248 3.32 11.08 1.41
N ILE D 249 3.08 12.33 1.01
CA ILE D 249 2.70 12.66 -0.36
C ILE D 249 4.00 12.97 -1.07
N VAL D 250 4.42 12.06 -1.96
CA VAL D 250 5.77 12.05 -2.51
C VAL D 250 5.71 12.52 -3.95
N LYS D 251 6.55 13.50 -4.28
CA LYS D 251 6.79 13.90 -5.65
C LYS D 251 8.19 13.48 -6.02
N VAL D 252 8.40 13.18 -7.30
CA VAL D 252 9.66 12.61 -7.78
C VAL D 252 10.17 13.50 -8.90
N ALA D 253 11.46 13.84 -8.85
CA ALA D 253 12.15 14.48 -9.97
C ALA D 253 13.11 13.50 -10.64
N GLU D 254 13.28 13.66 -11.96
CA GLU D 254 14.16 12.79 -12.73
C GLU D 254 14.58 13.50 -14.00
N VAL D 255 15.76 13.14 -14.49
CA VAL D 255 16.21 13.54 -15.82
C VAL D 255 16.03 12.42 -16.83
N ASP D 256 15.87 11.18 -16.37
CA ASP D 256 15.70 10.02 -17.23
C ASP D 256 14.21 9.77 -17.43
N PRO D 257 13.69 9.88 -18.66
CA PRO D 257 12.25 9.74 -18.85
C PRO D 257 11.75 8.33 -18.62
N ILE D 258 12.60 7.32 -18.80
CA ILE D 258 12.16 5.95 -18.49
C ILE D 258 11.95 5.79 -17.00
N CYS D 259 12.88 6.31 -16.19
CA CYS D 259 12.70 6.26 -14.74
C CYS D 259 11.51 7.10 -14.29
N ALA D 260 11.32 8.28 -14.92
CA ALA D 260 10.13 9.07 -14.66
C ALA D 260 8.84 8.32 -14.99
N MET D 261 8.82 7.59 -16.11
N MET D 261 8.81 7.60 -16.12
CA MET D 261 7.64 6.81 -16.46
CA MET D 261 7.64 6.81 -16.47
C MET D 261 7.31 5.80 -15.38
C MET D 261 7.30 5.81 -15.37
N GLN D 262 8.33 5.15 -14.82
CA GLN D 262 8.11 4.23 -13.72
C GLN D 262 7.52 4.96 -12.52
N ALA D 263 8.04 6.15 -12.20
CA ALA D 263 7.51 6.90 -11.07
C ALA D 263 6.03 7.22 -11.26
N CYS D 264 5.63 7.63 -12.48
CA CYS D 264 4.22 7.89 -12.74
C CYS D 264 3.39 6.63 -12.50
N MET D 265 3.79 5.52 -13.12
CA MET D 265 3.04 4.28 -13.01
C MET D 265 3.04 3.75 -11.59
N ASP D 266 4.07 4.08 -10.81
CA ASP D 266 4.12 3.68 -9.40
C ASP D 266 3.27 4.58 -8.51
N GLY D 267 2.62 5.59 -9.07
CA GLY D 267 1.67 6.38 -8.30
C GLY D 267 2.21 7.69 -7.77
N PHE D 268 3.31 8.19 -8.34
CA PHE D 268 3.90 9.45 -7.90
C PHE D 268 3.69 10.51 -8.97
N GLU D 269 3.52 11.74 -8.51
CA GLU D 269 3.57 12.90 -9.38
C GLU D 269 5.04 13.26 -9.66
N VAL D 270 5.35 13.48 -10.94
CA VAL D 270 6.71 13.79 -11.39
C VAL D 270 6.81 15.28 -11.65
N VAL D 271 7.71 15.95 -10.93
CA VAL D 271 7.87 17.39 -10.97
C VAL D 271 9.35 17.72 -11.13
N SER D 272 9.61 18.99 -11.46
CA SER D 272 10.97 19.48 -11.48
C SER D 272 11.10 20.67 -10.56
N PRO D 273 12.23 20.82 -9.86
CA PRO D 273 12.44 22.04 -9.06
C PRO D 273 12.46 23.30 -9.91
N TYR D 274 12.63 23.15 -11.22
CA TYR D 274 12.79 24.28 -12.14
C TYR D 274 11.57 24.37 -13.05
N LYS D 275 11.17 25.60 -13.35
CA LYS D 275 10.09 25.84 -14.29
C LYS D 275 10.39 25.18 -15.62
N ASN D 276 9.48 24.31 -16.07
CA ASN D 276 9.63 23.55 -17.33
C ASN D 276 10.90 22.70 -17.34
N GLY D 277 11.45 22.41 -16.16
CA GLY D 277 12.62 21.58 -16.05
C GLY D 277 13.91 22.23 -16.49
N ILE D 278 13.93 23.55 -16.73
CA ILE D 278 15.08 24.24 -17.30
C ILE D 278 15.85 24.90 -16.17
N ASN D 279 17.04 24.36 -15.87
CA ASN D 279 17.94 24.81 -14.80
C ASN D 279 18.92 25.79 -15.41
N ASP D 280 18.59 27.09 -15.38
CA ASP D 280 19.44 28.09 -16.02
C ASP D 280 20.26 28.91 -15.03
N GLY D 281 20.27 28.54 -13.76
CA GLY D 281 21.11 29.20 -12.77
C GLY D 281 20.47 30.39 -12.08
N THR D 282 19.34 30.88 -12.56
CA THR D 282 18.72 32.06 -11.98
C THR D 282 17.68 31.68 -10.94
N GLU D 283 17.50 32.57 -9.97
CA GLU D 283 16.39 32.41 -9.03
C GLU D 283 15.06 32.32 -9.74
N ALA D 284 14.91 33.05 -10.86
CA ALA D 284 13.65 33.08 -11.58
C ALA D 284 13.23 31.72 -12.11
N SER D 285 14.18 30.79 -12.28
CA SER D 285 13.85 29.47 -12.80
C SER D 285 13.30 28.54 -11.73
N ILE D 286 13.48 28.86 -10.46
CA ILE D 286 12.99 28.00 -9.39
C ILE D 286 11.47 28.05 -9.34
N ASP D 287 10.84 26.88 -9.33
CA ASP D 287 9.41 26.79 -9.03
C ASP D 287 9.23 27.05 -7.54
N ALA D 288 9.13 28.34 -7.16
CA ALA D 288 9.06 28.69 -5.75
C ALA D 288 7.79 28.16 -5.09
N ALA D 289 6.68 28.09 -5.84
CA ALA D 289 5.43 27.61 -5.29
C ALA D 289 5.53 26.14 -4.91
N LEU D 290 6.20 25.35 -5.74
CA LEU D 290 6.39 23.94 -5.45
C LEU D 290 7.30 23.75 -4.24
N LEU D 291 8.50 24.35 -4.28
CA LEU D 291 9.45 24.11 -3.20
C LEU D 291 8.96 24.69 -1.88
N GLY D 292 8.13 25.74 -1.93
CA GLY D 292 7.55 26.31 -0.73
C GLY D 292 6.53 25.42 -0.02
N LYS D 293 6.15 24.29 -0.61
CA LYS D 293 5.24 23.34 0.03
C LYS D 293 5.93 22.06 0.47
N ILE D 294 7.23 21.92 0.23
CA ILE D 294 7.92 20.66 0.45
C ILE D 294 8.46 20.62 1.89
N ASP D 295 8.14 19.54 2.63
CA ASP D 295 8.59 19.38 4.00
C ASP D 295 9.88 18.58 4.11
N LEU D 296 10.29 17.89 3.06
CA LEU D 296 11.39 16.93 3.11
C LEU D 296 11.89 16.75 1.70
N ILE D 297 13.19 16.93 1.49
CA ILE D 297 13.81 16.68 0.20
C ILE D 297 14.94 15.67 0.42
N VAL D 298 14.96 14.63 -0.43
CA VAL D 298 15.96 13.57 -0.39
C VAL D 298 16.61 13.49 -1.76
N THR D 299 17.94 13.61 -1.81
CA THR D 299 18.69 13.42 -3.04
C THR D 299 19.22 12.00 -3.12
N THR D 300 19.09 11.38 -4.31
CA THR D 300 19.38 9.97 -4.51
C THR D 300 20.16 9.69 -5.81
N THR D 301 20.84 10.70 -6.38
CA THR D 301 21.23 10.66 -7.79
C THR D 301 22.65 10.16 -8.06
N GLY D 302 23.59 10.33 -7.14
CA GLY D 302 24.98 10.16 -7.52
C GLY D 302 25.52 11.27 -8.40
N ASN D 303 24.75 12.34 -8.59
CA ASN D 303 25.10 13.46 -9.45
C ASN D 303 25.48 14.64 -8.55
N VAL D 304 25.80 15.77 -9.16
CA VAL D 304 26.33 16.92 -8.41
C VAL D 304 25.29 18.04 -8.41
N ASN D 305 25.12 18.66 -7.23
CA ASN D 305 24.32 19.87 -7.08
C ASN D 305 22.89 19.70 -7.61
N VAL D 306 22.23 18.63 -7.18
CA VAL D 306 20.83 18.43 -7.56
C VAL D 306 19.88 19.01 -6.53
N CYS D 307 20.39 19.47 -5.38
CA CYS D 307 19.64 20.32 -4.45
C CYS D 307 20.51 21.56 -4.27
N ASP D 308 20.29 22.55 -5.13
CA ASP D 308 21.25 23.64 -5.25
C ASP D 308 20.86 24.79 -4.32
N ALA D 309 21.68 25.85 -4.34
CA ALA D 309 21.52 26.97 -3.42
C ALA D 309 20.18 27.66 -3.59
N ASN D 310 19.72 27.81 -4.83
CA ASN D 310 18.44 28.48 -5.04
C ASN D 310 17.27 27.63 -4.58
N MET D 311 17.37 26.31 -4.76
CA MET D 311 16.39 25.41 -4.18
C MET D 311 16.35 25.52 -2.66
N LEU D 312 17.53 25.56 -2.02
CA LEU D 312 17.60 25.68 -0.57
C LEU D 312 16.97 26.98 -0.08
N LYS D 313 17.18 28.08 -0.83
CA LYS D 313 16.59 29.35 -0.45
C LYS D 313 15.07 29.34 -0.56
N ALA D 314 14.52 28.51 -1.45
CA ALA D 314 13.10 28.51 -1.72
C ALA D 314 12.30 27.51 -0.89
N LEU D 315 12.98 26.57 -0.23
CA LEU D 315 12.28 25.52 0.52
C LEU D 315 11.41 26.11 1.61
N LYS D 316 10.30 25.42 1.86
CA LYS D 316 9.42 25.72 2.99
C LYS D 316 10.22 25.80 4.28
N LYS D 317 9.85 26.75 5.14
CA LYS D 317 10.50 26.86 6.43
C LYS D 317 10.44 25.54 7.17
N ARG D 318 11.55 25.16 7.80
CA ARG D 318 11.67 23.99 8.67
C ARG D 318 11.64 22.67 7.90
N ALA D 319 11.84 22.72 6.58
CA ALA D 319 11.98 21.50 5.81
C ALA D 319 13.23 20.73 6.23
N VAL D 320 13.17 19.40 6.12
CA VAL D 320 14.31 18.52 6.33
C VAL D 320 15.01 18.30 4.99
N VAL D 321 16.33 18.37 5.00
CA VAL D 321 17.17 18.18 3.82
C VAL D 321 18.15 17.05 4.11
N CYS D 322 18.22 16.08 3.20
CA CYS D 322 19.15 14.98 3.41
C CYS D 322 19.52 14.34 2.07
N ASN D 323 20.62 13.60 2.10
CA ASN D 323 21.18 12.95 0.92
C ASN D 323 21.40 11.49 1.25
N ILE D 324 20.97 10.60 0.36
CA ILE D 324 21.24 9.18 0.50
C ILE D 324 22.07 8.64 -0.64
N GLY D 325 22.54 9.51 -1.55
CA GLY D 325 23.57 9.12 -2.50
C GLY D 325 24.94 9.05 -1.83
N HIS D 326 25.94 8.62 -2.61
CA HIS D 326 27.21 8.24 -1.98
C HIS D 326 28.00 9.44 -1.44
N PHE D 327 27.97 10.57 -2.14
CA PHE D 327 28.79 11.72 -1.75
C PHE D 327 27.92 12.92 -1.40
N ASP D 328 28.47 13.80 -0.57
CA ASP D 328 27.66 14.91 -0.05
C ASP D 328 27.50 16.06 -1.02
N ASN D 329 28.14 16.03 -2.20
CA ASN D 329 27.98 17.17 -3.10
C ASN D 329 26.67 17.13 -3.89
N GLU D 330 25.75 16.22 -3.57
CA GLU D 330 24.42 16.29 -4.15
C GLU D 330 23.70 17.54 -3.68
N ILE D 331 24.01 18.00 -2.48
CA ILE D 331 23.41 19.19 -1.87
C ILE D 331 24.49 20.24 -1.79
N ASP D 332 24.15 21.49 -2.11
CA ASP D 332 25.12 22.57 -1.99
C ASP D 332 25.24 22.98 -0.53
N THR D 333 25.89 22.10 0.26
CA THR D 333 26.12 22.42 1.66
C THR D 333 27.17 23.51 1.81
N ALA D 334 28.07 23.64 0.83
CA ALA D 334 29.07 24.70 0.88
C ALA D 334 28.41 26.07 0.94
N PHE D 335 27.39 26.29 0.10
CA PHE D 335 26.64 27.53 0.15
C PHE D 335 26.11 27.80 1.54
N MET D 336 25.55 26.77 2.20
CA MET D 336 24.94 26.96 3.52
C MET D 336 25.98 27.27 4.58
N ARG D 337 27.15 26.62 4.52
CA ARG D 337 28.23 26.97 5.44
C ARG D 337 28.66 28.41 5.23
N LYS D 338 28.69 28.86 3.98
CA LYS D 338 29.14 30.21 3.68
C LYS D 338 28.17 31.26 4.22
N ASN D 339 26.86 31.01 4.11
CA ASN D 339 25.88 32.08 4.24
C ASN D 339 24.97 31.98 5.46
N TRP D 340 24.79 30.81 6.04
CA TRP D 340 23.78 30.61 7.06
C TRP D 340 24.41 30.07 8.35
N ALA D 341 23.72 30.29 9.46
CA ALA D 341 24.24 29.91 10.77
C ALA D 341 23.78 28.50 11.13
N TRP D 342 24.72 27.67 11.57
CA TRP D 342 24.45 26.27 11.88
C TRP D 342 24.30 26.08 13.38
N GLU D 343 23.16 25.54 13.79
CA GLU D 343 22.88 25.21 15.18
C GLU D 343 22.79 23.70 15.31
N GLU D 344 23.71 23.11 16.07
CA GLU D 344 23.69 21.65 16.21
C GLU D 344 22.59 21.26 17.19
N VAL D 345 21.62 20.48 16.73
CA VAL D 345 20.61 19.93 17.65
C VAL D 345 21.22 18.80 18.46
N LYS D 346 21.83 17.85 17.77
CA LYS D 346 22.56 16.72 18.33
C LYS D 346 23.45 16.19 17.21
N PRO D 347 24.34 15.23 17.50
CA PRO D 347 25.22 14.74 16.44
C PRO D 347 24.48 14.40 15.16
N GLN D 348 24.98 14.92 14.04
CA GLN D 348 24.45 14.66 12.70
C GLN D 348 23.05 15.22 12.49
N VAL D 349 22.61 16.16 13.33
CA VAL D 349 21.38 16.90 13.11
C VAL D 349 21.69 18.38 13.35
N HIS D 350 21.59 19.19 12.30
CA HIS D 350 21.84 20.62 12.41
C HIS D 350 20.66 21.43 11.89
N LYS D 351 20.29 22.46 12.63
CA LYS D 351 19.39 23.47 12.12
C LYS D 351 20.22 24.52 11.39
N ILE D 352 19.83 24.85 10.17
CA ILE D 352 20.50 25.86 9.35
C ILE D 352 19.62 27.09 9.31
N HIS D 353 20.08 28.19 9.90
CA HIS D 353 19.25 29.39 10.06
C HIS D 353 19.46 30.30 8.86
N ARG D 354 18.40 30.49 8.07
CA ARG D 354 18.50 31.29 6.85
C ARG D 354 18.47 32.79 7.13
N THR D 355 18.43 33.19 8.38
CA THR D 355 18.44 34.60 8.75
C THR D 355 19.80 35.26 8.56
N GLY D 356 20.87 34.49 8.38
CA GLY D 356 22.17 35.07 8.16
C GLY D 356 23.26 34.20 8.77
N LYS D 357 24.49 34.66 8.60
CA LYS D 357 25.67 33.86 8.92
C LYS D 357 26.15 34.04 10.36
N ASP D 358 25.99 35.23 10.94
CA ASP D 358 26.59 35.57 12.23
C ASP D 358 25.55 35.41 13.33
N GLY D 359 25.51 34.23 13.93
CA GLY D 359 24.60 33.96 15.03
C GLY D 359 23.16 33.79 14.56
N PHE D 360 22.29 33.53 15.53
CA PHE D 360 20.90 33.21 15.26
C PHE D 360 20.09 33.37 16.54
N ASP D 361 18.80 33.60 16.36
CA ASP D 361 17.84 33.55 17.45
C ASP D 361 17.44 32.10 17.70
N ALA D 362 17.57 31.65 18.95
CA ALA D 362 17.21 30.28 19.31
C ALA D 362 15.76 29.96 18.98
N HIS D 363 14.89 30.96 18.88
CA HIS D 363 13.50 30.74 18.51
C HIS D 363 13.20 31.23 17.09
N ASN D 364 14.21 31.32 16.24
CA ASN D 364 13.97 31.65 14.85
C ASN D 364 13.20 30.53 14.18
N ASP D 365 12.22 30.90 13.34
CA ASP D 365 11.41 29.91 12.65
C ASP D 365 11.87 29.67 11.21
N ASP D 366 12.79 30.47 10.69
CA ASP D 366 13.23 30.32 9.31
C ASP D 366 14.54 29.55 9.29
N TYR D 367 14.43 28.23 9.39
CA TYR D 367 15.59 27.34 9.34
C TYR D 367 15.24 26.09 8.55
N LEU D 368 16.29 25.42 8.07
CA LEU D 368 16.19 24.07 7.54
C LEU D 368 16.85 23.10 8.51
N ILE D 369 16.44 21.84 8.46
CA ILE D 369 17.11 20.79 9.22
C ILE D 369 17.88 19.91 8.24
N LEU D 370 19.20 19.90 8.37
CA LEU D 370 20.07 19.07 7.55
C LEU D 370 20.51 17.86 8.37
N LEU D 371 20.42 16.67 7.79
CA LEU D 371 20.85 15.46 8.47
C LEU D 371 22.23 15.04 7.97
N ALA D 372 23.07 14.58 8.91
CA ALA D 372 24.40 14.02 8.64
C ALA D 372 25.27 14.95 7.79
N GLU D 373 25.03 16.26 7.88
CA GLU D 373 25.80 17.27 7.13
C GLU D 373 25.82 16.97 5.63
N GLY D 374 24.78 16.30 5.13
CA GLY D 374 24.69 16.01 3.71
C GLY D 374 25.32 14.71 3.28
N ARG D 375 25.96 13.98 4.19
CA ARG D 375 26.52 12.66 3.93
C ARG D 375 25.40 11.62 3.94
N LEU D 376 25.71 10.43 3.42
CA LEU D 376 24.73 9.34 3.36
C LEU D 376 23.89 9.25 4.62
N VAL D 377 22.59 9.55 4.52
CA VAL D 377 21.79 9.76 5.73
C VAL D 377 21.43 8.44 6.40
N ASN D 378 21.26 7.36 5.64
CA ASN D 378 20.86 6.12 6.31
C ASN D 378 21.96 5.62 7.23
N LEU D 379 23.22 5.77 6.82
CA LEU D 379 24.32 5.31 7.64
C LEU D 379 24.71 6.34 8.69
N GLY D 380 24.49 7.63 8.41
CA GLY D 380 24.93 8.70 9.29
C GLY D 380 24.01 8.90 10.49
N ASN D 381 22.70 8.78 10.28
CA ASN D 381 21.71 9.00 11.31
C ASN D 381 21.06 7.72 11.81
N ALA D 382 21.37 6.57 11.21
CA ALA D 382 20.87 5.29 11.70
C ALA D 382 21.97 4.27 11.51
N THR D 383 21.66 3.05 11.04
CA THR D 383 22.68 2.01 10.90
C THR D 383 22.73 1.46 9.48
N GLY D 384 22.25 2.20 8.49
CA GLY D 384 22.30 1.71 7.15
C GLY D 384 21.37 0.53 6.96
N HIS D 385 21.63 -0.23 5.91
CA HIS D 385 20.78 -1.33 5.55
C HIS D 385 20.84 -2.43 6.62
N PRO D 386 19.80 -3.26 6.73
CA PRO D 386 19.81 -4.33 7.73
C PRO D 386 20.58 -5.55 7.25
N SER D 387 21.02 -6.34 8.22
CA SER D 387 21.86 -7.51 7.95
C SER D 387 21.29 -8.41 6.85
N ARG D 388 19.99 -8.69 6.88
CA ARG D 388 19.46 -9.67 5.95
C ARG D 388 19.47 -9.15 4.52
N ILE D 389 19.53 -7.84 4.32
CA ILE D 389 19.69 -7.28 3.00
C ILE D 389 21.15 -7.25 2.60
N MET D 390 22.03 -6.77 3.50
CA MET D 390 23.46 -6.75 3.21
C MET D 390 24.03 -8.14 2.97
N ASP D 391 23.34 -9.17 3.49
CA ASP D 391 23.70 -10.56 3.19
C ASP D 391 23.92 -10.78 1.69
N GLY D 392 22.99 -10.28 0.87
CA GLY D 392 23.13 -10.45 -0.57
C GLY D 392 24.36 -9.75 -1.12
N SER D 393 24.52 -8.46 -0.78
CA SER D 393 25.66 -7.68 -1.29
C SER D 393 26.97 -8.32 -0.87
N PHE D 394 27.06 -8.76 0.37
CA PHE D 394 28.34 -9.22 0.87
C PHE D 394 28.63 -10.66 0.49
N ALA D 395 27.62 -11.47 0.20
CA ALA D 395 27.88 -12.77 -0.43
C ALA D 395 28.48 -12.59 -1.83
N ASN D 396 27.98 -11.62 -2.59
CA ASN D 396 28.60 -11.30 -3.88
C ASN D 396 30.03 -10.83 -3.70
N GLN D 397 30.27 -9.97 -2.70
CA GLN D 397 31.63 -9.50 -2.43
C GLN D 397 32.58 -10.67 -2.19
N VAL D 398 32.16 -11.64 -1.38
CA VAL D 398 33.04 -12.78 -1.09
C VAL D 398 33.29 -13.60 -2.35
N LEU D 399 32.23 -13.83 -3.14
CA LEU D 399 32.39 -14.58 -4.37
C LEU D 399 33.31 -13.83 -5.35
N ALA D 400 33.15 -12.50 -5.43
CA ALA D 400 33.99 -11.67 -6.29
C ALA D 400 35.46 -11.70 -5.85
N GLN D 401 35.71 -11.61 -4.55
CA GLN D 401 37.09 -11.73 -4.05
C GLN D 401 37.68 -13.09 -4.39
N ILE D 402 36.93 -14.17 -4.18
CA ILE D 402 37.44 -15.50 -4.53
C ILE D 402 37.79 -15.57 -6.00
N HIS D 403 36.93 -15.04 -6.86
CA HIS D 403 37.16 -15.19 -8.29
C HIS D 403 38.40 -14.42 -8.73
N LEU D 404 38.52 -13.15 -8.34
CA LEU D 404 39.68 -12.38 -8.80
C LEU D 404 40.97 -12.87 -8.15
N PHE D 405 40.91 -13.34 -6.91
CA PHE D 405 42.13 -13.83 -6.28
C PHE D 405 42.63 -15.08 -6.97
N GLU D 406 41.71 -15.96 -7.38
CA GLU D 406 42.10 -17.18 -8.08
C GLU D 406 42.61 -16.89 -9.49
N GLN D 407 42.15 -15.81 -10.13
CA GLN D 407 42.64 -15.47 -11.47
C GLN D 407 44.09 -15.01 -11.46
N LYS D 408 44.56 -14.44 -10.34
CA LYS D 408 45.97 -14.08 -10.18
C LYS D 408 46.47 -13.15 -11.29
N TYR D 409 45.66 -12.14 -11.62
CA TYR D 409 46.03 -11.18 -12.67
C TYR D 409 47.45 -10.64 -12.52
N ALA D 410 47.88 -10.34 -11.29
CA ALA D 410 49.19 -9.71 -11.13
C ALA D 410 50.32 -10.59 -11.61
N ASP D 411 50.13 -11.91 -11.59
CA ASP D 411 51.20 -12.83 -12.01
C ASP D 411 51.17 -13.14 -13.50
N LEU D 412 50.21 -12.62 -14.26
CA LEU D 412 50.12 -12.93 -15.67
C LEU D 412 51.14 -12.14 -16.49
N PRO D 413 51.59 -12.69 -17.62
CA PRO D 413 52.42 -11.91 -18.55
C PRO D 413 51.66 -10.68 -19.05
N ALA D 414 52.43 -9.67 -19.49
CA ALA D 414 51.83 -8.45 -20.03
C ALA D 414 50.80 -8.73 -21.12
N ALA D 415 51.11 -9.65 -22.04
CA ALA D 415 50.17 -9.96 -23.12
C ALA D 415 48.87 -10.53 -22.57
N GLU D 416 48.94 -11.37 -21.54
CA GLU D 416 47.71 -11.91 -20.96
C GLU D 416 46.96 -10.90 -20.10
N LYS D 417 47.68 -10.01 -19.41
CA LYS D 417 47.00 -8.93 -18.69
C LYS D 417 46.10 -8.14 -19.61
N ALA D 418 46.62 -7.77 -20.80
CA ALA D 418 45.85 -6.90 -21.69
C ALA D 418 44.51 -7.52 -22.06
N LYS D 419 44.45 -8.85 -22.17
CA LYS D 419 43.21 -9.54 -22.51
C LYS D 419 42.24 -9.65 -21.34
N ARG D 420 42.70 -9.44 -20.10
CA ARG D 420 41.87 -9.64 -18.93
C ARG D 420 41.56 -8.36 -18.18
N LEU D 421 42.07 -7.21 -18.64
CA LEU D 421 41.86 -5.95 -17.92
C LEU D 421 40.48 -5.41 -18.26
N SER D 422 39.53 -5.59 -17.35
CA SER D 422 38.14 -5.27 -17.65
C SER D 422 37.40 -5.07 -16.34
N VAL D 423 36.17 -4.57 -16.45
CA VAL D 423 35.22 -4.47 -15.35
C VAL D 423 34.04 -5.40 -15.68
N GLU D 424 33.90 -6.47 -14.91
CA GLU D 424 32.93 -7.50 -15.22
C GLU D 424 31.97 -7.68 -14.05
N VAL D 425 30.85 -8.35 -14.30
CA VAL D 425 29.94 -8.74 -13.24
C VAL D 425 30.08 -10.25 -13.02
N LEU D 426 29.58 -10.71 -11.88
CA LEU D 426 29.52 -12.14 -11.61
C LEU D 426 28.54 -12.83 -12.55
N PRO D 427 28.79 -14.10 -12.87
CA PRO D 427 27.84 -14.88 -13.67
C PRO D 427 26.46 -14.96 -13.01
N LYS D 428 25.43 -15.11 -13.85
CA LYS D 428 24.07 -15.15 -13.33
C LYS D 428 23.85 -16.33 -12.41
N LYS D 429 24.53 -17.45 -12.68
CA LYS D 429 24.37 -18.64 -11.84
C LYS D 429 24.73 -18.35 -10.39
N LEU D 430 25.83 -17.61 -10.17
CA LEU D 430 26.20 -17.23 -8.81
C LEU D 430 25.18 -16.26 -8.21
N ASP D 431 24.67 -15.32 -9.02
CA ASP D 431 23.63 -14.40 -8.55
C ASP D 431 22.43 -15.18 -8.03
N GLU D 432 22.01 -16.20 -8.79
CA GLU D 432 20.88 -17.03 -8.39
C GLU D 432 21.18 -17.82 -7.12
N GLU D 433 22.42 -18.32 -6.99
CA GLU D 433 22.76 -19.11 -5.80
C GLU D 433 22.72 -18.23 -4.55
N VAL D 434 23.14 -16.97 -4.66
CA VAL D 434 22.98 -16.03 -3.54
C VAL D 434 21.49 -15.85 -3.24
N ALA D 435 20.70 -15.60 -4.29
CA ALA D 435 19.26 -15.36 -4.09
C ALA D 435 18.60 -16.54 -3.39
N LEU D 436 18.98 -17.77 -3.78
CA LEU D 436 18.33 -18.93 -3.20
C LEU D 436 18.56 -19.00 -1.70
N GLU D 437 19.78 -18.70 -1.24
CA GLU D 437 20.04 -18.70 0.20
C GLU D 437 19.24 -17.62 0.90
N MET D 438 19.11 -16.45 0.26
CA MET D 438 18.28 -15.40 0.84
C MET D 438 16.83 -15.85 0.98
N VAL D 439 16.28 -16.49 -0.06
CA VAL D 439 14.88 -16.92 -0.03
C VAL D 439 14.66 -17.96 1.05
N LYS D 440 15.61 -18.90 1.18
CA LYS D 440 15.50 -19.90 2.23
C LYS D 440 15.55 -19.24 3.61
N GLY D 441 16.32 -18.17 3.74
CA GLY D 441 16.35 -17.43 5.00
C GLY D 441 14.98 -16.91 5.42
N PHE D 442 14.13 -16.56 4.46
CA PHE D 442 12.76 -16.15 4.77
C PHE D 442 11.83 -17.33 5.01
N GLY D 443 12.32 -18.56 4.82
CA GLY D 443 11.45 -19.71 4.83
C GLY D 443 10.76 -19.97 3.52
N GLY D 444 11.12 -19.23 2.47
CA GLY D 444 10.49 -19.44 1.19
C GLY D 444 10.92 -20.76 0.55
N VAL D 445 10.04 -21.31 -0.28
CA VAL D 445 10.24 -22.59 -0.95
C VAL D 445 10.17 -22.37 -2.46
N VAL D 446 11.31 -22.51 -3.12
CA VAL D 446 11.36 -22.39 -4.57
C VAL D 446 10.94 -23.70 -5.18
N THR D 447 10.14 -23.63 -6.24
CA THR D 447 9.71 -24.82 -6.98
C THR D 447 10.81 -25.27 -7.93
N GLN D 448 10.94 -26.57 -8.10
CA GLN D 448 11.86 -27.16 -9.05
C GLN D 448 11.12 -27.47 -10.35
N LEU D 449 11.66 -26.99 -11.48
CA LEU D 449 11.13 -27.35 -12.79
C LEU D 449 11.20 -28.86 -12.99
N THR D 450 10.16 -29.41 -13.61
CA THR D 450 10.27 -30.76 -14.13
C THR D 450 11.15 -30.73 -15.38
N PRO D 451 11.66 -31.89 -15.80
CA PRO D 451 12.41 -31.93 -17.06
C PRO D 451 11.59 -31.44 -18.23
N LYS D 452 10.29 -31.73 -18.26
CA LYS D 452 9.45 -31.21 -19.33
C LYS D 452 9.44 -29.68 -19.33
N GLN D 453 9.22 -29.08 -18.15
CA GLN D 453 9.10 -27.64 -18.08
C GLN D 453 10.43 -26.94 -18.38
N ALA D 454 11.52 -27.49 -17.86
CA ALA D 454 12.84 -26.96 -18.19
C ALA D 454 13.06 -26.97 -19.69
N GLU D 455 12.75 -28.08 -20.35
CA GLU D 455 12.89 -28.17 -21.79
C GLU D 455 11.98 -27.16 -22.50
N TYR D 456 10.77 -26.96 -21.97
CA TYR D 456 9.77 -26.10 -22.62
C TYR D 456 10.25 -24.66 -22.71
N ILE D 457 10.87 -24.15 -21.65
CA ILE D 457 11.38 -22.78 -21.68
C ILE D 457 12.87 -22.73 -21.98
N GLY D 458 13.49 -23.88 -22.18
CA GLY D 458 14.86 -23.92 -22.67
C GLY D 458 15.92 -23.60 -21.64
N VAL D 459 15.79 -24.13 -20.43
CA VAL D 459 16.78 -23.91 -19.36
C VAL D 459 17.14 -25.24 -18.74
N SER D 460 18.28 -25.25 -18.04
CA SER D 460 18.61 -26.35 -17.13
C SER D 460 17.79 -26.25 -15.86
N VAL D 461 17.44 -27.41 -15.28
CA VAL D 461 16.66 -27.42 -14.05
C VAL D 461 17.35 -26.63 -12.94
N GLU D 462 18.68 -26.71 -12.86
CA GLU D 462 19.43 -25.99 -11.83
C GLU D 462 19.68 -24.52 -12.17
N GLY D 463 19.25 -24.04 -13.34
CA GLY D 463 19.52 -22.68 -13.74
C GLY D 463 20.79 -22.58 -14.55
N PRO D 464 21.10 -21.38 -15.09
CA PRO D 464 20.37 -20.11 -14.92
C PRO D 464 19.02 -20.09 -15.63
N PHE D 465 18.09 -19.31 -15.09
CA PHE D 465 16.70 -19.35 -15.53
C PHE D 465 16.35 -18.25 -16.52
N LYS D 466 17.22 -17.27 -16.70
CA LYS D 466 16.92 -16.12 -17.53
C LYS D 466 18.11 -15.82 -18.43
N PRO D 467 17.87 -15.22 -19.59
CA PRO D 467 18.99 -14.77 -20.42
C PRO D 467 19.66 -13.58 -19.77
N ASP D 468 20.91 -13.31 -20.17
CA ASP D 468 21.64 -12.20 -19.57
C ASP D 468 20.98 -10.84 -19.82
N THR D 469 20.15 -10.73 -20.86
CA THR D 469 19.44 -9.49 -21.14
C THR D 469 18.32 -9.19 -20.15
N TYR D 470 17.94 -10.14 -19.30
CA TYR D 470 16.74 -9.99 -18.48
C TYR D 470 16.94 -8.94 -17.40
N ARG D 471 15.90 -8.10 -17.18
CA ARG D 471 16.03 -6.96 -16.28
C ARG D 471 15.36 -7.13 -14.93
N TYR D 472 14.56 -8.16 -14.73
CA TYR D 472 13.87 -8.42 -13.45
C TYR D 472 13.01 -7.23 -13.07
PA NAD E . 8.91 -13.57 -17.55
O1A NAD E . 9.33 -12.23 -17.10
O2A NAD E . 10.03 -14.40 -18.10
O5B NAD E . 8.29 -14.31 -16.26
C5B NAD E . 7.80 -15.66 -16.24
C4B NAD E . 8.21 -16.18 -14.88
O4B NAD E . 7.63 -17.49 -14.67
C3B NAD E . 9.73 -16.36 -14.71
O3B NAD E . 10.25 -15.52 -13.71
C2B NAD E . 9.90 -17.85 -14.38
O2B NAD E . 10.92 -18.10 -13.40
C1B NAD E . 8.52 -18.20 -13.85
N9A NAD E . 8.19 -19.62 -13.94
C8A NAD E . 8.41 -20.47 -15.00
N7A NAD E . 8.01 -21.70 -14.79
C5A NAD E . 7.50 -21.66 -13.50
C6A NAD E . 6.91 -22.66 -12.69
N6A NAD E . 6.74 -23.92 -13.06
N1A NAD E . 6.49 -22.28 -11.45
C2A NAD E . 6.65 -21.01 -11.07
N3A NAD E . 7.20 -20.00 -11.74
C4A NAD E . 7.60 -20.39 -12.96
O3 NAD E . 7.77 -13.42 -18.64
PN NAD E . 6.59 -12.34 -18.61
O1N NAD E . 7.01 -11.15 -19.39
O2N NAD E . 6.16 -12.17 -17.20
O5D NAD E . 5.47 -13.12 -19.41
C5D NAD E . 4.79 -14.28 -18.89
C4D NAD E . 3.74 -14.71 -19.90
O4D NAD E . 2.70 -13.71 -19.98
C3D NAD E . 4.23 -14.92 -21.33
O3D NAD E . 3.47 -15.98 -21.91
C2D NAD E . 3.90 -13.57 -21.98
O2D NAD E . 3.85 -13.63 -23.41
C1D NAD E . 2.54 -13.30 -21.32
N1N NAD E . 2.06 -11.87 -21.33
C2N NAD E . 0.74 -11.66 -21.09
C3N NAD E . 0.25 -10.38 -21.03
C7N NAD E . -1.21 -10.10 -20.81
O7N NAD E . -1.64 -8.98 -21.07
N7N NAD E . -2.00 -11.10 -20.46
C4N NAD E . 1.13 -9.32 -21.15
C5N NAD E . 2.47 -9.55 -21.40
C6N NAD E . 2.92 -10.85 -21.49
N9 ADE F . -2.16 -6.92 -24.77
C8 ADE F . -2.59 -6.66 -23.49
N7 ADE F . -3.59 -5.78 -23.44
C5 ADE F . -3.81 -5.45 -24.77
C6 ADE F . -4.72 -4.57 -25.38
N6 ADE F . -5.60 -3.82 -24.70
N1 ADE F . -4.67 -4.47 -26.73
C2 ADE F . -3.79 -5.21 -27.40
N3 ADE F . -2.88 -6.07 -26.93
C4 ADE F . -2.93 -6.14 -25.59
S DMS G . 21.20 -5.91 -19.47
O DMS G . 21.24 -6.78 -20.68
C1 DMS G . 20.83 -6.88 -17.99
C2 DMS G . 19.71 -4.87 -19.60
C4 R9V H . 4.29 -22.22 -27.76
C5 R9V H . 5.61 -22.20 -27.65
C6 R9V H . 2.09 -22.88 -28.98
C7 R9V H . 0.18 -24.04 -28.97
C8 R9V H . -0.21 -23.35 -27.78
C9 R9V H . 0.58 -23.53 -26.92
C10 R9V H . 1.65 -24.37 -27.36
C11 R9V H . 1.50 -25.81 -27.13
C12 R9V H . 0.05 -26.37 -27.86
C13 R9V H . -0.39 -25.41 -29.15
O R9V H . -1.01 -26.30 -26.88
N R9V H . 1.49 -24.06 -28.64
C3 R9V H . 3.64 -22.88 -28.87
C2 R9V H . 4.42 -23.50 -29.82
C1 R9V H . 5.78 -23.47 -29.71
C R9V H . 6.40 -22.83 -28.61
C1 GOL I . 8.04 -20.52 -23.98
O1 GOL I . 7.22 -21.02 -25.03
C2 GOL I . 7.56 -19.08 -23.69
O2 GOL I . 6.17 -19.06 -23.41
C3 GOL I . 8.50 -18.55 -22.50
O3 GOL I . 8.39 -17.12 -22.43
C4 R9V J . 35.64 11.86 -8.19
C5 R9V J . 35.31 11.46 -9.43
C6 R9V J . 35.06 12.23 -5.68
C7 R9V J . 33.61 13.46 -4.38
C8 R9V J . 32.69 13.92 -5.37
C9 R9V J . 33.24 14.47 -6.26
C10 R9V J . 34.64 14.51 -6.06
C11 R9V J . 35.16 15.71 -5.36
C12 R9V J . 34.67 15.75 -3.70
C13 R9V J . 33.89 14.36 -3.22
O R9V J . 33.74 16.84 -3.53
N R9V J . 34.64 13.46 -5.25
C3 R9V J . 34.68 11.78 -7.12
C2 R9V J . 33.43 11.27 -7.38
C1 R9V J . 33.07 10.87 -8.63
C R9V J . 34.03 10.96 -9.68
K K K . -8.48 -1.83 -22.67
P PO4 L . -11.29 -30.01 -1.56
O1 PO4 L . -10.28 -29.08 -0.93
O2 PO4 L . -12.02 -30.73 -0.45
O3 PO4 L . -10.56 -30.98 -2.47
O4 PO4 L . -12.27 -29.29 -2.44
P PO4 M . -10.39 9.51 -35.60
O1 PO4 M . -9.34 9.50 -36.67
O2 PO4 M . -10.05 10.60 -34.61
O3 PO4 M . -10.50 8.18 -34.90
O4 PO4 M . -11.75 9.81 -36.19
P PO4 N . 1.09 -7.73 -24.70
O1 PO4 N . 2.38 -8.52 -24.62
O2 PO4 N . 1.38 -6.36 -25.28
O3 PO4 N . 0.52 -7.53 -23.33
O4 PO4 N . 0.05 -8.45 -25.55
P PO4 O . 25.70 6.21 -21.60
O1 PO4 O . 26.58 7.39 -21.98
O2 PO4 O . 26.40 4.91 -21.91
O3 PO4 O . 25.38 6.29 -20.13
O4 PO4 O . 24.43 6.29 -22.40
C1 GOL P . -22.98 -9.77 -14.05
O1 GOL P . -22.45 -11.02 -14.50
C2 GOL P . -22.96 -8.71 -15.22
O2 GOL P . -21.68 -8.34 -15.58
C3 GOL P . -23.75 -7.47 -14.72
O3 GOL P . -25.01 -7.88 -14.31
PA NAD Q . -20.98 10.13 6.01
O1A NAD Q . -20.16 9.17 6.81
O2A NAD Q . -21.80 11.08 6.85
O5B NAD Q . -19.95 10.96 5.09
C5B NAD Q . -20.31 12.05 4.21
C4B NAD Q . -19.20 13.05 4.38
O4B NAD Q . -19.36 14.14 3.44
C3B NAD Q . -19.08 13.68 5.78
O3B NAD Q . -17.86 13.34 6.43
C2B NAD Q . -19.22 15.19 5.51
O2B NAD Q . -18.41 16.00 6.36
C1B NAD Q . -18.81 15.28 4.05
N9A NAD Q . -19.30 16.46 3.34
C8A NAD Q . -20.56 17.00 3.36
N7A NAD Q . -20.69 18.08 2.61
C5A NAD Q . -19.42 18.26 2.07
C6A NAD Q . -18.90 19.21 1.19
N6A NAD Q . -19.60 20.25 0.71
N1A NAD Q . -17.60 19.09 0.82
C2A NAD Q . -16.89 18.08 1.32
N3A NAD Q . -17.27 17.13 2.17
C4A NAD Q . -18.55 17.27 2.51
O3 NAD Q . -21.93 9.36 4.99
PN NAD Q . -21.63 8.02 4.17
O1N NAD Q . -20.25 8.10 3.67
O2N NAD Q . -22.04 6.86 4.98
O5D NAD Q . -22.64 8.16 2.95
C5D NAD Q . -22.37 9.11 1.90
C4D NAD Q . -23.45 8.98 0.84
O4D NAD Q . -23.25 7.76 0.10
C3D NAD Q . -24.89 8.92 1.36
O3D NAD Q . -25.72 9.52 0.37
C2D NAD Q . -25.12 7.40 1.45
O2D NAD Q . -26.50 7.04 1.48
C1D NAD Q . -24.40 6.96 0.18
N1N NAD Q . -23.95 5.51 0.16
C2N NAD Q . -23.71 4.98 -1.06
C3N NAD Q . -23.24 3.68 -1.17
C7N NAD Q . -22.96 3.08 -2.52
O7N NAD Q . -22.89 1.84 -2.64
N7N NAD Q . -22.94 3.88 -3.58
C4N NAD Q . -23.02 2.95 0.00
C5N NAD Q . -23.27 3.52 1.23
C6N NAD Q . -23.75 4.81 1.30
N9 ADE R . -25.78 -1.16 -2.40
C8 ADE R . -24.48 -1.19 -2.83
N7 ADE R . -24.17 -2.27 -3.50
C5 ADE R . -25.33 -3.02 -3.49
C6 ADE R . -25.65 -4.27 -4.02
N6 ADE R . -24.79 -5.04 -4.70
N1 ADE R . -26.92 -4.72 -3.85
C2 ADE R . -27.79 -3.96 -3.17
N3 ADE R . -27.59 -2.76 -2.62
C4 ADE R . -26.33 -2.35 -2.82
C1 GOL S . -24.38 -11.22 27.16
O1 GOL S . -24.71 -12.16 26.17
C2 GOL S . -24.41 -12.01 28.52
O2 GOL S . -23.47 -11.52 29.39
C3 GOL S . -25.82 -11.83 29.10
O3 GOL S . -25.70 -12.07 30.49
C1 GOL T . -34.94 -19.36 -12.65
O1 GOL T . -34.74 -20.18 -13.78
C2 GOL T . -35.63 -20.24 -11.54
O2 GOL T . -34.73 -20.99 -10.79
C3 GOL T . -36.47 -19.26 -10.67
O3 GOL T . -35.66 -18.14 -10.43
C4 R9V U . -33.19 13.76 -0.03
C5 R9V U . -32.99 14.15 1.24
C6 R9V U . -34.67 13.58 -2.14
C7 R9V U . -34.91 14.19 -4.26
C8 R9V U . -33.57 13.80 -4.50
C9 R9V U . -32.82 14.42 -3.85
C10 R9V U . -33.50 15.30 -2.97
C11 R9V U . -33.71 16.70 -3.41
C12 R9V U . -34.54 16.69 -4.91
C13 R9V U . -35.44 15.32 -5.11
O R9V U . -33.54 16.72 -5.95
N R9V U . -34.63 14.61 -3.01
C3 R9V U . -34.44 14.03 -0.68
C2 R9V U . -35.45 14.66 0.01
C1 R9V U . -35.25 15.06 1.28
C R9V U . -34.00 14.80 1.93
K K V . -22.23 -7.13 -7.07
P PO4 W . -10.08 23.89 -19.09
O1 PO4 W . -9.34 24.65 -20.15
O2 PO4 W . -11.30 24.67 -18.66
O3 PO4 W . -9.18 23.64 -17.91
O4 PO4 W . -10.52 22.57 -19.65
P PO4 X . -26.05 0.57 0.48
O1 PO4 X . -24.66 0.57 -0.10
O2 PO4 X . -26.17 1.71 1.50
O3 PO4 X . -26.18 -0.80 1.11
O4 PO4 X . -27.03 0.79 -0.66
P PO4 Y . -19.07 -4.00 27.97
O1 PO4 Y . -17.75 -3.36 27.63
O2 PO4 Y . -20.02 -2.92 28.45
O3 PO4 Y . -18.87 -5.04 29.05
O4 PO4 Y . -19.68 -4.69 26.78
P PO4 Z . -31.31 -21.77 -4.81
O1 PO4 Z . -30.09 -22.37 -4.14
O2 PO4 Z . -31.68 -22.62 -6.01
O3 PO4 Z . -31.02 -20.37 -5.30
O4 PO4 Z . -32.46 -21.72 -3.84
PA NAD AA . -8.96 -1.38 22.28
O1A NAD AA . -9.38 -0.54 21.14
O2A NAD AA . -10.09 -1.79 23.24
O5B NAD AA . -8.25 -2.69 21.68
C5B NAD AA . -7.82 -3.83 22.44
C4B NAD AA . -8.27 -4.99 21.59
O4B NAD AA . -7.69 -6.22 22.08
C3B NAD AA . -9.79 -5.20 21.56
O3B NAD AA . -10.25 -5.12 20.20
C2B NAD AA . -9.98 -6.61 22.12
O2B NAD AA . -10.99 -7.35 21.45
C1B NAD AA . -8.62 -7.24 21.83
N9A NAD AA . -8.28 -8.37 22.69
C8A NAD AA . -8.50 -8.50 24.04
N7A NAD AA . -8.10 -9.65 24.53
C5A NAD AA . -7.58 -10.33 23.44
C6A NAD AA . -7.04 -11.62 23.28
N6A NAD AA . -6.94 -12.51 24.27
N1A NAD AA . -6.65 -11.99 22.05
C2A NAD AA . -6.81 -11.13 21.03
N3A NAD AA . -7.30 -9.89 21.06
C4A NAD AA . -7.68 -9.54 22.29
O3 NAD AA . -7.83 -0.64 23.10
PN NAD AA . -6.67 0.25 22.49
O1N NAD AA . -6.25 -0.36 21.20
O2N NAD AA . -7.05 1.67 22.55
O5D NAD AA . -5.52 0.06 23.59
C5D NAD AA . -4.86 -1.21 23.77
C4D NAD AA . -3.79 -1.04 24.82
O4D NAD AA . -2.74 -0.19 24.33
C3D NAD AA . -4.25 -0.42 26.14
O3D NAD AA . -3.48 -0.95 27.23
C2D NAD AA . -3.89 1.06 25.93
O2D NAD AA . -3.81 1.76 27.17
C1D NAD AA . -2.55 0.88 25.22
N1N NAD AA . -2.06 2.05 24.45
C2N NAD AA . -0.75 2.13 24.19
C3N NAD AA . -0.25 3.15 23.41
C7N NAD AA . 1.22 3.24 23.08
O7N NAD AA . 1.68 4.29 22.62
N7N NAD AA . 1.99 2.22 23.41
C4N NAD AA . -1.14 4.08 22.88
C5N NAD AA . -2.50 3.98 23.17
C6N NAD AA . -2.94 2.96 23.97
N9 ADE BA . 2.24 8.00 24.53
C8 ADE BA . 2.70 7.50 23.35
N7 ADE BA . 3.67 8.20 22.81
C5 ADE BA . 3.87 9.24 23.72
C6 ADE BA . 4.75 10.34 23.74
N6 ADE BA . 5.65 10.60 22.77
N1 ADE BA . 4.67 11.19 24.78
C2 ADE BA . 3.76 10.94 25.75
N3 ADE BA . 2.88 9.95 25.83
C4 ADE BA . 2.98 9.13 24.79
C4 R9V CA . -5.04 -2.94 38.01
C5 R9V CA . -6.35 -2.99 37.78
C6 R9V CA . -2.59 -2.81 37.15
C7 R9V CA . -0.65 -3.84 37.49
C8 R9V CA . -0.53 -4.08 36.11
C9 R9V CA . -1.45 -4.69 35.69
C10 R9V CA . -2.35 -5.04 36.74
C11 R9V CA . -2.13 -6.33 37.42
C12 R9V CA . -0.64 -6.33 38.29
C13 R9V CA . 0.02 -4.82 38.43
O R9V CA . 0.30 -7.16 37.59
N R9V CA . -2.00 -4.00 37.48
C3 R9V CA . -4.12 -2.87 36.91
C2 R9V CA . -4.61 -2.82 35.62
C1 R9V CA . -5.95 -2.86 35.39
C R9V CA . -6.85 -2.94 36.48
K K DA . 8.51 11.10 20.01
P PO4 EA . 11.00 -24.11 18.10
O1 PO4 EA . 11.72 -22.80 18.27
O2 PO4 EA . 12.01 -25.19 17.84
O3 PO4 EA . 10.24 -24.40 19.37
O4 PO4 EA . 10.04 -24.00 16.94
P PO4 FA . -1.02 7.36 25.07
O1 PO4 FA . 0.03 7.14 26.14
O2 PO4 FA . -0.48 6.77 23.79
O3 PO4 FA . -1.22 8.83 24.79
O4 PO4 FA . -2.35 6.73 25.45
P PO4 GA . -25.63 17.03 14.29
O1 PO4 GA . -24.61 17.46 15.32
O2 PO4 GA . -24.92 16.71 13.00
O3 PO4 GA . -26.60 18.18 14.09
O4 PO4 GA . -26.39 15.79 14.72
P PO4 HA . 10.45 27.94 24.32
O1 PO4 HA . 11.77 28.63 24.64
O2 PO4 HA . 9.33 28.52 25.16
O3 PO4 HA . 10.59 26.48 24.60
O4 PO4 HA . 10.15 28.14 22.86
PA NAD IA . 21.04 4.92 -10.47
O1A NAD IA . 21.82 5.16 -11.71
O2A NAD IA . 20.22 3.63 -10.49
O5B NAD IA . 20.09 6.16 -10.11
C5B NAD IA . 20.47 7.55 -10.08
C4B NAD IA . 19.32 8.26 -10.77
O4B NAD IA . 19.41 9.69 -10.59
C3B NAD IA . 19.23 8.00 -12.27
O3B NAD IA . 17.99 7.38 -12.61
C2B NAD IA . 19.37 9.40 -12.90
O2B NAD IA . 18.56 9.57 -14.05
C1B NAD IA . 18.90 10.29 -11.77
N9A NAD IA . 19.39 11.66 -11.84
C8A NAD IA . 20.66 12.07 -12.20
N7A NAD IA . 20.81 13.38 -12.16
C5A NAD IA . 19.57 13.85 -11.76
C6A NAD IA . 19.08 15.15 -11.55
N6A NAD IA . 19.79 16.26 -11.73
N1A NAD IA . 17.78 15.28 -11.15
C2A NAD IA . 17.06 14.17 -10.98
N3A NAD IA . 17.41 12.89 -11.15
C4A NAD IA . 18.69 12.80 -11.55
O3 NAD IA . 21.98 4.87 -9.18
PN NAD IA . 21.66 4.18 -7.79
O1N NAD IA . 22.05 2.75 -7.85
O2N NAD IA . 20.26 4.56 -7.46
O5D NAD IA . 22.60 4.96 -6.79
C5D NAD IA . 22.48 6.38 -6.61
C4D NAD IA . 23.51 6.84 -5.61
O4D NAD IA . 23.27 6.24 -4.32
C3D NAD IA . 24.95 6.48 -5.96
O3D NAD IA . 25.81 7.50 -5.46
C2D NAD IA . 25.16 5.18 -5.19
O2D NAD IA . 26.56 4.92 -5.03
C1D NAD IA . 24.40 5.52 -3.91
N1N NAD IA . 23.95 4.37 -3.09
C2N NAD IA . 23.70 4.61 -1.79
C3N NAD IA . 23.26 3.60 -0.97
C7N NAD IA . 22.97 3.84 0.50
O7N NAD IA . 22.84 2.88 1.27
N7N NAD IA . 23.02 5.10 0.94
C4N NAD IA . 23.04 2.34 -1.52
C5N NAD IA . 23.28 2.11 -2.86
C6N NAD IA . 23.75 3.15 -3.64
N9 ADE JA . 25.75 0.14 2.81
C8 ADE JA . 24.45 0.41 3.20
N7 ADE JA . 24.14 -0.08 4.38
C5 ADE JA . 25.31 -0.69 4.81
C6 ADE JA . 25.63 -1.42 5.99
N6 ADE JA . 24.78 -1.63 7.00
N1 ADE JA . 26.89 -1.90 6.09
C2 ADE JA . 27.74 -1.68 5.09
N3 ADE JA . 27.55 -1.04 3.93
C4 ADE JA . 26.31 -0.56 3.85
C1 GOL KA . 23.66 1.99 16.69
O1 GOL KA . 24.94 1.46 16.41
C2 GOL KA . 22.95 1.13 17.80
O2 GOL KA . 21.63 1.55 17.99
C3 GOL KA . 23.07 -0.40 17.32
O3 GOL KA . 22.42 -1.25 18.27
C4 R9V LA . 12.26 -36.09 -26.75
C5 R9V LA . 13.09 -35.72 -27.73
C6 R9V LA . 10.57 -35.55 -24.85
C7 R9V LA . 12.17 -35.89 -23.29
C8 R9V LA . 11.42 -36.99 -22.79
C9 R9V LA . 10.34 -36.64 -22.43
C10 R9V LA . 10.13 -35.25 -22.68
C11 R9V LA . 10.44 -34.32 -21.58
C12 R9V LA . 12.09 -34.46 -21.11
C13 R9V LA . 13.02 -35.11 -22.34
O R9V LA . 12.15 -35.37 -19.98
N R9V LA . 11.06 -35.19 -23.63
C3 R9V LA . 11.53 -35.11 -25.99
C2 R9V LA . 11.69 -33.78 -26.29
C1 R9V LA . 12.53 -33.41 -27.28
C R9V LA . 13.25 -34.37 -28.03
K K MA . 22.16 -2.09 9.98
P PO4 NA . 10.31 30.33 2.55
O1 PO4 NA . 11.62 30.67 1.88
O2 PO4 NA . 9.75 31.56 3.21
O3 PO4 NA . 10.53 29.29 3.60
O4 PO4 NA . 9.33 29.81 1.52
P PO4 OA . 26.07 0.10 -0.56
O1 PO4 OA . 27.01 0.88 0.34
O2 PO4 OA . 26.29 0.48 -2.00
O3 PO4 OA . 26.20 -1.42 -0.47
O4 PO4 OA . 24.66 0.42 -0.13
P PO4 PA . 19.43 -19.21 -20.64
O1 PO4 PA . 20.83 -18.90 -20.18
O2 PO4 PA . 19.42 -20.57 -21.31
O3 PO4 PA . 18.96 -18.15 -21.61
O4 PO4 PA . 18.51 -19.26 -19.46
P PO4 QA . 31.07 -15.57 16.32
O1 PO4 QA . 32.25 -16.08 15.51
O2 PO4 QA . 30.78 -14.14 15.94
O3 PO4 QA . 31.40 -15.58 17.80
O4 PO4 QA . 29.87 -16.45 16.09
#